data_3CK7
#
_entry.id   3CK7
#
_cell.length_a   60.100
_cell.length_b   163.300
_cell.length_c   123.120
_cell.angle_alpha   90.000
_cell.angle_beta   97.200
_cell.angle_gamma   90.000
#
_symmetry.space_group_name_H-M   'P 1 21 1'
#
loop_
_entity.id
_entity.type
_entity.pdbx_description
1 polymer SusD
2 branched Cyclohexakis-(1-4)-(alpha-D-glucopyranose)
3 non-polymer 'CALCIUM ION'
4 water water
#
_entity_poly.entity_id   1
_entity_poly.type   'polypeptide(L)'
_entity_poly.pdbx_seq_one_letter_code
;GINDLDISPIDPQTGGSFDQQGVFVKGYAMLGVTGQKGIDGSPDLDGQDEGESGFYRTTFNCNELPTDECLWAWQKNQDI
PQLTSISWSPSSQRTEWVYVRLGYDITQYNFFLDQTEGMTDAETLRQRAEIRFLRALHYWYFLDLFGKAPFKEHFSNDLP
VEKKGTELYTYIQNELNEIEADMYEPRQAPFGRADKAANWLLRARLYLNAGVYTGQTDYAKAEEYASKVIGSAYKLCTNY
SELFMADNDENENAMQEIILPIRQDGVKTRNYGGSTYLVCGTRVAGMPRMGTTNGWSCIFARAAMVQKFFSNLEDVPMLP
ADVEIPTKGLDTDEQIDAFDAEHGIRTEDMIKAAGDDRALLYSGVGGGRRKIQTDAISGFTDGLSIVKWQNYRSDGKPVS
HATYPDTDIPLFRLAEAYLTRAEAIFRQGGDATGDINELRKRANCTRKVQTVTEQELIDEWAREFYLEGRRRSDLVRFGM
FTTNKYLWDWKGGAMNGTSVASYYNKYPIPVSDINNNRNMSQNEGYK
;
_entity_poly.pdbx_strand_id   A,B,C,D
#
loop_
_chem_comp.id
_chem_comp.type
_chem_comp.name
_chem_comp.formula
CA non-polymer 'CALCIUM ION' 'Ca 2'
GLC D-saccharide, alpha linking alpha-D-glucopyranose 'C6 H12 O6'
#
# COMPACT_ATOMS: atom_id res chain seq x y z
N PHE A 18 -24.92 14.22 -45.93
CA PHE A 18 -25.70 13.85 -44.75
C PHE A 18 -25.45 12.40 -44.33
N ASP A 19 -24.81 12.23 -43.18
CA ASP A 19 -24.52 10.89 -42.68
C ASP A 19 -25.60 10.54 -41.64
N GLN A 20 -26.71 10.00 -42.12
CA GLN A 20 -27.84 9.61 -41.27
C GLN A 20 -27.42 8.85 -40.02
N GLN A 21 -26.65 7.79 -40.21
CA GLN A 21 -26.16 6.95 -39.11
C GLN A 21 -25.39 7.76 -38.09
N GLY A 22 -24.45 8.57 -38.57
CA GLY A 22 -23.62 9.38 -37.68
C GLY A 22 -24.37 10.47 -36.95
N VAL A 23 -25.32 11.10 -37.63
CA VAL A 23 -26.08 12.15 -36.99
C VAL A 23 -27.00 11.51 -35.95
N PHE A 24 -27.53 10.34 -36.29
CA PHE A 24 -28.41 9.63 -35.37
C PHE A 24 -27.64 9.36 -34.08
N VAL A 25 -26.44 8.80 -34.22
CA VAL A 25 -25.60 8.48 -33.08
C VAL A 25 -25.30 9.72 -32.25
N LYS A 26 -24.99 10.82 -32.90
CA LYS A 26 -24.68 12.05 -32.18
C LYS A 26 -25.88 12.54 -31.38
N GLY A 27 -27.08 12.26 -31.85
CA GLY A 27 -28.27 12.70 -31.14
C GLY A 27 -28.24 12.17 -29.72
N TYR A 28 -27.99 10.88 -29.59
CA TYR A 28 -27.92 10.23 -28.29
C TYR A 28 -26.69 10.71 -27.52
N ALA A 29 -25.57 10.83 -28.22
CA ALA A 29 -24.33 11.27 -27.59
C ALA A 29 -24.48 12.61 -26.87
N MET A 30 -25.33 13.48 -27.37
CA MET A 30 -25.52 14.79 -26.75
C MET A 30 -25.96 14.75 -25.29
N LEU A 31 -26.46 13.61 -24.85
CA LEU A 31 -26.88 13.46 -23.47
C LEU A 31 -25.68 13.32 -22.54
N GLY A 32 -24.59 12.75 -23.04
CA GLY A 32 -23.44 12.55 -22.18
C GLY A 32 -22.08 13.10 -22.57
N VAL A 33 -22.00 13.94 -23.60
CA VAL A 33 -20.71 14.51 -23.99
C VAL A 33 -20.84 15.97 -24.35
N THR A 34 -19.74 16.71 -24.21
CA THR A 34 -19.73 18.13 -24.51
C THR A 34 -18.78 18.41 -25.67
N ASP A 49 -17.57 27.93 -20.23
CA ASP A 49 -16.81 26.73 -19.90
C ASP A 49 -17.47 25.49 -20.51
N GLU A 50 -16.66 24.59 -21.06
CA GLU A 50 -17.20 23.39 -21.67
C GLU A 50 -17.71 22.39 -20.62
N GLY A 51 -16.88 22.11 -19.62
CA GLY A 51 -17.28 21.18 -18.59
C GLY A 51 -18.51 21.63 -17.82
N GLU A 52 -18.80 22.92 -17.88
CA GLU A 52 -19.94 23.49 -17.18
C GLU A 52 -21.27 23.46 -17.95
N SER A 53 -21.20 23.55 -19.27
CA SER A 53 -22.41 23.62 -20.09
C SER A 53 -23.04 22.34 -20.66
N GLY A 54 -22.61 21.17 -20.20
CA GLY A 54 -23.19 19.93 -20.72
C GLY A 54 -24.67 19.74 -20.45
N PHE A 55 -25.30 18.81 -21.15
CA PHE A 55 -26.73 18.55 -20.96
C PHE A 55 -27.07 18.11 -19.54
N TYR A 56 -26.42 17.05 -19.08
CA TYR A 56 -26.70 16.51 -17.76
C TYR A 56 -26.32 17.39 -16.58
N ARG A 57 -25.17 18.04 -16.65
CA ARG A 57 -24.74 18.89 -15.55
C ARG A 57 -25.61 20.12 -15.32
N THR A 58 -26.00 20.80 -16.41
CA THR A 58 -26.82 22.01 -16.28
C THR A 58 -28.23 21.70 -15.78
N THR A 59 -28.83 20.62 -16.29
CA THR A 59 -30.18 20.27 -15.84
C THR A 59 -30.08 19.79 -14.40
N PHE A 60 -29.09 18.95 -14.14
CA PHE A 60 -28.88 18.45 -12.79
C PHE A 60 -28.76 19.59 -11.78
N ASN A 61 -27.89 20.57 -12.06
CA ASN A 61 -27.71 21.67 -11.11
C ASN A 61 -28.96 22.49 -10.83
N CYS A 62 -29.73 22.81 -11.86
CA CYS A 62 -30.96 23.58 -11.68
C CYS A 62 -31.97 22.79 -10.85
N ASN A 63 -31.86 21.46 -10.86
CA ASN A 63 -32.80 20.62 -10.12
C ASN A 63 -32.25 20.05 -8.81
N GLU A 64 -30.99 20.35 -8.51
CA GLU A 64 -30.36 19.84 -7.28
C GLU A 64 -29.80 20.91 -6.34
N LEU A 65 -28.95 21.77 -6.85
CA LEU A 65 -28.31 22.80 -6.02
C LEU A 65 -29.20 23.69 -5.17
N PRO A 66 -30.45 23.94 -5.60
CA PRO A 66 -31.35 24.80 -4.79
C PRO A 66 -32.21 24.00 -3.81
N THR A 67 -32.12 22.67 -3.90
CA THR A 67 -32.96 21.80 -3.09
C THR A 67 -32.42 21.30 -1.76
N ASP A 68 -33.20 20.43 -1.12
CA ASP A 68 -32.84 19.85 0.17
C ASP A 68 -31.84 18.69 0.09
N GLU A 69 -31.47 18.26 -1.12
CA GLU A 69 -30.57 17.12 -1.24
C GLU A 69 -29.08 17.41 -1.13
N CYS A 70 -28.63 18.55 -1.67
CA CYS A 70 -27.20 18.85 -1.63
C CYS A 70 -26.80 20.32 -1.63
N LEU A 71 -25.49 20.53 -1.54
CA LEU A 71 -24.89 21.86 -1.56
C LEU A 71 -23.58 21.81 -2.34
N TRP A 72 -23.26 22.89 -3.05
CA TRP A 72 -22.01 22.96 -3.79
C TRP A 72 -21.05 23.64 -2.80
N ALA A 73 -19.97 22.95 -2.47
CA ALA A 73 -18.99 23.43 -1.50
C ALA A 73 -18.25 24.72 -1.78
N TRP A 74 -18.12 25.11 -3.04
CA TRP A 74 -17.38 26.33 -3.34
C TRP A 74 -18.31 27.47 -3.77
N GLN A 75 -18.90 28.11 -2.77
CA GLN A 75 -19.84 29.21 -2.98
C GLN A 75 -19.26 30.40 -3.73
N LYS A 76 -17.95 30.45 -3.89
CA LYS A 76 -17.30 31.55 -4.61
C LYS A 76 -17.49 31.37 -6.12
N ASN A 77 -17.82 30.16 -6.54
CA ASN A 77 -18.04 29.90 -7.96
C ASN A 77 -19.22 30.77 -8.40
N GLN A 78 -19.08 31.37 -9.57
CA GLN A 78 -20.11 32.26 -10.11
C GLN A 78 -21.52 31.66 -10.13
N ASP A 79 -22.47 32.45 -9.63
CA ASP A 79 -23.88 32.07 -9.62
C ASP A 79 -24.25 30.89 -8.70
N ILE A 80 -23.28 30.33 -7.99
CA ILE A 80 -23.57 29.22 -7.08
C ILE A 80 -24.43 29.69 -5.91
N PRO A 81 -24.11 30.85 -5.33
CA PRO A 81 -24.92 31.34 -4.20
C PRO A 81 -26.38 31.48 -4.61
N GLN A 82 -26.58 32.02 -5.80
CA GLN A 82 -27.91 32.25 -6.35
C GLN A 82 -28.73 30.95 -6.48
N LEU A 83 -28.12 29.94 -7.10
CA LEU A 83 -28.77 28.66 -7.27
C LEU A 83 -28.94 27.95 -5.94
N THR A 84 -27.98 28.15 -5.04
CA THR A 84 -28.03 27.52 -3.74
C THR A 84 -29.20 27.94 -2.88
N SER A 85 -29.48 29.24 -2.86
CA SER A 85 -30.57 29.77 -2.03
C SER A 85 -31.81 30.22 -2.78
N ILE A 86 -31.92 29.86 -4.05
CA ILE A 86 -33.09 30.23 -4.86
C ILE A 86 -33.22 31.75 -4.91
N SER A 87 -32.15 32.42 -5.33
CA SER A 87 -32.13 33.87 -5.42
C SER A 87 -31.49 34.36 -6.72
N TRP A 88 -31.62 33.57 -7.78
CA TRP A 88 -31.05 33.93 -9.08
C TRP A 88 -31.90 35.02 -9.75
N SER A 89 -31.44 35.51 -10.89
CA SER A 89 -32.17 36.53 -11.63
C SER A 89 -32.06 36.25 -13.12
N PRO A 90 -32.71 37.07 -13.97
CA PRO A 90 -32.67 36.86 -15.41
C PRO A 90 -31.26 36.87 -16.01
N SER A 91 -30.28 37.40 -15.28
CA SER A 91 -28.92 37.44 -15.80
C SER A 91 -28.11 36.22 -15.37
N SER A 92 -28.77 35.30 -14.66
CA SER A 92 -28.14 34.07 -14.17
C SER A 92 -27.39 33.33 -15.27
N GLN A 93 -26.13 33.03 -15.01
CA GLN A 93 -25.28 32.34 -15.96
C GLN A 93 -25.64 30.86 -16.09
N ARG A 94 -25.99 30.24 -14.97
CA ARG A 94 -26.34 28.82 -14.98
C ARG A 94 -27.71 28.58 -15.57
N THR A 95 -28.57 29.59 -15.53
CA THR A 95 -29.89 29.46 -16.11
C THR A 95 -29.71 29.56 -17.62
N GLU A 96 -28.84 30.47 -18.06
CA GLU A 96 -28.59 30.61 -19.49
C GLU A 96 -27.90 29.37 -20.05
N TRP A 97 -27.03 28.76 -19.24
CA TRP A 97 -26.34 27.54 -19.69
C TRP A 97 -27.32 26.43 -20.03
N VAL A 98 -28.16 26.03 -19.07
CA VAL A 98 -29.13 24.97 -19.32
C VAL A 98 -30.08 25.34 -20.45
N TYR A 99 -30.49 26.60 -20.47
CA TYR A 99 -31.40 27.11 -21.49
C TYR A 99 -30.78 26.98 -22.90
N VAL A 100 -29.58 27.52 -23.06
CA VAL A 100 -28.89 27.46 -24.35
C VAL A 100 -28.58 26.02 -24.79
N ARG A 101 -28.20 25.19 -23.83
CA ARG A 101 -27.88 23.80 -24.12
C ARG A 101 -29.09 23.00 -24.63
N LEU A 102 -30.21 23.12 -23.92
CA LEU A 102 -31.44 22.42 -24.31
C LEU A 102 -31.85 22.78 -25.73
N GLY A 103 -31.84 24.08 -26.03
CA GLY A 103 -32.21 24.52 -27.36
C GLY A 103 -31.24 24.03 -28.42
N TYR A 104 -29.95 24.02 -28.10
CA TYR A 104 -28.96 23.55 -29.04
C TYR A 104 -29.22 22.11 -29.41
N ASP A 105 -29.43 21.26 -28.41
CA ASP A 105 -29.69 19.85 -28.66
C ASP A 105 -30.90 19.68 -29.60
N ILE A 106 -31.97 20.43 -29.31
CA ILE A 106 -33.16 20.31 -30.14
C ILE A 106 -32.88 20.77 -31.58
N THR A 107 -32.05 21.79 -31.77
CA THR A 107 -31.75 22.23 -33.14
C THR A 107 -31.09 21.08 -33.88
N GLN A 108 -30.33 20.26 -33.17
CA GLN A 108 -29.65 19.14 -33.80
C GLN A 108 -30.64 18.02 -34.09
N TYR A 109 -31.66 17.88 -33.24
CA TYR A 109 -32.65 16.83 -33.49
C TYR A 109 -33.49 17.25 -34.68
N ASN A 110 -33.77 18.55 -34.77
CA ASN A 110 -34.56 19.11 -35.87
C ASN A 110 -33.85 18.91 -37.20
N PHE A 111 -32.52 18.91 -37.17
CA PHE A 111 -31.74 18.73 -38.38
C PHE A 111 -31.91 17.31 -38.89
N PHE A 112 -31.75 16.33 -38.00
CA PHE A 112 -31.90 14.95 -38.40
C PHE A 112 -33.31 14.70 -38.91
N LEU A 113 -34.29 15.32 -38.26
CA LEU A 113 -35.68 15.14 -38.65
C LEU A 113 -36.00 15.74 -40.02
N ASP A 114 -35.42 16.90 -40.32
CA ASP A 114 -35.66 17.51 -41.61
C ASP A 114 -34.97 16.72 -42.72
N GLN A 115 -33.84 16.11 -42.40
CA GLN A 115 -33.07 15.34 -43.38
C GLN A 115 -33.63 13.95 -43.67
N THR A 116 -34.53 13.47 -42.82
CA THR A 116 -35.12 12.15 -43.02
C THR A 116 -36.62 12.25 -43.17
N GLU A 117 -37.11 13.47 -43.35
CA GLU A 117 -38.54 13.72 -43.49
C GLU A 117 -39.15 13.02 -44.69
N GLY A 118 -40.33 12.43 -44.48
CA GLY A 118 -41.02 11.74 -45.56
C GLY A 118 -40.60 10.29 -45.74
N MET A 119 -39.41 9.94 -45.28
CA MET A 119 -38.92 8.57 -45.42
C MET A 119 -39.79 7.62 -44.61
N THR A 120 -39.99 6.41 -45.12
CA THR A 120 -40.87 5.47 -44.45
C THR A 120 -40.34 4.07 -44.18
N ASP A 121 -39.05 3.82 -44.37
CA ASP A 121 -38.55 2.47 -44.09
C ASP A 121 -38.61 2.21 -42.58
N ALA A 122 -38.75 0.95 -42.21
CA ALA A 122 -38.86 0.58 -40.81
C ALA A 122 -37.76 1.15 -39.89
N GLU A 123 -36.50 0.90 -40.24
CA GLU A 123 -35.40 1.38 -39.41
C GLU A 123 -35.32 2.90 -39.30
N THR A 124 -35.53 3.61 -40.40
CA THR A 124 -35.47 5.07 -40.37
C THR A 124 -36.60 5.65 -39.54
N LEU A 125 -37.78 5.03 -39.61
CA LEU A 125 -38.92 5.50 -38.82
C LEU A 125 -38.57 5.33 -37.34
N ARG A 126 -37.96 4.20 -37.02
CA ARG A 126 -37.55 3.90 -35.65
C ARG A 126 -36.57 4.96 -35.19
N GLN A 127 -35.65 5.34 -36.07
CA GLN A 127 -34.66 6.36 -35.73
C GLN A 127 -35.33 7.71 -35.50
N ARG A 128 -36.32 8.05 -36.32
CA ARG A 128 -37.02 9.32 -36.17
C ARG A 128 -37.81 9.33 -34.86
N ALA A 129 -38.40 8.19 -34.51
CA ALA A 129 -39.17 8.10 -33.28
C ALA A 129 -38.25 8.33 -32.07
N GLU A 130 -37.08 7.70 -32.10
CA GLU A 130 -36.14 7.86 -31.01
C GLU A 130 -35.58 9.27 -30.91
N ILE A 131 -35.39 9.94 -32.05
CA ILE A 131 -34.89 11.30 -32.05
C ILE A 131 -36.00 12.23 -31.55
N ARG A 132 -37.24 11.96 -31.99
CA ARG A 132 -38.37 12.75 -31.56
C ARG A 132 -38.62 12.53 -30.07
N PHE A 133 -38.23 11.36 -29.56
CA PHE A 133 -38.40 11.08 -28.14
C PHE A 133 -37.39 11.94 -27.36
N LEU A 134 -36.18 12.04 -27.89
CA LEU A 134 -35.14 12.83 -27.25
C LEU A 134 -35.51 14.32 -27.26
N ARG A 135 -36.12 14.77 -28.34
CA ARG A 135 -36.55 16.16 -28.45
C ARG A 135 -37.68 16.42 -27.45
N ALA A 136 -38.61 15.46 -27.37
CA ALA A 136 -39.72 15.59 -26.44
C ALA A 136 -39.15 15.69 -25.02
N LEU A 137 -38.15 14.88 -24.72
CA LEU A 137 -37.52 14.90 -23.41
C LEU A 137 -36.92 16.28 -23.16
N HIS A 138 -36.30 16.87 -24.17
CA HIS A 138 -35.72 18.19 -24.01
C HIS A 138 -36.80 19.25 -23.79
N TYR A 139 -37.90 19.15 -24.53
CA TYR A 139 -38.98 20.10 -24.36
C TYR A 139 -39.59 19.95 -22.96
N TRP A 140 -39.53 18.75 -22.41
CA TRP A 140 -40.06 18.54 -21.07
C TRP A 140 -39.22 19.34 -20.08
N TYR A 141 -37.91 19.36 -20.30
CA TYR A 141 -37.03 20.09 -19.41
C TYR A 141 -37.39 21.58 -19.46
N PHE A 142 -37.58 22.11 -20.67
CA PHE A 142 -37.96 23.50 -20.85
C PHE A 142 -39.26 23.75 -20.08
N LEU A 143 -40.26 22.93 -20.37
CA LEU A 143 -41.56 23.07 -19.70
C LEU A 143 -41.42 23.00 -18.20
N ASP A 144 -40.71 22.00 -17.70
CA ASP A 144 -40.55 21.86 -16.26
C ASP A 144 -39.72 22.96 -15.60
N LEU A 145 -38.71 23.46 -16.33
CA LEU A 145 -37.84 24.48 -15.78
C LEU A 145 -38.33 25.91 -15.96
N PHE A 146 -38.83 26.21 -17.16
CA PHE A 146 -39.28 27.55 -17.49
C PHE A 146 -40.78 27.70 -17.69
N GLY A 147 -41.47 26.57 -17.82
CA GLY A 147 -42.91 26.63 -18.03
C GLY A 147 -43.24 26.99 -19.46
N LYS A 148 -42.21 27.18 -20.28
CA LYS A 148 -42.37 27.53 -21.69
C LYS A 148 -41.09 27.20 -22.42
N ALA A 149 -41.06 27.40 -23.74
CA ALA A 149 -39.87 27.10 -24.51
C ALA A 149 -39.79 27.84 -25.84
N PRO A 150 -38.56 28.12 -26.31
CA PRO A 150 -38.42 28.81 -27.59
C PRO A 150 -38.69 27.69 -28.60
N PHE A 151 -39.91 27.62 -29.10
CA PHE A 151 -40.28 26.54 -30.03
C PHE A 151 -39.91 26.65 -31.49
N LYS A 152 -39.45 25.52 -32.02
CA LYS A 152 -39.07 25.41 -33.42
C LYS A 152 -39.17 23.93 -33.79
N GLU A 153 -39.94 23.66 -34.85
CA GLU A 153 -40.15 22.29 -35.31
C GLU A 153 -39.09 21.82 -36.30
N HIS A 154 -38.55 22.76 -37.06
CA HIS A 154 -37.55 22.44 -38.07
C HIS A 154 -36.21 23.16 -37.88
N PHE A 155 -35.23 22.72 -38.65
CA PHE A 155 -33.90 23.32 -38.60
C PHE A 155 -33.79 24.43 -39.63
N SER A 156 -33.80 25.69 -39.17
CA SER A 156 -33.69 26.83 -40.08
C SER A 156 -33.05 28.00 -39.32
N ASN A 157 -33.15 29.20 -39.88
CA ASN A 157 -32.57 30.37 -39.24
C ASN A 157 -33.60 31.29 -38.59
N ASP A 158 -34.87 31.01 -38.82
CA ASP A 158 -35.94 31.83 -38.25
C ASP A 158 -35.84 31.88 -36.73
N LEU A 159 -36.47 32.89 -36.13
CA LEU A 159 -36.46 33.03 -34.68
C LEU A 159 -37.49 32.05 -34.10
N PRO A 160 -37.10 31.31 -33.06
CA PRO A 160 -38.03 30.36 -32.45
C PRO A 160 -39.23 31.15 -31.92
N VAL A 161 -40.39 30.52 -31.87
CA VAL A 161 -41.57 31.20 -31.36
C VAL A 161 -41.92 30.53 -30.04
N GLU A 162 -42.39 31.32 -29.09
CA GLU A 162 -42.71 30.81 -27.76
C GLU A 162 -43.89 29.84 -27.72
N LYS A 163 -43.69 28.70 -27.06
CA LYS A 163 -44.75 27.72 -26.85
C LYS A 163 -44.74 27.48 -25.34
N LYS A 164 -45.79 27.91 -24.65
CA LYS A 164 -45.84 27.76 -23.21
C LYS A 164 -46.98 26.93 -22.64
N GLY A 165 -46.83 26.60 -21.36
CA GLY A 165 -47.82 25.83 -20.63
C GLY A 165 -48.53 24.71 -21.35
N THR A 166 -49.85 24.76 -21.31
CA THR A 166 -50.71 23.76 -21.90
C THR A 166 -50.35 23.45 -23.35
N GLU A 167 -50.10 24.48 -24.15
CA GLU A 167 -49.74 24.29 -25.55
C GLU A 167 -48.49 23.43 -25.70
N LEU A 168 -47.48 23.73 -24.88
CA LEU A 168 -46.22 23.01 -24.91
C LEU A 168 -46.43 21.59 -24.40
N TYR A 169 -47.15 21.49 -23.28
CA TYR A 169 -47.47 20.21 -22.67
C TYR A 169 -48.11 19.28 -23.71
N THR A 170 -49.16 19.77 -24.37
CA THR A 170 -49.87 18.96 -25.36
C THR A 170 -48.99 18.56 -26.53
N TYR A 171 -48.09 19.45 -26.93
CA TYR A 171 -47.19 19.13 -28.02
C TYR A 171 -46.31 17.93 -27.65
N ILE A 172 -45.72 17.97 -26.46
CA ILE A 172 -44.87 16.87 -26.01
C ILE A 172 -45.66 15.58 -25.94
N GLN A 173 -46.85 15.62 -25.33
CA GLN A 173 -47.70 14.44 -25.23
C GLN A 173 -48.06 13.89 -26.60
N ASN A 174 -48.39 14.77 -27.55
CA ASN A 174 -48.73 14.32 -28.89
C ASN A 174 -47.56 13.62 -29.57
N GLU A 175 -46.37 14.22 -29.47
CA GLU A 175 -45.19 13.63 -30.07
C GLU A 175 -44.99 12.19 -29.58
N LEU A 176 -45.03 12.02 -28.27
CA LEU A 176 -44.83 10.70 -27.70
C LEU A 176 -45.92 9.73 -28.14
N ASN A 177 -47.15 10.22 -28.21
CA ASN A 177 -48.27 9.38 -28.62
C ASN A 177 -48.11 8.91 -30.08
N GLU A 178 -47.62 9.79 -30.95
CA GLU A 178 -47.45 9.45 -32.36
C GLU A 178 -46.32 8.47 -32.68
N ILE A 179 -45.17 8.68 -32.07
CA ILE A 179 -43.99 7.86 -32.33
C ILE A 179 -43.96 6.48 -31.66
N GLU A 180 -44.83 6.27 -30.68
CA GLU A 180 -44.86 5.00 -29.96
C GLU A 180 -44.79 3.74 -30.83
N ALA A 181 -45.68 3.64 -31.81
CA ALA A 181 -45.72 2.44 -32.66
C ALA A 181 -44.44 2.18 -33.46
N ASP A 182 -43.68 3.22 -33.74
CA ASP A 182 -42.44 3.07 -34.51
C ASP A 182 -41.23 2.71 -33.66
N MET A 183 -41.41 2.60 -32.34
CA MET A 183 -40.31 2.29 -31.44
C MET A 183 -40.16 0.79 -31.12
N TYR A 184 -38.99 0.44 -30.59
CA TYR A 184 -38.70 -0.94 -30.21
C TYR A 184 -39.63 -1.32 -29.05
N GLU A 185 -39.85 -2.63 -28.89
CA GLU A 185 -40.67 -3.11 -27.78
C GLU A 185 -39.77 -2.99 -26.56
N PRO A 186 -40.36 -2.98 -25.35
CA PRO A 186 -39.56 -2.88 -24.12
C PRO A 186 -38.42 -3.89 -24.10
N ARG A 187 -37.21 -3.40 -23.82
CA ARG A 187 -35.99 -4.22 -23.75
C ARG A 187 -35.59 -4.94 -25.05
N GLN A 188 -36.17 -4.51 -26.16
CA GLN A 188 -35.85 -5.11 -27.45
C GLN A 188 -34.90 -4.24 -28.26
N ALA A 189 -34.63 -3.04 -27.76
CA ALA A 189 -33.72 -2.12 -28.44
C ALA A 189 -32.30 -2.31 -27.94
N PRO A 190 -31.30 -1.96 -28.76
CA PRO A 190 -29.90 -2.10 -28.36
C PRO A 190 -29.69 -1.23 -27.12
N PHE A 191 -28.99 -1.75 -26.11
CA PHE A 191 -28.78 -0.98 -24.88
C PHE A 191 -28.26 0.42 -25.17
N GLY A 192 -29.00 1.43 -24.70
CA GLY A 192 -28.60 2.80 -24.93
C GLY A 192 -29.69 3.53 -25.68
N ARG A 193 -30.45 2.79 -26.47
CA ARG A 193 -31.53 3.39 -27.25
C ARG A 193 -32.88 3.30 -26.50
N ALA A 194 -33.72 4.29 -26.75
CA ALA A 194 -35.03 4.38 -26.10
C ALA A 194 -36.09 3.50 -26.75
N ASP A 195 -36.90 2.84 -25.91
CA ASP A 195 -37.98 1.98 -26.39
C ASP A 195 -39.33 2.48 -25.90
N LYS A 196 -40.40 1.76 -26.25
CA LYS A 196 -41.76 2.14 -25.86
C LYS A 196 -41.92 2.50 -24.38
N ALA A 197 -41.27 1.73 -23.52
CA ALA A 197 -41.35 1.99 -22.08
C ALA A 197 -40.79 3.38 -21.78
N ALA A 198 -39.67 3.73 -22.41
CA ALA A 198 -39.07 5.05 -22.18
C ALA A 198 -40.13 6.07 -22.54
N ASN A 199 -40.82 5.80 -23.65
CA ASN A 199 -41.89 6.67 -24.13
C ASN A 199 -42.97 6.79 -23.05
N TRP A 200 -43.48 5.66 -22.60
CA TRP A 200 -44.54 5.65 -21.58
C TRP A 200 -44.14 6.31 -20.26
N LEU A 201 -42.90 6.11 -19.83
CA LEU A 201 -42.47 6.68 -18.55
C LEU A 201 -42.48 8.20 -18.61
N LEU A 202 -42.04 8.77 -19.72
CA LEU A 202 -42.01 10.22 -19.84
C LEU A 202 -43.45 10.74 -19.82
N ARG A 203 -44.36 10.03 -20.49
CA ARG A 203 -45.75 10.43 -20.51
C ARG A 203 -46.33 10.37 -19.10
N ALA A 204 -45.96 9.34 -18.33
CA ALA A 204 -46.45 9.22 -16.96
C ALA A 204 -45.99 10.44 -16.15
N ARG A 205 -44.72 10.80 -16.31
CA ARG A 205 -44.13 11.94 -15.61
C ARG A 205 -44.85 13.24 -15.99
N LEU A 206 -45.15 13.39 -17.28
CA LEU A 206 -45.87 14.57 -17.76
C LEU A 206 -47.27 14.62 -17.16
N TYR A 207 -47.96 13.49 -17.21
CA TYR A 207 -49.30 13.41 -16.65
C TYR A 207 -49.27 13.70 -15.15
N LEU A 208 -48.24 13.18 -14.45
CA LEU A 208 -48.12 13.40 -13.02
C LEU A 208 -48.00 14.89 -12.71
N ASN A 209 -47.35 15.62 -13.61
CA ASN A 209 -47.15 17.05 -13.43
C ASN A 209 -48.16 17.93 -14.16
N ALA A 210 -49.16 17.31 -14.79
CA ALA A 210 -50.18 18.05 -15.54
C ALA A 210 -50.77 19.23 -14.76
N GLY A 211 -51.04 19.02 -13.47
CA GLY A 211 -51.58 20.11 -12.68
C GLY A 211 -50.70 21.35 -12.73
N VAL A 212 -49.39 21.13 -12.64
CA VAL A 212 -48.43 22.22 -12.65
C VAL A 212 -48.29 22.87 -14.02
N TYR A 213 -48.20 22.05 -15.06
CA TYR A 213 -48.02 22.55 -16.42
C TYR A 213 -49.27 23.03 -17.15
N THR A 214 -50.43 22.50 -16.79
CA THR A 214 -51.66 22.88 -17.46
C THR A 214 -52.69 23.44 -16.48
N GLY A 215 -52.39 23.34 -15.18
CA GLY A 215 -53.32 23.82 -14.18
C GLY A 215 -54.46 22.84 -13.98
N GLN A 216 -54.37 21.71 -14.65
CA GLN A 216 -55.40 20.68 -14.57
C GLN A 216 -54.74 19.32 -14.38
N THR A 217 -54.93 18.73 -13.21
CA THR A 217 -54.33 17.44 -12.89
C THR A 217 -54.88 16.32 -13.76
N ASP A 218 -54.09 15.26 -13.92
CA ASP A 218 -54.51 14.13 -14.73
C ASP A 218 -53.88 12.87 -14.13
N TYR A 219 -54.11 12.67 -12.84
CA TYR A 219 -53.56 11.53 -12.14
C TYR A 219 -53.99 10.16 -12.64
N ALA A 220 -55.13 10.09 -13.32
CA ALA A 220 -55.60 8.81 -13.86
C ALA A 220 -54.63 8.37 -14.94
N LYS A 221 -54.30 9.29 -15.85
CA LYS A 221 -53.38 9.00 -16.94
C LYS A 221 -51.99 8.67 -16.41
N ALA A 222 -51.56 9.40 -15.37
CA ALA A 222 -50.24 9.14 -14.78
C ALA A 222 -50.20 7.69 -14.29
N GLU A 223 -51.28 7.26 -13.64
CA GLU A 223 -51.36 5.89 -13.15
C GLU A 223 -51.31 4.91 -14.31
N GLU A 224 -52.14 5.15 -15.32
CA GLU A 224 -52.22 4.28 -16.47
C GLU A 224 -50.88 4.02 -17.14
N TYR A 225 -50.22 5.10 -17.58
CA TYR A 225 -48.93 4.94 -18.23
C TYR A 225 -47.88 4.39 -17.27
N ALA A 226 -47.97 4.74 -15.99
CA ALA A 226 -47.03 4.20 -15.03
C ALA A 226 -47.25 2.67 -15.02
N SER A 227 -48.51 2.24 -15.08
CA SER A 227 -48.82 0.81 -15.08
C SER A 227 -48.34 0.12 -16.34
N LYS A 228 -48.31 0.85 -17.45
CA LYS A 228 -47.84 0.29 -18.72
C LYS A 228 -46.33 0.00 -18.60
N VAL A 229 -45.61 0.87 -17.90
CA VAL A 229 -44.18 0.65 -17.73
C VAL A 229 -43.97 -0.51 -16.76
N ILE A 230 -44.71 -0.52 -15.65
CA ILE A 230 -44.57 -1.59 -14.67
C ILE A 230 -44.96 -2.93 -15.30
N GLY A 231 -45.86 -2.87 -16.28
CA GLY A 231 -46.28 -4.09 -16.96
C GLY A 231 -45.32 -4.54 -18.04
N SER A 232 -44.26 -3.78 -18.29
CA SER A 232 -43.29 -4.13 -19.32
C SER A 232 -42.23 -5.11 -18.83
N ALA A 233 -41.34 -5.51 -19.74
CA ALA A 233 -40.28 -6.45 -19.45
C ALA A 233 -39.31 -5.98 -18.37
N TYR A 234 -39.20 -4.68 -18.18
CA TYR A 234 -38.31 -4.14 -17.17
C TYR A 234 -38.68 -4.65 -15.78
N LYS A 235 -37.66 -4.80 -14.93
CA LYS A 235 -37.85 -5.29 -13.56
C LYS A 235 -36.90 -4.57 -12.62
N LEU A 236 -37.24 -4.53 -11.33
CA LEU A 236 -36.40 -3.87 -10.34
C LEU A 236 -35.09 -4.59 -10.02
N CYS A 237 -34.00 -3.83 -10.01
CA CYS A 237 -32.69 -4.41 -9.68
C CYS A 237 -32.76 -4.84 -8.22
N THR A 238 -32.34 -6.06 -7.91
CA THR A 238 -32.39 -6.55 -6.53
C THR A 238 -31.40 -5.92 -5.56
N ASN A 239 -30.46 -5.14 -6.08
CA ASN A 239 -29.45 -4.50 -5.24
C ASN A 239 -29.33 -3.05 -5.69
N TYR A 240 -29.95 -2.14 -4.92
CA TYR A 240 -29.97 -0.73 -5.26
C TYR A 240 -28.64 -0.11 -5.73
N SER A 241 -27.59 -0.28 -4.93
CA SER A 241 -26.29 0.28 -5.26
C SER A 241 -25.75 -0.13 -6.64
N GLU A 242 -26.05 -1.37 -7.04
CA GLU A 242 -25.57 -1.87 -8.33
C GLU A 242 -26.04 -1.03 -9.52
N LEU A 243 -27.12 -0.28 -9.34
CA LEU A 243 -27.66 0.59 -10.39
C LEU A 243 -26.73 1.75 -10.70
N PHE A 244 -25.89 2.12 -9.73
CA PHE A 244 -24.99 3.25 -9.90
C PHE A 244 -23.53 2.85 -9.86
N MET A 245 -23.25 1.64 -10.35
CA MET A 245 -21.88 1.13 -10.38
C MET A 245 -21.30 1.10 -11.79
N ALA A 246 -19.98 1.01 -11.85
CA ALA A 246 -19.23 1.02 -13.11
C ALA A 246 -19.65 -0.01 -14.15
N ASP A 247 -20.23 -1.13 -13.73
CA ASP A 247 -20.64 -2.14 -14.70
C ASP A 247 -22.14 -2.21 -14.91
N ASN A 248 -22.85 -1.10 -14.66
CA ASN A 248 -24.29 -1.10 -14.83
C ASN A 248 -24.74 -1.26 -16.27
N ASP A 249 -23.80 -1.28 -17.20
CA ASP A 249 -24.15 -1.46 -18.61
C ASP A 249 -23.91 -2.91 -19.04
N GLU A 250 -23.39 -3.71 -18.13
CA GLU A 250 -23.10 -5.12 -18.39
C GLU A 250 -23.78 -6.02 -17.36
N ASN A 251 -24.08 -5.45 -16.20
CA ASN A 251 -24.72 -6.22 -15.12
C ASN A 251 -26.22 -6.29 -15.36
N GLU A 252 -26.69 -7.48 -15.69
CA GLU A 252 -28.11 -7.70 -15.98
C GLU A 252 -29.04 -7.29 -14.84
N ASN A 253 -28.61 -7.51 -13.60
CA ASN A 253 -29.43 -7.17 -12.45
C ASN A 253 -29.76 -5.67 -12.46
N ALA A 254 -28.84 -4.87 -12.99
CA ALA A 254 -29.03 -3.43 -13.06
C ALA A 254 -29.69 -3.01 -14.38
N MET A 255 -29.26 -3.62 -15.47
CA MET A 255 -29.78 -3.31 -16.80
C MET A 255 -31.28 -3.51 -16.92
N GLN A 256 -31.80 -4.56 -16.27
CA GLN A 256 -33.22 -4.87 -16.31
C GLN A 256 -34.10 -3.74 -15.79
N GLU A 257 -33.51 -2.82 -15.03
CA GLU A 257 -34.26 -1.69 -14.50
C GLU A 257 -33.97 -0.38 -15.22
N ILE A 258 -32.82 -0.32 -15.91
CA ILE A 258 -32.41 0.90 -16.61
C ILE A 258 -33.09 1.06 -17.97
N ILE A 259 -34.14 1.89 -17.98
CA ILE A 259 -34.93 2.17 -19.17
C ILE A 259 -34.27 3.11 -20.18
N LEU A 260 -33.43 4.02 -19.69
CA LEU A 260 -32.72 4.94 -20.58
C LEU A 260 -31.38 5.31 -19.97
N PRO A 261 -30.30 4.69 -20.46
CA PRO A 261 -28.99 4.99 -19.92
C PRO A 261 -28.26 6.02 -20.76
N ILE A 262 -27.44 6.85 -20.10
CA ILE A 262 -26.59 7.82 -20.79
C ILE A 262 -25.25 7.12 -20.66
N ARG A 263 -24.76 6.58 -21.78
CA ARG A 263 -23.49 5.86 -21.78
C ARG A 263 -22.30 6.73 -21.40
N GLN A 264 -21.43 6.17 -20.58
CA GLN A 264 -20.22 6.85 -20.13
C GLN A 264 -19.12 5.82 -20.17
N ASP A 265 -17.89 6.25 -20.34
CA ASP A 265 -16.76 5.31 -20.38
C ASP A 265 -15.48 6.02 -19.98
N GLY A 266 -14.77 5.41 -19.03
CA GLY A 266 -13.53 6.00 -18.53
C GLY A 266 -12.55 6.50 -19.58
N VAL A 267 -12.38 5.75 -20.66
CA VAL A 267 -11.44 6.16 -21.69
C VAL A 267 -12.08 6.84 -22.89
N LYS A 268 -13.18 6.29 -23.40
CA LYS A 268 -13.84 6.82 -24.58
C LYS A 268 -14.85 7.95 -24.38
N THR A 269 -15.84 7.75 -23.52
CA THR A 269 -16.85 8.77 -23.29
C THR A 269 -16.63 9.55 -22.02
N ARG A 270 -15.87 10.64 -22.13
CA ARG A 270 -15.56 11.49 -20.97
C ARG A 270 -16.32 12.82 -20.99
N ASN A 271 -16.73 13.24 -19.79
CA ASN A 271 -17.46 14.48 -19.62
C ASN A 271 -17.31 14.92 -18.16
N TYR A 272 -16.77 16.11 -17.94
CA TYR A 272 -16.58 16.63 -16.60
C TYR A 272 -17.93 16.79 -15.93
N GLY A 273 -18.98 16.83 -16.74
CA GLY A 273 -20.33 16.96 -16.23
C GLY A 273 -21.14 15.68 -16.35
N GLY A 274 -20.48 14.58 -16.67
CA GLY A 274 -21.19 13.31 -16.79
C GLY A 274 -21.09 12.57 -15.47
N SER A 275 -20.83 11.27 -15.52
CA SER A 275 -20.70 10.49 -14.29
C SER A 275 -19.44 10.94 -13.55
N THR A 276 -18.52 11.55 -14.30
CA THR A 276 -17.28 12.07 -13.71
C THR A 276 -17.69 13.09 -12.63
N TYR A 277 -18.72 13.86 -12.94
CA TYR A 277 -19.26 14.86 -12.03
C TYR A 277 -19.82 14.22 -10.75
N LEU A 278 -20.60 13.15 -10.93
CA LEU A 278 -21.24 12.45 -9.82
C LEU A 278 -20.28 11.68 -8.89
N VAL A 279 -19.16 11.23 -9.43
CA VAL A 279 -18.19 10.49 -8.62
C VAL A 279 -17.09 11.39 -8.08
N CYS A 280 -16.36 12.04 -8.98
CA CYS A 280 -15.27 12.93 -8.56
C CYS A 280 -15.78 14.09 -7.74
N GLY A 281 -16.95 14.63 -8.11
CA GLY A 281 -17.48 15.76 -7.39
C GLY A 281 -17.91 15.45 -5.97
N THR A 282 -18.17 14.19 -5.68
CA THR A 282 -18.62 13.80 -4.35
C THR A 282 -17.56 13.18 -3.46
N ARG A 283 -16.32 13.13 -3.94
CA ARG A 283 -15.25 12.55 -3.15
C ARG A 283 -14.16 13.57 -2.84
N VAL A 284 -13.30 13.21 -1.89
CA VAL A 284 -12.16 14.04 -1.51
C VAL A 284 -11.05 13.08 -1.07
N ALA A 285 -9.81 13.50 -1.23
CA ALA A 285 -8.68 12.65 -0.84
C ALA A 285 -8.88 12.23 0.61
N GLY A 286 -8.56 10.97 0.92
CA GLY A 286 -8.71 10.49 2.29
C GLY A 286 -9.89 9.55 2.48
N MET A 287 -10.90 9.66 1.62
CA MET A 287 -12.07 8.78 1.72
C MET A 287 -11.71 7.38 1.25
N PRO A 288 -12.30 6.35 1.88
CA PRO A 288 -12.02 4.97 1.48
C PRO A 288 -12.65 4.61 0.12
N ARG A 289 -11.92 3.86 -0.70
CA ARG A 289 -12.41 3.44 -2.02
C ARG A 289 -13.05 4.57 -2.81
N MET A 290 -12.25 5.58 -3.16
CA MET A 290 -12.74 6.73 -3.91
C MET A 290 -13.22 6.38 -5.31
N GLY A 291 -12.57 5.39 -5.92
CA GLY A 291 -12.91 4.96 -7.26
C GLY A 291 -12.32 5.87 -8.32
N THR A 292 -11.52 6.83 -7.88
CA THR A 292 -10.90 7.77 -8.80
C THR A 292 -9.70 8.41 -8.11
N THR A 293 -8.80 8.98 -8.91
CA THR A 293 -7.62 9.64 -8.38
C THR A 293 -7.90 11.09 -8.02
N ASN A 294 -8.97 11.64 -8.60
CA ASN A 294 -9.34 13.03 -8.37
C ASN A 294 -10.64 13.25 -7.61
N GLY A 295 -10.52 13.72 -6.37
CA GLY A 295 -11.70 14.01 -5.57
C GLY A 295 -11.84 15.52 -5.53
N TRP A 296 -12.86 16.06 -6.21
CA TRP A 296 -13.08 17.50 -6.28
C TRP A 296 -13.67 18.12 -5.02
N SER A 297 -14.19 17.28 -4.13
CA SER A 297 -14.80 17.75 -2.90
C SER A 297 -15.74 18.92 -3.15
N CYS A 298 -16.72 18.71 -4.01
CA CYS A 298 -17.68 19.76 -4.34
C CYS A 298 -19.09 19.55 -3.82
N ILE A 299 -19.63 18.35 -4.00
CA ILE A 299 -21.00 18.07 -3.61
C ILE A 299 -21.18 17.20 -2.37
N PHE A 300 -21.90 17.72 -1.38
CA PHE A 300 -22.19 16.97 -0.17
C PHE A 300 -23.67 17.13 0.14
N ALA A 301 -24.17 16.38 1.13
CA ALA A 301 -25.59 16.43 1.48
C ALA A 301 -25.95 17.48 2.52
N ARG A 302 -27.17 18.00 2.41
CA ARG A 302 -27.64 18.97 3.40
C ARG A 302 -28.17 18.11 4.55
N ALA A 303 -28.36 18.72 5.71
CA ALA A 303 -28.87 17.98 6.87
C ALA A 303 -30.23 17.37 6.56
N ALA A 304 -31.06 18.10 5.82
CA ALA A 304 -32.40 17.63 5.49
C ALA A 304 -32.38 16.37 4.63
N MET A 305 -31.30 16.17 3.85
CA MET A 305 -31.18 14.98 3.01
C MET A 305 -30.89 13.79 3.90
N VAL A 306 -30.04 14.02 4.90
CA VAL A 306 -29.67 12.98 5.85
C VAL A 306 -30.90 12.58 6.66
N GLN A 307 -31.71 13.59 6.99
CA GLN A 307 -32.92 13.36 7.77
C GLN A 307 -33.90 12.46 7.05
N LYS A 308 -33.77 12.38 5.73
CA LYS A 308 -34.66 11.53 4.93
C LYS A 308 -34.47 10.07 5.35
N PHE A 309 -33.28 9.74 5.87
CA PHE A 309 -33.00 8.38 6.32
C PHE A 309 -33.01 8.28 7.85
N PHE A 310 -32.90 9.43 8.51
CA PHE A 310 -32.92 9.47 9.97
C PHE A 310 -33.83 10.60 10.45
N SER A 311 -35.06 10.27 10.83
CA SER A 311 -36.00 11.29 11.30
C SER A 311 -35.36 12.07 12.43
N ASN A 312 -34.72 11.35 13.34
CA ASN A 312 -34.02 11.99 14.43
C ASN A 312 -32.55 12.01 14.03
N LEU A 313 -32.03 13.18 13.68
CA LEU A 313 -30.64 13.31 13.26
C LEU A 313 -29.64 12.82 14.31
N GLU A 314 -30.11 12.62 15.54
CA GLU A 314 -29.25 12.12 16.61
C GLU A 314 -28.99 10.63 16.41
N ASP A 315 -29.78 9.99 15.55
CA ASP A 315 -29.60 8.57 15.30
C ASP A 315 -28.54 8.32 14.23
N VAL A 316 -28.05 9.40 13.64
CA VAL A 316 -27.02 9.29 12.59
C VAL A 316 -25.67 8.90 13.16
N PRO A 317 -25.09 7.81 12.67
CA PRO A 317 -23.78 7.40 13.17
C PRO A 317 -22.76 8.52 12.93
N MET A 318 -22.09 8.96 14.00
CA MET A 318 -21.11 10.03 13.93
C MET A 318 -19.97 9.79 14.91
N LEU A 319 -18.77 10.26 14.54
CA LEU A 319 -17.61 10.12 15.41
C LEU A 319 -17.82 11.05 16.59
N PRO A 320 -17.64 10.56 17.82
CA PRO A 320 -17.84 11.43 18.99
C PRO A 320 -16.92 12.66 18.93
N ALA A 321 -17.42 13.79 19.40
CA ALA A 321 -16.65 15.02 19.42
C ALA A 321 -15.35 14.85 20.19
N ASP A 322 -15.38 14.07 21.27
CA ASP A 322 -14.18 13.89 22.09
C ASP A 322 -13.23 12.78 21.65
N VAL A 323 -13.42 12.25 20.45
CA VAL A 323 -12.52 11.22 19.93
C VAL A 323 -11.68 11.90 18.85
N GLU A 324 -10.38 11.98 19.09
CA GLU A 324 -9.48 12.63 18.15
C GLU A 324 -9.20 11.81 16.90
N ILE A 325 -9.09 12.52 15.78
CA ILE A 325 -8.80 11.89 14.50
C ILE A 325 -7.28 11.92 14.31
N PRO A 326 -6.64 10.74 14.25
CA PRO A 326 -5.19 10.64 14.07
C PRO A 326 -4.69 11.35 12.82
N THR A 327 -3.50 11.91 12.88
CA THR A 327 -2.92 12.61 11.74
C THR A 327 -2.09 11.67 10.89
N LYS A 328 -1.88 10.45 11.39
CA LYS A 328 -1.10 9.46 10.65
C LYS A 328 -1.68 8.07 10.86
N GLY A 329 -1.28 7.14 10.01
CA GLY A 329 -1.76 5.77 10.12
C GLY A 329 -3.11 5.50 9.49
N LEU A 330 -3.65 6.47 8.76
CA LEU A 330 -4.95 6.31 8.11
C LEU A 330 -4.81 6.55 6.61
N ASP A 331 -3.97 5.74 5.97
CA ASP A 331 -3.70 5.85 4.55
C ASP A 331 -4.42 4.81 3.70
N THR A 332 -4.27 3.53 4.04
CA THR A 332 -4.92 2.49 3.27
C THR A 332 -6.39 2.33 3.63
N ASP A 333 -7.19 1.84 2.69
CA ASP A 333 -8.62 1.65 2.95
C ASP A 333 -8.80 0.73 4.15
N GLU A 334 -7.87 -0.20 4.32
CA GLU A 334 -7.94 -1.12 5.44
C GLU A 334 -7.71 -0.38 6.75
N GLN A 335 -6.84 0.62 6.72
CA GLN A 335 -6.59 1.39 7.94
C GLN A 335 -7.77 2.33 8.19
N ILE A 336 -8.30 2.91 7.13
CA ILE A 336 -9.43 3.81 7.25
C ILE A 336 -10.68 3.04 7.70
N ASP A 337 -10.92 1.87 7.11
CA ASP A 337 -12.09 1.06 7.48
C ASP A 337 -11.97 0.58 8.93
N ALA A 338 -10.77 0.23 9.36
CA ALA A 338 -10.57 -0.25 10.72
C ALA A 338 -10.98 0.81 11.74
N PHE A 339 -10.55 2.04 11.51
CA PHE A 339 -10.89 3.14 12.41
C PHE A 339 -12.40 3.38 12.37
N ASP A 340 -12.94 3.49 11.15
CA ASP A 340 -14.38 3.73 10.99
C ASP A 340 -15.21 2.64 11.67
N ALA A 341 -14.79 1.39 11.51
CA ALA A 341 -15.50 0.25 12.10
C ALA A 341 -15.49 0.32 13.62
N GLU A 342 -14.34 0.65 14.20
CA GLU A 342 -14.23 0.75 15.64
C GLU A 342 -15.27 1.75 16.18
N HIS A 343 -15.54 2.81 15.42
CA HIS A 343 -16.50 3.81 15.86
C HIS A 343 -17.84 3.69 15.17
N GLY A 344 -18.03 2.60 14.45
CA GLY A 344 -19.28 2.35 13.75
C GLY A 344 -19.68 3.40 12.75
N ILE A 345 -18.72 3.88 11.97
CA ILE A 345 -19.00 4.90 10.97
C ILE A 345 -18.60 4.60 9.52
N ARG A 346 -18.60 3.33 9.16
CA ARG A 346 -18.31 2.93 7.78
C ARG A 346 -19.66 3.13 7.08
N THR A 347 -19.64 3.35 5.77
CA THR A 347 -20.90 3.54 5.06
C THR A 347 -21.85 2.37 5.30
N GLU A 348 -21.30 1.16 5.41
CA GLU A 348 -22.15 0.00 5.64
C GLU A 348 -22.78 0.09 7.04
N ASP A 349 -22.15 0.86 7.93
CA ASP A 349 -22.67 1.04 9.28
C ASP A 349 -23.81 2.07 9.18
N MET A 350 -23.63 3.04 8.28
CA MET A 350 -24.63 4.08 8.06
C MET A 350 -25.89 3.42 7.52
N ILE A 351 -25.69 2.46 6.60
CA ILE A 351 -26.80 1.74 6.00
C ILE A 351 -27.57 0.91 7.02
N LYS A 352 -26.83 0.19 7.88
CA LYS A 352 -27.48 -0.64 8.89
C LYS A 352 -28.24 0.23 9.89
N ALA A 353 -27.69 1.38 10.24
CA ALA A 353 -28.36 2.29 11.17
C ALA A 353 -29.63 2.84 10.55
N ALA A 354 -29.58 3.19 9.28
CA ALA A 354 -30.75 3.73 8.59
C ALA A 354 -31.76 2.65 8.25
N GLY A 355 -31.33 1.39 8.26
CA GLY A 355 -32.22 0.30 7.92
C GLY A 355 -32.76 0.50 6.51
N ASP A 356 -31.89 0.93 5.60
CA ASP A 356 -32.26 1.20 4.21
C ASP A 356 -30.98 1.15 3.37
N ASP A 357 -30.96 0.28 2.36
CA ASP A 357 -29.82 0.12 1.47
C ASP A 357 -29.41 1.39 0.74
N ARG A 358 -30.35 2.32 0.59
CA ARG A 358 -30.13 3.57 -0.12
C ARG A 358 -29.36 4.64 0.64
N ALA A 359 -29.21 4.47 1.94
CA ALA A 359 -28.50 5.45 2.76
C ALA A 359 -27.00 5.39 2.49
N LEU A 360 -26.63 5.58 1.22
CA LEU A 360 -25.24 5.55 0.79
C LEU A 360 -24.54 6.87 1.10
N LEU A 361 -24.27 7.10 2.39
CA LEU A 361 -23.61 8.31 2.87
C LEU A 361 -22.37 7.97 3.69
N TYR A 362 -21.46 8.93 3.83
CA TYR A 362 -20.25 8.68 4.58
C TYR A 362 -19.98 9.75 5.65
N SER A 363 -19.93 9.31 6.90
CA SER A 363 -19.68 10.18 8.04
C SER A 363 -18.35 9.81 8.69
N GLY A 364 -17.62 8.88 8.06
CA GLY A 364 -16.34 8.42 8.56
C GLY A 364 -15.24 9.48 8.55
N VAL A 365 -14.05 9.10 9.03
CA VAL A 365 -12.93 10.04 9.14
C VAL A 365 -12.13 10.35 7.88
N GLY A 366 -12.17 9.46 6.89
CA GLY A 366 -11.44 9.69 5.67
C GLY A 366 -11.88 11.02 5.07
N GLY A 367 -10.99 12.00 5.10
CA GLY A 367 -11.34 13.30 4.55
C GLY A 367 -11.54 14.35 5.63
N GLY A 368 -11.65 13.91 6.88
CA GLY A 368 -11.82 14.86 7.97
C GLY A 368 -13.12 14.70 8.75
N ARG A 369 -13.18 15.34 9.92
CA ARG A 369 -14.37 15.27 10.75
C ARG A 369 -15.50 15.93 9.97
N ARG A 370 -16.60 15.20 9.82
CA ARG A 370 -17.75 15.71 9.09
C ARG A 370 -18.80 16.30 10.04
N LYS A 371 -19.63 17.18 9.50
CA LYS A 371 -20.74 17.76 10.25
C LYS A 371 -21.98 17.33 9.49
N ILE A 372 -23.13 17.33 10.15
CA ILE A 372 -24.37 16.97 9.48
C ILE A 372 -24.99 18.27 9.00
N GLN A 373 -25.06 19.25 9.90
CA GLN A 373 -25.61 20.56 9.58
C GLN A 373 -24.54 21.61 9.91
N THR A 374 -24.54 22.72 9.17
CA THR A 374 -23.54 23.75 9.43
C THR A 374 -24.13 25.14 9.64
N ASP A 375 -23.50 25.92 10.51
CA ASP A 375 -23.96 27.27 10.81
C ASP A 375 -23.53 28.24 9.71
N ALA A 376 -22.64 27.80 8.85
CA ALA A 376 -22.16 28.61 7.73
C ALA A 376 -21.48 27.69 6.72
N ILE A 377 -21.87 27.81 5.45
CA ILE A 377 -21.29 26.99 4.40
C ILE A 377 -19.83 27.37 4.16
N SER A 378 -18.92 26.59 4.72
CA SER A 378 -17.49 26.89 4.59
C SER A 378 -16.67 25.85 3.83
N GLY A 379 -17.20 24.64 3.67
CA GLY A 379 -16.42 23.63 2.96
C GLY A 379 -17.09 22.29 2.79
N PHE A 380 -16.43 21.42 2.03
CA PHE A 380 -16.92 20.09 1.73
C PHE A 380 -17.32 19.24 2.92
N THR A 381 -16.61 19.39 4.04
CA THR A 381 -16.93 18.59 5.22
C THR A 381 -18.03 19.17 6.11
N ASP A 382 -18.67 20.25 5.68
CA ASP A 382 -19.75 20.83 6.48
C ASP A 382 -21.01 19.98 6.40
N GLY A 383 -20.88 18.85 5.71
CA GLY A 383 -21.99 17.92 5.55
C GLY A 383 -21.49 16.52 5.23
N LEU A 384 -22.38 15.54 5.31
CA LEU A 384 -21.99 14.17 5.02
C LEU A 384 -21.77 13.98 3.52
N SER A 385 -20.83 13.11 3.18
CA SER A 385 -20.53 12.81 1.79
C SER A 385 -21.55 11.82 1.24
N ILE A 386 -21.78 11.88 -0.07
CA ILE A 386 -22.72 10.98 -0.72
C ILE A 386 -21.91 10.06 -1.63
N VAL A 387 -21.99 8.76 -1.35
CA VAL A 387 -21.23 7.78 -2.13
C VAL A 387 -22.14 6.83 -2.91
N LYS A 388 -23.31 7.33 -3.28
CA LYS A 388 -24.28 6.56 -4.05
C LYS A 388 -23.66 6.15 -5.38
N TRP A 389 -23.01 7.09 -6.06
CA TRP A 389 -22.37 6.78 -7.33
C TRP A 389 -20.99 6.24 -7.05
N GLN A 390 -20.62 5.15 -7.73
CA GLN A 390 -19.31 4.55 -7.54
C GLN A 390 -18.68 4.12 -8.85
N ASN A 391 -17.35 4.19 -8.91
CA ASN A 391 -16.64 3.75 -10.09
C ASN A 391 -16.03 2.37 -9.84
N TYR A 392 -16.85 1.46 -9.33
CA TYR A 392 -16.41 0.10 -9.08
C TYR A 392 -17.46 -0.83 -9.70
N ARG A 393 -17.01 -1.91 -10.33
CA ARG A 393 -17.92 -2.86 -10.96
C ARG A 393 -18.46 -3.83 -9.91
N SER A 394 -19.70 -4.26 -10.08
CA SER A 394 -20.30 -5.19 -9.14
C SER A 394 -19.64 -6.55 -9.20
N ASP A 395 -18.98 -6.85 -10.33
CA ASP A 395 -18.31 -8.14 -10.48
C ASP A 395 -16.85 -8.12 -10.05
N GLY A 396 -16.41 -7.02 -9.45
CA GLY A 396 -15.04 -6.92 -8.98
C GLY A 396 -13.95 -6.77 -10.02
N LYS A 397 -14.31 -6.82 -11.30
CA LYS A 397 -13.33 -6.66 -12.36
C LYS A 397 -12.89 -5.20 -12.46
N PRO A 398 -11.70 -4.98 -13.04
CA PRO A 398 -11.16 -3.62 -13.20
C PRO A 398 -11.96 -2.71 -14.12
N VAL A 399 -11.97 -1.42 -13.82
CA VAL A 399 -12.65 -0.44 -14.65
C VAL A 399 -11.64 0.05 -15.68
N SER A 400 -12.10 0.66 -16.76
CA SER A 400 -11.22 1.12 -17.83
C SER A 400 -10.22 2.23 -17.48
N HIS A 401 -10.56 3.11 -16.55
CA HIS A 401 -9.65 4.21 -16.24
C HIS A 401 -9.49 4.48 -14.75
N ALA A 402 -8.37 5.11 -14.39
CA ALA A 402 -8.08 5.41 -13.01
C ALA A 402 -8.68 6.71 -12.49
N THR A 403 -9.02 7.63 -13.39
CA THR A 403 -9.61 8.91 -12.98
C THR A 403 -11.07 9.10 -13.40
N TYR A 404 -11.40 8.79 -14.65
CA TYR A 404 -12.78 8.94 -15.12
C TYR A 404 -13.53 7.62 -14.96
N PRO A 405 -14.79 7.70 -14.51
CA PRO A 405 -15.61 6.49 -14.31
C PRO A 405 -16.22 5.88 -15.55
N ASP A 406 -16.53 4.58 -15.46
CA ASP A 406 -17.17 3.86 -16.57
C ASP A 406 -18.69 3.92 -16.35
N THR A 407 -19.07 4.16 -15.10
CA THR A 407 -20.46 4.23 -14.69
C THR A 407 -21.38 5.04 -15.60
N ASP A 408 -22.45 4.38 -16.06
CA ASP A 408 -23.44 5.02 -16.92
C ASP A 408 -24.41 5.76 -15.99
N ILE A 409 -25.11 6.74 -16.53
CA ILE A 409 -26.11 7.48 -15.76
C ILE A 409 -27.45 6.88 -16.14
N PRO A 410 -28.11 6.16 -15.21
CA PRO A 410 -29.41 5.58 -15.54
C PRO A 410 -30.49 6.64 -15.43
N LEU A 411 -30.53 7.52 -16.41
CA LEU A 411 -31.49 8.63 -16.43
C LEU A 411 -32.94 8.20 -16.16
N PHE A 412 -33.35 7.09 -16.78
CA PHE A 412 -34.70 6.56 -16.60
C PHE A 412 -34.62 5.20 -15.91
N ARG A 413 -35.30 5.07 -14.77
CA ARG A 413 -35.32 3.82 -14.02
C ARG A 413 -36.75 3.38 -13.72
N LEU A 414 -36.97 2.07 -13.75
CA LEU A 414 -38.30 1.51 -13.49
C LEU A 414 -38.88 2.05 -12.19
N ALA A 415 -38.03 2.22 -11.18
CA ALA A 415 -38.49 2.71 -9.88
C ALA A 415 -39.34 3.96 -10.00
N GLU A 416 -39.05 4.80 -11.00
CA GLU A 416 -39.83 6.01 -11.19
C GLU A 416 -41.31 5.67 -11.39
N ALA A 417 -41.57 4.61 -12.12
CA ALA A 417 -42.94 4.18 -12.38
C ALA A 417 -43.67 3.87 -11.08
N TYR A 418 -43.02 3.15 -10.18
CA TYR A 418 -43.66 2.81 -8.91
C TYR A 418 -43.97 4.05 -8.09
N LEU A 419 -43.03 4.99 -8.01
CA LEU A 419 -43.28 6.21 -7.25
C LEU A 419 -44.35 7.08 -7.91
N THR A 420 -44.33 7.15 -9.24
CA THR A 420 -45.32 7.92 -9.96
C THR A 420 -46.72 7.32 -9.78
N ARG A 421 -46.85 6.00 -9.91
CA ARG A 421 -48.16 5.38 -9.75
C ARG A 421 -48.61 5.52 -8.30
N ALA A 422 -47.66 5.39 -7.38
CA ALA A 422 -47.96 5.50 -5.95
C ALA A 422 -48.52 6.88 -5.62
N GLU A 423 -47.92 7.92 -6.18
CA GLU A 423 -48.39 9.28 -5.94
C GLU A 423 -49.73 9.51 -6.62
N ALA A 424 -49.85 9.07 -7.87
CA ALA A 424 -51.08 9.22 -8.63
C ALA A 424 -52.25 8.55 -7.89
N ILE A 425 -52.03 7.32 -7.43
CA ILE A 425 -53.05 6.57 -6.70
C ILE A 425 -53.42 7.33 -5.41
N PHE A 426 -52.39 7.77 -4.67
CA PHE A 426 -52.62 8.51 -3.44
C PHE A 426 -53.50 9.73 -3.69
N ARG A 427 -53.08 10.58 -4.62
CA ARG A 427 -53.81 11.79 -4.97
C ARG A 427 -55.27 11.51 -5.32
N GLN A 428 -55.52 10.36 -5.96
CA GLN A 428 -56.87 10.01 -6.35
C GLN A 428 -57.69 9.45 -5.17
N GLY A 429 -57.04 9.29 -4.03
CA GLY A 429 -57.74 8.78 -2.85
C GLY A 429 -57.59 7.29 -2.66
N GLY A 430 -56.74 6.66 -3.46
CA GLY A 430 -56.53 5.22 -3.34
C GLY A 430 -55.44 4.88 -2.32
N ASP A 431 -55.10 3.60 -2.24
CA ASP A 431 -54.09 3.12 -1.31
C ASP A 431 -52.80 2.81 -2.06
N ALA A 432 -51.80 3.65 -1.86
CA ALA A 432 -50.51 3.52 -2.54
C ALA A 432 -49.42 2.75 -1.80
N THR A 433 -49.77 2.13 -0.67
CA THR A 433 -48.81 1.39 0.14
C THR A 433 -48.10 0.25 -0.62
N GLY A 434 -48.82 -0.38 -1.55
CA GLY A 434 -48.24 -1.47 -2.31
C GLY A 434 -47.09 -1.06 -3.21
N ASP A 435 -47.24 0.09 -3.87
CA ASP A 435 -46.20 0.56 -4.76
C ASP A 435 -45.01 1.07 -3.97
N ILE A 436 -45.30 1.80 -2.89
CA ILE A 436 -44.24 2.31 -2.03
C ILE A 436 -43.43 1.16 -1.44
N ASN A 437 -44.14 0.14 -0.94
CA ASN A 437 -43.51 -1.02 -0.34
C ASN A 437 -42.59 -1.78 -1.29
N GLU A 438 -42.95 -1.79 -2.57
CA GLU A 438 -42.15 -2.48 -3.57
C GLU A 438 -40.75 -1.89 -3.60
N LEU A 439 -40.66 -0.57 -3.50
CA LEU A 439 -39.36 0.10 -3.52
C LEU A 439 -38.64 -0.07 -2.18
N ARG A 440 -39.38 0.02 -1.07
CA ARG A 440 -38.76 -0.13 0.24
C ARG A 440 -38.36 -1.59 0.51
N LYS A 441 -39.04 -2.51 -0.16
CA LYS A 441 -38.72 -3.91 0.01
C LYS A 441 -37.41 -4.15 -0.75
N ARG A 442 -37.29 -3.54 -1.92
CA ARG A 442 -36.09 -3.70 -2.74
C ARG A 442 -34.89 -3.17 -1.97
N ALA A 443 -35.09 -2.08 -1.24
CA ALA A 443 -34.02 -1.47 -0.47
C ALA A 443 -33.84 -2.13 0.89
N ASN A 444 -34.49 -3.26 1.10
CA ASN A 444 -34.39 -3.99 2.36
C ASN A 444 -34.65 -3.08 3.57
N CYS A 445 -35.69 -2.26 3.47
CA CYS A 445 -36.04 -1.36 4.56
C CYS A 445 -36.61 -2.10 5.75
N THR A 446 -36.24 -1.66 6.95
CA THR A 446 -36.73 -2.27 8.17
C THR A 446 -38.01 -1.55 8.60
N ARG A 447 -38.22 -0.36 8.07
CA ARG A 447 -39.42 0.42 8.37
C ARG A 447 -40.39 0.42 7.20
N LYS A 448 -41.53 -0.24 7.38
CA LYS A 448 -42.52 -0.28 6.32
C LYS A 448 -43.46 0.91 6.43
N VAL A 449 -43.93 1.39 5.29
CA VAL A 449 -44.86 2.52 5.30
C VAL A 449 -46.26 1.94 5.36
N GLN A 450 -46.92 2.12 6.50
CA GLN A 450 -48.26 1.62 6.71
C GLN A 450 -49.30 2.50 6.02
N THR A 451 -49.23 3.79 6.28
CA THR A 451 -50.17 4.73 5.69
C THR A 451 -49.42 5.80 4.90
N VAL A 452 -49.68 5.84 3.60
CA VAL A 452 -49.04 6.82 2.74
C VAL A 452 -49.59 8.20 3.03
N THR A 453 -48.70 9.18 3.11
CA THR A 453 -49.07 10.56 3.36
C THR A 453 -48.25 11.42 2.39
N GLU A 454 -48.67 12.66 2.18
CA GLU A 454 -47.93 13.53 1.28
C GLU A 454 -46.48 13.62 1.71
N GLN A 455 -46.24 13.83 3.01
CA GLN A 455 -44.89 13.93 3.54
C GLN A 455 -44.05 12.67 3.26
N GLU A 456 -44.66 11.51 3.47
CA GLU A 456 -43.95 10.26 3.23
C GLU A 456 -43.58 10.15 1.75
N LEU A 457 -44.50 10.54 0.88
CA LEU A 457 -44.27 10.48 -0.57
C LEU A 457 -43.09 11.31 -1.04
N ILE A 458 -43.08 12.60 -0.70
CA ILE A 458 -41.99 13.48 -1.12
C ILE A 458 -40.68 13.00 -0.50
N ASP A 459 -40.73 12.44 0.71
CA ASP A 459 -39.51 11.93 1.33
C ASP A 459 -39.01 10.65 0.64
N GLU A 460 -39.92 9.89 0.04
CA GLU A 460 -39.54 8.66 -0.66
C GLU A 460 -38.92 9.01 -2.00
N TRP A 461 -39.40 10.09 -2.64
CA TRP A 461 -38.82 10.53 -3.90
C TRP A 461 -37.36 10.88 -3.64
N ALA A 462 -37.11 11.48 -2.48
CA ALA A 462 -35.75 11.86 -2.11
C ALA A 462 -34.88 10.63 -1.90
N ARG A 463 -35.34 9.71 -1.07
CA ARG A 463 -34.58 8.51 -0.76
C ARG A 463 -34.29 7.63 -1.98
N GLU A 464 -35.23 7.58 -2.91
CA GLU A 464 -35.04 6.74 -4.11
C GLU A 464 -34.22 7.38 -5.23
N PHE A 465 -34.45 8.68 -5.48
CA PHE A 465 -33.76 9.37 -6.57
C PHE A 465 -32.80 10.52 -6.25
N TYR A 466 -32.42 10.71 -4.99
CA TYR A 466 -31.51 11.83 -4.70
C TYR A 466 -30.24 11.77 -5.54
N LEU A 467 -29.77 12.96 -5.92
CA LEU A 467 -28.60 13.13 -6.77
C LEU A 467 -28.78 12.52 -8.15
N GLU A 468 -30.01 12.57 -8.66
CA GLU A 468 -30.30 12.06 -10.01
C GLU A 468 -30.92 13.15 -10.88
N GLY A 469 -30.86 14.39 -10.39
CA GLY A 469 -31.35 15.54 -11.14
C GLY A 469 -32.83 15.81 -11.32
N ARG A 470 -33.67 15.40 -10.38
CA ARG A 470 -35.10 15.64 -10.53
C ARG A 470 -35.77 16.27 -9.32
N ARG A 471 -35.05 16.33 -8.20
CA ARG A 471 -35.62 16.86 -6.96
C ARG A 471 -36.50 18.10 -7.06
N ARG A 472 -35.97 19.16 -7.64
CA ARG A 472 -36.73 20.40 -7.76
C ARG A 472 -38.13 20.21 -8.35
N SER A 473 -38.21 19.52 -9.48
CA SER A 473 -39.49 19.28 -10.16
C SER A 473 -40.53 18.69 -9.21
N ASP A 474 -40.14 17.68 -8.44
CA ASP A 474 -41.05 17.04 -7.50
C ASP A 474 -41.45 18.01 -6.37
N LEU A 475 -40.49 18.74 -5.83
CA LEU A 475 -40.79 19.70 -4.77
C LEU A 475 -41.85 20.70 -5.26
N VAL A 476 -41.66 21.20 -6.47
CA VAL A 476 -42.61 22.14 -7.05
C VAL A 476 -44.01 21.52 -7.13
N ARG A 477 -44.08 20.30 -7.64
CA ARG A 477 -45.35 19.61 -7.76
C ARG A 477 -46.06 19.54 -6.41
N PHE A 478 -45.28 19.30 -5.35
CA PHE A 478 -45.82 19.21 -3.99
C PHE A 478 -46.04 20.56 -3.33
N GLY A 479 -45.77 21.65 -4.05
CA GLY A 479 -45.93 22.98 -3.49
C GLY A 479 -44.98 23.25 -2.33
N MET A 480 -43.80 22.63 -2.40
CA MET A 480 -42.79 22.75 -1.34
C MET A 480 -41.47 23.40 -1.73
N PHE A 481 -41.29 23.71 -3.01
CA PHE A 481 -40.02 24.27 -3.44
C PHE A 481 -39.72 25.69 -2.95
N THR A 482 -40.71 26.57 -2.98
CA THR A 482 -40.47 27.95 -2.56
C THR A 482 -41.18 28.39 -1.29
N THR A 483 -42.19 27.63 -0.88
CA THR A 483 -43.00 27.96 0.28
C THR A 483 -42.48 27.54 1.66
N ASN A 484 -43.28 27.86 2.68
CA ASN A 484 -42.97 27.53 4.07
C ASN A 484 -43.47 26.12 4.37
N LYS A 485 -44.17 25.52 3.42
CA LYS A 485 -44.71 24.18 3.60
C LYS A 485 -43.60 23.20 3.98
N TYR A 486 -42.41 23.46 3.46
CA TYR A 486 -41.25 22.62 3.73
C TYR A 486 -39.98 23.48 3.74
N LEU A 487 -39.30 23.53 4.88
CA LEU A 487 -38.07 24.29 4.98
C LEU A 487 -36.93 23.34 5.30
N TRP A 488 -35.82 23.51 4.59
CA TRP A 488 -34.65 22.68 4.82
C TRP A 488 -33.49 23.62 5.04
N ASP A 489 -32.41 23.10 5.61
CA ASP A 489 -31.26 23.92 5.87
C ASP A 489 -30.73 24.64 4.62
N TRP A 490 -30.52 25.95 4.78
CA TRP A 490 -30.02 26.85 3.76
C TRP A 490 -30.94 27.21 2.61
N LYS A 491 -32.22 26.86 2.75
CA LYS A 491 -33.22 27.20 1.75
C LYS A 491 -33.43 28.72 1.81
N GLY A 492 -33.55 29.36 0.66
CA GLY A 492 -33.74 30.80 0.65
C GLY A 492 -32.58 31.58 1.25
N GLY A 493 -31.47 30.89 1.54
CA GLY A 493 -30.32 31.54 2.11
C GLY A 493 -30.27 31.58 3.62
N ALA A 494 -31.34 31.14 4.28
CA ALA A 494 -31.39 31.14 5.74
C ALA A 494 -30.81 29.84 6.31
N MET A 495 -30.03 30.00 7.37
CA MET A 495 -29.38 28.89 8.06
C MET A 495 -30.32 27.70 8.20
N ASN A 496 -31.49 27.95 8.78
CA ASN A 496 -32.47 26.89 8.99
C ASN A 496 -33.51 26.89 7.86
N GLY A 497 -33.25 27.67 6.83
CA GLY A 497 -34.16 27.73 5.70
C GLY A 497 -35.29 28.72 5.86
N THR A 498 -35.75 29.26 4.74
CA THR A 498 -36.86 30.20 4.73
C THR A 498 -37.47 30.19 3.33
N SER A 499 -38.68 30.72 3.20
CA SER A 499 -39.36 30.74 1.92
C SER A 499 -38.92 31.91 1.05
N VAL A 500 -39.13 31.77 -0.26
CA VAL A 500 -38.80 32.82 -1.22
C VAL A 500 -40.05 33.11 -2.03
N ALA A 501 -40.01 34.10 -2.91
CA ALA A 501 -41.18 34.43 -3.71
C ALA A 501 -41.62 33.26 -4.60
N SER A 502 -42.93 33.06 -4.68
CA SER A 502 -43.48 31.97 -5.47
C SER A 502 -43.06 31.96 -6.94
N TYR A 503 -42.69 33.11 -7.49
CA TYR A 503 -42.29 33.15 -8.90
C TYR A 503 -41.00 32.37 -9.19
N TYR A 504 -40.34 31.92 -8.13
CA TYR A 504 -39.11 31.15 -8.27
C TYR A 504 -39.39 29.68 -8.61
N ASN A 505 -40.66 29.32 -8.76
CA ASN A 505 -41.00 27.95 -9.10
C ASN A 505 -40.67 27.70 -10.56
N LYS A 506 -40.27 28.77 -11.24
CA LYS A 506 -39.88 28.71 -12.65
C LYS A 506 -38.61 29.53 -12.81
N TYR A 507 -37.67 29.05 -13.61
CA TYR A 507 -36.45 29.79 -13.84
C TYR A 507 -36.80 30.91 -14.84
N PRO A 508 -36.05 32.01 -14.82
CA PRO A 508 -36.36 33.09 -15.75
C PRO A 508 -35.76 32.80 -17.12
N ILE A 509 -36.37 33.37 -18.15
CA ILE A 509 -35.85 33.20 -19.50
C ILE A 509 -34.58 34.05 -19.48
N PRO A 510 -33.43 33.48 -19.86
CA PRO A 510 -32.19 34.28 -19.83
C PRO A 510 -32.41 35.64 -20.48
N VAL A 511 -31.96 36.69 -19.80
CA VAL A 511 -32.13 38.03 -20.32
C VAL A 511 -31.54 38.17 -21.72
N SER A 512 -30.55 37.34 -22.02
CA SER A 512 -29.92 37.38 -23.34
C SER A 512 -30.85 36.93 -24.46
N ASP A 513 -31.74 35.99 -24.16
CA ASP A 513 -32.67 35.51 -25.17
C ASP A 513 -33.83 36.50 -25.34
N ILE A 514 -34.13 37.20 -24.25
CA ILE A 514 -35.19 38.20 -24.28
C ILE A 514 -34.80 39.30 -25.26
N ASN A 515 -33.57 39.79 -25.13
CA ASN A 515 -33.07 40.86 -26.01
C ASN A 515 -32.77 40.38 -27.41
N ASN A 516 -32.49 39.10 -27.57
CA ASN A 516 -32.17 38.56 -28.88
C ASN A 516 -33.35 38.00 -29.66
N ASN A 517 -34.40 37.60 -28.93
CA ASN A 517 -35.59 37.03 -29.56
C ASN A 517 -36.86 37.68 -29.03
N ARG A 518 -37.34 38.69 -29.76
CA ARG A 518 -38.54 39.43 -29.38
C ARG A 518 -39.78 38.55 -29.21
N ASN A 519 -39.70 37.30 -29.68
CA ASN A 519 -40.82 36.36 -29.56
C ASN A 519 -41.00 35.83 -28.16
N MET A 520 -39.93 35.86 -27.37
CA MET A 520 -39.99 35.36 -26.01
C MET A 520 -40.33 36.48 -25.02
N SER A 521 -41.03 36.14 -23.95
CA SER A 521 -41.37 37.11 -22.92
C SER A 521 -40.95 36.53 -21.58
N GLN A 522 -40.40 37.37 -20.71
CA GLN A 522 -39.94 36.94 -19.40
C GLN A 522 -41.05 36.31 -18.57
N ASN A 523 -40.68 35.44 -17.63
CA ASN A 523 -41.66 34.81 -16.75
C ASN A 523 -42.11 35.78 -15.68
N GLU A 524 -43.34 35.56 -15.20
CA GLU A 524 -43.93 36.39 -14.17
C GLU A 524 -43.02 36.47 -12.93
N GLY A 525 -43.01 37.64 -12.29
CA GLY A 525 -42.19 37.81 -11.10
C GLY A 525 -40.82 38.43 -11.31
N TYR A 526 -40.13 38.03 -12.37
CA TYR A 526 -38.80 38.58 -12.63
C TYR A 526 -38.88 39.95 -13.29
N LYS A 527 -37.74 40.63 -13.37
CA LYS A 527 -37.69 41.95 -13.98
C LYS A 527 -36.66 41.95 -15.11
N SER B 17 -5.04 52.92 18.48
CA SER B 17 -5.57 51.66 17.87
C SER B 17 -4.54 51.06 16.92
N PHE B 18 -3.37 51.69 16.84
CA PHE B 18 -2.30 51.22 15.96
C PHE B 18 -1.54 50.08 16.60
N ASP B 19 -1.69 48.88 16.05
CA ASP B 19 -0.99 47.71 16.57
C ASP B 19 0.28 47.51 15.72
N GLN B 20 1.34 48.22 16.12
CA GLN B 20 2.61 48.19 15.41
C GLN B 20 3.12 46.78 15.09
N GLN B 21 3.23 45.95 16.12
CA GLN B 21 3.72 44.58 15.98
C GLN B 21 2.85 43.80 15.01
N GLY B 22 1.55 44.01 15.10
CA GLY B 22 0.62 43.30 14.22
C GLY B 22 0.74 43.74 12.78
N VAL B 23 0.73 45.05 12.56
CA VAL B 23 0.84 45.58 11.21
C VAL B 23 2.18 45.15 10.64
N PHE B 24 3.22 45.17 11.47
CA PHE B 24 4.55 44.77 11.03
C PHE B 24 4.52 43.34 10.51
N VAL B 25 3.91 42.44 11.28
CA VAL B 25 3.84 41.04 10.88
C VAL B 25 3.05 40.88 9.59
N LYS B 26 1.98 41.67 9.46
CA LYS B 26 1.15 41.61 8.27
C LYS B 26 2.02 41.96 7.06
N GLY B 27 2.96 42.89 7.26
CA GLY B 27 3.83 43.30 6.18
C GLY B 27 4.53 42.14 5.49
N TYR B 28 5.19 41.31 6.27
CA TYR B 28 5.89 40.17 5.73
C TYR B 28 4.89 39.14 5.21
N ALA B 29 3.83 38.92 5.97
CA ALA B 29 2.80 37.96 5.62
C ALA B 29 2.23 38.15 4.20
N MET B 30 2.16 39.39 3.75
CA MET B 30 1.61 39.66 2.42
C MET B 30 2.36 38.96 1.28
N LEU B 31 3.60 38.57 1.54
CA LEU B 31 4.39 37.89 0.52
C LEU B 31 3.94 36.45 0.31
N GLY B 32 3.34 35.85 1.33
CA GLY B 32 2.94 34.45 1.20
C GLY B 32 1.48 34.08 1.39
N VAL B 33 0.65 34.99 1.88
CA VAL B 33 -0.77 34.69 2.09
C VAL B 33 -1.67 35.65 1.31
N THR B 34 -2.91 35.22 1.08
CA THR B 34 -3.89 36.03 0.36
C THR B 34 -5.14 36.22 1.22
N ASP B 49 -10.10 35.22 -8.75
CA ASP B 49 -10.41 35.02 -7.34
C ASP B 49 -9.19 35.18 -6.45
N GLU B 50 -9.38 34.92 -5.16
CA GLU B 50 -8.31 35.04 -4.18
C GLU B 50 -7.05 34.26 -4.51
N GLY B 51 -7.22 33.00 -4.89
CA GLY B 51 -6.07 32.16 -5.19
C GLY B 51 -5.18 32.58 -6.35
N GLU B 52 -5.73 33.38 -7.26
CA GLU B 52 -4.99 33.84 -8.44
C GLU B 52 -4.30 35.20 -8.27
N SER B 53 -4.71 35.97 -7.27
CA SER B 53 -4.16 37.31 -7.09
C SER B 53 -3.06 37.53 -6.06
N GLY B 54 -2.54 36.45 -5.49
CA GLY B 54 -1.47 36.60 -4.51
C GLY B 54 -0.21 37.24 -5.07
N PHE B 55 0.61 37.78 -4.16
CA PHE B 55 1.86 38.41 -4.55
C PHE B 55 2.76 37.49 -5.35
N TYR B 56 3.03 36.32 -4.80
CA TYR B 56 3.94 35.40 -5.47
C TYR B 56 3.44 34.83 -6.78
N ARG B 57 2.20 34.37 -6.80
CA ARG B 57 1.66 33.77 -8.02
C ARG B 57 1.61 34.71 -9.20
N THR B 58 1.17 35.95 -8.99
CA THR B 58 1.07 36.91 -10.08
C THR B 58 2.45 37.29 -10.62
N THR B 59 3.38 37.63 -9.74
CA THR B 59 4.71 38.00 -10.20
C THR B 59 5.35 36.79 -10.88
N PHE B 60 5.22 35.63 -10.26
CA PHE B 60 5.76 34.40 -10.81
C PHE B 60 5.27 34.17 -12.24
N ASN B 61 3.95 34.14 -12.43
CA ASN B 61 3.41 33.90 -13.76
C ASN B 61 3.95 34.85 -14.83
N CYS B 62 3.91 36.15 -14.54
CA CYS B 62 4.40 37.17 -15.47
C CYS B 62 5.87 36.96 -15.85
N ASN B 63 6.63 36.35 -14.94
CA ASN B 63 8.05 36.11 -15.18
C ASN B 63 8.37 34.67 -15.57
N GLU B 64 7.34 33.83 -15.67
CA GLU B 64 7.55 32.43 -16.03
C GLU B 64 6.77 31.93 -17.25
N LEU B 65 5.45 32.08 -17.21
CA LEU B 65 4.63 31.59 -18.31
C LEU B 65 4.99 31.99 -19.75
N PRO B 66 5.56 33.20 -19.95
CA PRO B 66 5.92 33.62 -21.31
C PRO B 66 7.32 33.16 -21.72
N THR B 67 8.04 32.57 -20.78
CA THR B 67 9.42 32.16 -21.02
C THR B 67 9.68 30.77 -21.57
N ASP B 68 10.95 30.38 -21.55
CA ASP B 68 11.41 29.08 -22.04
C ASP B 68 11.39 27.98 -20.97
N GLU B 69 11.11 28.36 -19.72
CA GLU B 69 11.12 27.40 -18.64
C GLU B 69 9.89 26.52 -18.48
N CYS B 70 8.72 27.02 -18.89
CA CYS B 70 7.51 26.22 -18.69
C CYS B 70 6.28 26.65 -19.48
N LEU B 71 5.20 25.90 -19.29
CA LEU B 71 3.92 26.13 -19.94
C LEU B 71 2.78 25.82 -18.97
N TRP B 72 1.68 26.54 -19.10
CA TRP B 72 0.50 26.28 -18.27
C TRP B 72 -0.30 25.32 -19.13
N ALA B 73 -0.60 24.14 -18.60
CA ALA B 73 -1.33 23.11 -19.34
C ALA B 73 -2.77 23.40 -19.75
N TRP B 74 -3.44 24.33 -19.08
CA TRP B 74 -4.83 24.63 -19.41
C TRP B 74 -5.00 25.94 -20.13
N GLN B 75 -4.70 25.91 -21.42
CA GLN B 75 -4.76 27.09 -22.27
C GLN B 75 -6.13 27.73 -22.37
N LYS B 76 -7.16 27.07 -21.84
CA LYS B 76 -8.50 27.63 -21.91
C LYS B 76 -8.72 28.61 -20.76
N ASN B 77 -7.84 28.60 -19.76
CA ASN B 77 -7.95 29.53 -18.64
C ASN B 77 -7.78 30.94 -19.17
N GLN B 78 -8.58 31.87 -18.67
CA GLN B 78 -8.53 33.26 -19.12
C GLN B 78 -7.13 33.87 -19.15
N ASP B 79 -6.81 34.50 -20.27
CA ASP B 79 -5.54 35.21 -20.44
C ASP B 79 -4.28 34.33 -20.42
N ILE B 80 -4.43 33.01 -20.36
CA ILE B 80 -3.27 32.13 -20.36
C ILE B 80 -2.62 32.08 -21.74
N PRO B 81 -3.44 32.02 -22.81
CA PRO B 81 -2.80 31.97 -24.12
C PRO B 81 -1.91 33.19 -24.32
N GLN B 82 -2.41 34.34 -23.87
CA GLN B 82 -1.71 35.61 -24.01
C GLN B 82 -0.36 35.62 -23.29
N LEU B 83 -0.34 35.18 -22.03
CA LEU B 83 0.89 35.15 -21.25
C LEU B 83 1.83 34.08 -21.78
N THR B 84 1.28 33.06 -22.40
CA THR B 84 2.08 31.97 -22.95
C THR B 84 2.82 32.35 -24.22
N SER B 85 2.16 33.13 -25.07
CA SER B 85 2.72 33.54 -26.37
C SER B 85 3.25 34.96 -26.42
N ILE B 86 3.28 35.65 -25.28
CA ILE B 86 3.75 37.02 -25.26
C ILE B 86 2.89 37.81 -26.23
N SER B 87 1.57 37.80 -26.00
CA SER B 87 0.65 38.50 -26.87
C SER B 87 -0.52 39.11 -26.10
N TRP B 88 -0.23 39.62 -24.91
CA TRP B 88 -1.24 40.24 -24.07
C TRP B 88 -1.55 41.65 -24.57
N SER B 89 -2.54 42.30 -23.98
CA SER B 89 -2.91 43.66 -24.35
C SER B 89 -3.19 44.41 -23.06
N PRO B 90 -3.45 45.73 -23.15
CA PRO B 90 -3.73 46.49 -21.93
C PRO B 90 -4.91 45.98 -21.12
N SER B 91 -5.74 45.13 -21.71
CA SER B 91 -6.90 44.61 -21.00
C SER B 91 -6.57 43.31 -20.24
N SER B 92 -5.33 42.84 -20.38
CA SER B 92 -4.89 41.62 -19.73
C SER B 92 -5.29 41.55 -18.25
N GLN B 93 -6.03 40.50 -17.91
CA GLN B 93 -6.49 40.30 -16.54
C GLN B 93 -5.34 39.91 -15.60
N ARG B 94 -4.39 39.14 -16.11
CA ARG B 94 -3.26 38.72 -15.27
C ARG B 94 -2.29 39.88 -15.03
N THR B 95 -2.24 40.82 -15.96
CA THR B 95 -1.38 41.98 -15.82
C THR B 95 -2.03 42.88 -14.77
N GLU B 96 -3.36 42.96 -14.82
CA GLU B 96 -4.08 43.78 -13.85
C GLU B 96 -3.89 43.18 -12.45
N TRP B 97 -3.86 41.85 -12.36
CA TRP B 97 -3.67 41.18 -11.08
C TRP B 97 -2.33 41.52 -10.43
N VAL B 98 -1.24 41.34 -11.17
CA VAL B 98 0.08 41.65 -10.60
C VAL B 98 0.19 43.14 -10.25
N TYR B 99 -0.33 44.00 -11.13
CA TYR B 99 -0.28 45.44 -10.93
C TYR B 99 -1.05 45.87 -9.68
N VAL B 100 -2.28 45.38 -9.54
CA VAL B 100 -3.11 45.73 -8.40
C VAL B 100 -2.56 45.15 -7.08
N ARG B 101 -2.02 43.94 -7.15
CA ARG B 101 -1.46 43.29 -5.96
C ARG B 101 -0.25 44.08 -5.47
N LEU B 102 0.67 44.38 -6.38
CA LEU B 102 1.87 45.14 -6.02
C LEU B 102 1.47 46.49 -5.42
N GLY B 103 0.54 47.19 -6.06
CA GLY B 103 0.10 48.48 -5.56
C GLY B 103 -0.50 48.36 -4.17
N TYR B 104 -1.38 47.38 -3.98
CA TYR B 104 -2.03 47.18 -2.69
C TYR B 104 -1.02 46.94 -1.56
N ASP B 105 -0.07 46.03 -1.76
CA ASP B 105 0.93 45.75 -0.73
C ASP B 105 1.67 47.01 -0.31
N ILE B 106 1.99 47.86 -1.28
CA ILE B 106 2.71 49.08 -0.97
C ILE B 106 1.88 50.04 -0.11
N THR B 107 0.57 50.08 -0.31
CA THR B 107 -0.27 50.96 0.49
C THR B 107 -0.24 50.49 1.94
N GLN B 108 -0.11 49.18 2.14
CA GLN B 108 -0.05 48.62 3.49
C GLN B 108 1.28 48.98 4.15
N TYR B 109 2.35 49.05 3.35
CA TYR B 109 3.66 49.41 3.90
C TYR B 109 3.67 50.89 4.27
N ASN B 110 3.05 51.72 3.43
CA ASN B 110 3.00 53.14 3.68
C ASN B 110 2.20 53.45 4.94
N PHE B 111 1.28 52.57 5.30
CA PHE B 111 0.50 52.78 6.51
C PHE B 111 1.40 52.62 7.72
N PHE B 112 2.21 51.57 7.73
CA PHE B 112 3.12 51.32 8.84
C PHE B 112 4.16 52.43 8.97
N LEU B 113 4.71 52.85 7.83
CA LEU B 113 5.72 53.90 7.85
C LEU B 113 5.15 55.24 8.33
N ASP B 114 3.90 55.52 7.98
CA ASP B 114 3.28 56.77 8.40
C ASP B 114 2.96 56.77 9.89
N GLN B 115 2.57 55.60 10.42
CA GLN B 115 2.23 55.47 11.84
C GLN B 115 3.46 55.46 12.74
N THR B 116 4.59 55.03 12.19
CA THR B 116 5.83 54.96 12.95
C THR B 116 6.75 56.10 12.56
N GLU B 117 6.21 57.04 11.78
CA GLU B 117 6.95 58.19 11.30
C GLU B 117 7.65 58.96 12.42
N GLY B 118 8.94 59.18 12.24
CA GLY B 118 9.70 59.94 13.22
C GLY B 118 10.18 59.22 14.48
N MET B 119 9.66 58.02 14.73
CA MET B 119 10.10 57.28 15.92
C MET B 119 11.55 56.91 15.73
N THR B 120 12.33 56.95 16.81
CA THR B 120 13.74 56.67 16.69
C THR B 120 14.32 55.56 17.54
N ASP B 121 13.49 54.72 18.16
CA ASP B 121 14.04 53.64 18.97
C ASP B 121 14.66 52.63 18.00
N ALA B 122 15.69 51.92 18.46
CA ALA B 122 16.39 50.96 17.60
C ALA B 122 15.51 49.87 17.00
N GLU B 123 14.53 49.40 17.76
CA GLU B 123 13.65 48.34 17.28
C GLU B 123 12.66 48.83 16.21
N THR B 124 12.08 50.01 16.41
CA THR B 124 11.14 50.54 15.43
C THR B 124 11.88 50.91 14.15
N LEU B 125 13.15 51.32 14.28
CA LEU B 125 13.98 51.68 13.13
C LEU B 125 14.31 50.44 12.30
N ARG B 126 14.44 49.31 12.98
CA ARG B 126 14.74 48.05 12.32
C ARG B 126 13.48 47.61 11.60
N GLN B 127 12.33 47.89 12.21
CA GLN B 127 11.06 47.53 11.60
C GLN B 127 10.81 48.37 10.34
N ARG B 128 10.98 49.68 10.47
CA ARG B 128 10.77 50.60 9.35
C ARG B 128 11.71 50.26 8.19
N ALA B 129 12.95 49.93 8.54
CA ALA B 129 13.96 49.59 7.56
C ALA B 129 13.53 48.35 6.77
N GLU B 130 12.98 47.37 7.46
CA GLU B 130 12.53 46.14 6.80
C GLU B 130 11.27 46.37 5.96
N ILE B 131 10.37 47.22 6.44
CA ILE B 131 9.14 47.51 5.69
C ILE B 131 9.53 48.35 4.46
N ARG B 132 10.52 49.22 4.63
CA ARG B 132 10.97 50.03 3.52
C ARG B 132 11.68 49.12 2.51
N PHE B 133 12.31 48.06 3.01
CA PHE B 133 12.99 47.10 2.14
C PHE B 133 11.94 46.35 1.30
N LEU B 134 10.89 45.87 1.96
CA LEU B 134 9.83 45.16 1.28
C LEU B 134 9.15 46.07 0.27
N ARG B 135 8.95 47.33 0.63
CA ARG B 135 8.34 48.28 -0.28
C ARG B 135 9.29 48.48 -1.47
N ALA B 136 10.59 48.55 -1.19
CA ALA B 136 11.56 48.72 -2.27
C ALA B 136 11.51 47.50 -3.18
N LEU B 137 11.36 46.31 -2.61
CA LEU B 137 11.28 45.09 -3.41
C LEU B 137 10.07 45.15 -4.34
N HIS B 138 8.95 45.66 -3.84
CA HIS B 138 7.75 45.78 -4.65
C HIS B 138 7.95 46.78 -5.80
N TYR B 139 8.62 47.90 -5.50
CA TYR B 139 8.87 48.87 -6.55
C TYR B 139 9.82 48.30 -7.59
N TRP B 140 10.63 47.32 -7.21
CA TRP B 140 11.53 46.71 -8.18
C TRP B 140 10.69 45.91 -9.17
N TYR B 141 9.68 45.22 -8.66
CA TYR B 141 8.82 44.44 -9.53
C TYR B 141 8.14 45.39 -10.52
N PHE B 142 7.64 46.52 -10.01
CA PHE B 142 6.99 47.50 -10.87
C PHE B 142 7.96 47.94 -11.97
N LEU B 143 9.16 48.38 -11.56
CA LEU B 143 10.17 48.84 -12.51
C LEU B 143 10.55 47.78 -13.52
N ASP B 144 10.77 46.55 -13.04
CA ASP B 144 11.17 45.45 -13.92
C ASP B 144 10.05 45.01 -14.86
N LEU B 145 8.82 44.97 -14.36
CA LEU B 145 7.69 44.52 -15.15
C LEU B 145 7.09 45.62 -16.03
N PHE B 146 6.91 46.80 -15.45
CA PHE B 146 6.29 47.90 -16.16
C PHE B 146 7.19 49.05 -16.58
N GLY B 147 8.39 49.12 -15.99
CA GLY B 147 9.30 50.18 -16.34
C GLY B 147 8.95 51.46 -15.60
N LYS B 148 7.85 51.42 -14.86
CA LYS B 148 7.39 52.58 -14.09
C LYS B 148 6.48 52.07 -13.00
N ALA B 149 5.94 52.99 -12.19
CA ALA B 149 5.05 52.59 -11.13
C ALA B 149 4.15 53.72 -10.63
N PRO B 150 2.95 53.36 -10.15
CA PRO B 150 2.06 54.40 -9.62
C PRO B 150 2.71 54.70 -8.28
N PHE B 151 3.33 55.86 -8.15
CA PHE B 151 4.05 56.18 -6.93
C PHE B 151 3.28 56.88 -5.82
N LYS B 152 3.60 56.48 -4.60
CA LYS B 152 3.00 57.03 -3.38
C LYS B 152 3.97 56.76 -2.23
N GLU B 153 4.34 57.83 -1.53
CA GLU B 153 5.27 57.72 -0.42
C GLU B 153 4.50 57.56 0.90
N HIS B 154 3.27 58.06 0.91
CA HIS B 154 2.43 58.01 2.10
C HIS B 154 1.09 57.32 1.87
N PHE B 155 0.35 57.16 2.95
CA PHE B 155 -0.97 56.54 2.92
C PHE B 155 -2.03 57.63 2.96
N SER B 156 -2.83 57.73 1.90
CA SER B 156 -3.89 58.74 1.84
C SER B 156 -4.86 58.41 0.71
N ASN B 157 -5.76 59.33 0.39
CA ASN B 157 -6.72 59.10 -0.67
C ASN B 157 -6.33 59.70 -2.02
N ASP B 158 -5.30 60.54 -2.00
CA ASP B 158 -4.84 61.20 -3.22
C ASP B 158 -4.39 60.20 -4.28
N LEU B 159 -4.48 60.59 -5.55
CA LEU B 159 -4.07 59.72 -6.65
C LEU B 159 -2.56 59.58 -6.73
N PRO B 160 -2.06 58.35 -6.95
CA PRO B 160 -0.62 58.15 -7.05
C PRO B 160 -0.12 58.93 -8.25
N VAL B 161 1.16 59.29 -8.25
CA VAL B 161 1.72 60.02 -9.38
C VAL B 161 2.66 59.03 -10.07
N GLU B 162 3.02 59.31 -11.32
CA GLU B 162 3.88 58.39 -12.06
C GLU B 162 5.37 58.62 -11.83
N LYS B 163 6.08 57.57 -11.43
CA LYS B 163 7.52 57.64 -11.24
C LYS B 163 8.06 56.52 -12.14
N LYS B 164 8.74 56.92 -13.21
CA LYS B 164 9.26 55.94 -14.16
C LYS B 164 10.77 55.81 -14.24
N GLY B 165 11.18 54.79 -14.99
CA GLY B 165 12.59 54.51 -15.23
C GLY B 165 13.62 54.98 -14.22
N THR B 166 14.61 55.68 -14.74
CA THR B 166 15.72 56.19 -13.93
C THR B 166 15.26 56.79 -12.60
N GLU B 167 14.22 57.61 -12.63
CA GLU B 167 13.70 58.23 -11.43
C GLU B 167 13.26 57.16 -10.40
N LEU B 168 12.62 56.12 -10.90
CA LEU B 168 12.15 55.04 -10.03
C LEU B 168 13.34 54.21 -9.56
N TYR B 169 14.23 53.93 -10.49
CA TYR B 169 15.44 53.17 -10.20
C TYR B 169 16.20 53.82 -9.05
N THR B 170 16.42 55.12 -9.17
CA THR B 170 17.15 55.87 -8.15
C THR B 170 16.41 55.93 -6.82
N TYR B 171 15.09 55.98 -6.88
CA TYR B 171 14.32 56.03 -5.65
C TYR B 171 14.54 54.74 -4.88
N ILE B 172 14.46 53.61 -5.58
CA ILE B 172 14.68 52.31 -4.95
C ILE B 172 16.08 52.19 -4.36
N GLN B 173 17.10 52.61 -5.10
CA GLN B 173 18.48 52.51 -4.60
C GLN B 173 18.68 53.40 -3.37
N ASN B 174 18.09 54.60 -3.40
CA ASN B 174 18.20 55.52 -2.28
C ASN B 174 17.59 54.91 -1.03
N GLU B 175 16.42 54.30 -1.18
CA GLU B 175 15.76 53.67 -0.04
C GLU B 175 16.66 52.62 0.58
N LEU B 176 17.16 51.73 -0.25
CA LEU B 176 18.00 50.65 0.21
C LEU B 176 19.29 51.15 0.86
N ASN B 177 19.90 52.16 0.26
CA ASN B 177 21.14 52.73 0.78
C ASN B 177 20.90 53.45 2.11
N GLU B 178 19.72 54.04 2.26
CA GLU B 178 19.39 54.77 3.46
C GLU B 178 18.96 53.93 4.67
N ILE B 179 18.40 52.74 4.44
CA ILE B 179 17.94 51.90 5.53
C ILE B 179 18.92 50.80 5.98
N GLU B 180 20.01 50.63 5.25
CA GLU B 180 21.00 49.61 5.58
C GLU B 180 21.49 49.63 7.03
N ALA B 181 22.01 50.77 7.48
CA ALA B 181 22.52 50.87 8.84
C ALA B 181 21.54 50.42 9.93
N ASP B 182 20.23 50.52 9.66
CA ASP B 182 19.22 50.12 10.64
C ASP B 182 18.84 48.65 10.59
N MET B 183 19.33 47.94 9.60
CA MET B 183 19.00 46.52 9.45
C MET B 183 19.91 45.57 10.21
N TYR B 184 19.36 44.40 10.56
CA TYR B 184 20.12 43.37 11.25
C TYR B 184 21.34 43.02 10.41
N GLU B 185 22.40 42.54 11.07
CA GLU B 185 23.61 42.12 10.38
C GLU B 185 23.28 40.80 9.67
N PRO B 186 24.09 40.39 8.69
CA PRO B 186 23.82 39.13 7.99
C PRO B 186 23.58 37.93 8.91
N ARG B 187 22.45 37.27 8.70
CA ARG B 187 22.07 36.09 9.47
C ARG B 187 21.85 36.36 10.96
N GLN B 188 21.59 37.61 11.31
CA GLN B 188 21.35 37.95 12.70
C GLN B 188 19.87 38.23 12.96
N ALA B 189 19.10 38.31 11.89
CA ALA B 189 17.67 38.56 12.03
C ALA B 189 16.91 37.26 12.21
N PRO B 190 15.73 37.32 12.84
CA PRO B 190 14.94 36.10 13.05
C PRO B 190 14.65 35.52 11.66
N PHE B 191 14.61 34.21 11.52
CA PHE B 191 14.36 33.62 10.20
C PHE B 191 13.05 34.12 9.62
N GLY B 192 13.14 34.73 8.44
CA GLY B 192 11.96 35.27 7.80
C GLY B 192 12.08 36.76 7.61
N ARG B 193 12.93 37.40 8.41
CA ARG B 193 13.12 38.84 8.31
C ARG B 193 14.32 39.18 7.45
N ALA B 194 14.28 40.34 6.82
CA ALA B 194 15.35 40.78 5.93
C ALA B 194 16.48 41.51 6.64
N ASP B 195 17.71 41.13 6.31
CA ASP B 195 18.89 41.75 6.90
C ASP B 195 19.67 42.52 5.84
N LYS B 196 20.84 43.04 6.21
CA LYS B 196 21.68 43.82 5.29
C LYS B 196 21.97 43.07 4.00
N ALA B 197 22.12 41.76 4.09
CA ALA B 197 22.40 40.95 2.91
C ALA B 197 21.26 41.04 1.88
N ALA B 198 20.02 40.91 2.36
CA ALA B 198 18.87 40.99 1.46
C ALA B 198 18.94 42.35 0.79
N ASN B 199 19.26 43.36 1.58
CA ASN B 199 19.38 44.72 1.08
C ASN B 199 20.40 44.77 -0.05
N TRP B 200 21.61 44.29 0.23
CA TRP B 200 22.68 44.29 -0.78
C TRP B 200 22.34 43.47 -2.02
N LEU B 201 21.70 42.31 -1.84
CA LEU B 201 21.39 41.50 -3.00
C LEU B 201 20.42 42.21 -3.94
N LEU B 202 19.46 42.92 -3.36
CA LEU B 202 18.48 43.64 -4.17
C LEU B 202 19.19 44.75 -4.97
N ARG B 203 20.10 45.46 -4.31
CA ARG B 203 20.84 46.52 -4.98
C ARG B 203 21.70 45.94 -6.11
N ALA B 204 22.31 44.78 -5.87
CA ALA B 204 23.13 44.13 -6.88
C ALA B 204 22.25 43.81 -8.10
N ARG B 205 21.06 43.28 -7.84
CA ARG B 205 20.11 42.94 -8.89
C ARG B 205 19.72 44.22 -9.66
N LEU B 206 19.47 45.30 -8.92
CA LEU B 206 19.12 46.58 -9.52
C LEU B 206 20.28 47.07 -10.38
N TYR B 207 21.48 47.09 -9.82
CA TYR B 207 22.66 47.53 -10.57
C TYR B 207 22.89 46.68 -11.80
N LEU B 208 22.66 45.37 -11.69
CA LEU B 208 22.86 44.48 -12.84
C LEU B 208 21.95 44.87 -13.99
N ASN B 209 20.73 45.27 -13.67
CA ASN B 209 19.75 45.66 -14.67
C ASN B 209 19.74 47.16 -14.94
N ALA B 210 20.69 47.89 -14.37
CA ALA B 210 20.78 49.34 -14.55
C ALA B 210 20.67 49.76 -16.02
N GLY B 211 21.30 49.00 -16.90
CA GLY B 211 21.25 49.34 -18.32
C GLY B 211 19.82 49.32 -18.84
N VAL B 212 19.07 48.31 -18.44
CA VAL B 212 17.68 48.16 -18.86
C VAL B 212 16.79 49.25 -18.27
N TYR B 213 16.93 49.49 -16.98
CA TYR B 213 16.11 50.47 -16.28
C TYR B 213 16.49 51.94 -16.42
N THR B 214 17.76 52.23 -16.67
CA THR B 214 18.20 53.63 -16.75
C THR B 214 18.85 54.01 -18.06
N GLY B 215 19.21 53.01 -18.86
CA GLY B 215 19.88 53.26 -20.12
C GLY B 215 21.39 53.28 -19.96
N GLN B 216 21.85 53.15 -18.73
CA GLN B 216 23.28 53.17 -18.47
C GLN B 216 23.67 52.01 -17.56
N THR B 217 24.48 51.09 -18.06
CA THR B 217 24.90 49.94 -17.27
C THR B 217 25.76 50.39 -16.10
N ASP B 218 25.79 49.56 -15.06
CA ASP B 218 26.60 49.86 -13.89
C ASP B 218 27.10 48.54 -13.33
N TYR B 219 27.74 47.76 -14.18
CA TYR B 219 28.25 46.46 -13.81
C TYR B 219 29.28 46.44 -12.69
N ALA B 220 30.01 47.54 -12.50
CA ALA B 220 31.00 47.59 -11.43
C ALA B 220 30.28 47.53 -10.08
N LYS B 221 29.18 48.26 -9.96
CA LYS B 221 28.41 48.26 -8.72
C LYS B 221 27.69 46.93 -8.51
N ALA B 222 27.25 46.31 -9.59
CA ALA B 222 26.59 45.03 -9.50
C ALA B 222 27.60 44.06 -8.88
N GLU B 223 28.83 44.14 -9.38
CA GLU B 223 29.91 43.29 -8.88
C GLU B 223 30.15 43.56 -7.40
N GLU B 224 30.31 44.84 -7.05
CA GLU B 224 30.58 45.24 -5.68
C GLU B 224 29.53 44.73 -4.67
N TYR B 225 28.26 44.92 -4.98
CA TYR B 225 27.24 44.47 -4.06
C TYR B 225 27.11 42.95 -4.03
N ALA B 226 27.27 42.31 -5.19
CA ALA B 226 27.23 40.86 -5.23
C ALA B 226 28.34 40.37 -4.31
N SER B 227 29.48 41.05 -4.38
CA SER B 227 30.64 40.68 -3.56
C SER B 227 30.38 40.89 -2.06
N LYS B 228 29.60 41.90 -1.71
CA LYS B 228 29.29 42.15 -0.31
C LYS B 228 28.41 41.02 0.23
N VAL B 229 27.58 40.44 -0.62
CA VAL B 229 26.71 39.36 -0.19
C VAL B 229 27.51 38.05 -0.14
N ILE B 230 28.37 37.84 -1.12
CA ILE B 230 29.18 36.63 -1.14
C ILE B 230 30.13 36.63 0.05
N GLY B 231 30.53 37.81 0.48
CA GLY B 231 31.42 37.92 1.62
C GLY B 231 30.73 37.93 2.97
N SER B 232 29.41 37.75 2.98
CA SER B 232 28.64 37.74 4.24
C SER B 232 28.58 36.34 4.84
N ALA B 233 27.89 36.24 5.97
CA ALA B 233 27.74 34.98 6.68
C ALA B 233 27.03 33.88 5.88
N TYR B 234 26.23 34.26 4.89
CA TYR B 234 25.51 33.26 4.09
C TYR B 234 26.48 32.37 3.30
N LYS B 235 26.10 31.11 3.12
CA LYS B 235 26.91 30.14 2.38
C LYS B 235 26.02 29.27 1.50
N LEU B 236 26.63 28.57 0.55
CA LEU B 236 25.88 27.71 -0.36
C LEU B 236 25.51 26.37 0.25
N CYS B 237 24.26 25.95 0.03
CA CYS B 237 23.76 24.66 0.51
C CYS B 237 24.51 23.57 -0.26
N THR B 238 24.98 22.54 0.43
CA THR B 238 25.72 21.48 -0.24
C THR B 238 24.85 20.52 -1.06
N ASN B 239 23.52 20.60 -0.86
CA ASN B 239 22.60 19.74 -1.60
C ASN B 239 21.49 20.61 -2.20
N TYR B 240 21.67 20.99 -3.47
CA TYR B 240 20.72 21.85 -4.18
C TYR B 240 19.23 21.57 -3.89
N SER B 241 18.80 20.34 -4.12
CA SER B 241 17.41 19.97 -3.91
C SER B 241 16.86 20.28 -2.52
N GLU B 242 17.74 20.32 -1.52
CA GLU B 242 17.31 20.59 -0.16
C GLU B 242 16.80 22.02 0.02
N LEU B 243 17.26 22.92 -0.85
CA LEU B 243 16.85 24.32 -0.82
C LEU B 243 15.35 24.42 -1.12
N PHE B 244 14.81 23.39 -1.75
CA PHE B 244 13.40 23.41 -2.13
C PHE B 244 12.54 22.32 -1.48
N MET B 245 12.96 21.86 -0.30
CA MET B 245 12.23 20.82 0.43
C MET B 245 11.43 21.37 1.61
N ALA B 246 10.55 20.55 2.16
CA ALA B 246 9.66 20.93 3.25
C ALA B 246 10.29 21.44 4.55
N ASP B 247 11.55 21.08 4.80
CA ASP B 247 12.21 21.52 6.02
C ASP B 247 13.28 22.57 5.74
N ASN B 248 13.13 23.33 4.66
CA ASN B 248 14.09 24.36 4.32
C ASN B 248 14.10 25.54 5.28
N ASP B 249 13.32 25.44 6.35
CA ASP B 249 13.27 26.49 7.35
C ASP B 249 13.85 26.00 8.68
N GLU B 250 14.24 24.71 8.69
CA GLU B 250 14.83 24.08 9.88
C GLU B 250 16.19 23.47 9.53
N ASN B 251 16.35 23.03 8.30
CA ASN B 251 17.60 22.44 7.85
C ASN B 251 18.67 23.50 7.58
N GLU B 252 19.66 23.56 8.47
CA GLU B 252 20.76 24.52 8.38
C GLU B 252 21.44 24.56 7.01
N ASN B 253 21.70 23.38 6.43
CA ASN B 253 22.35 23.30 5.14
C ASN B 253 21.62 24.19 4.13
N ALA B 254 20.30 24.21 4.23
CA ALA B 254 19.47 25.03 3.35
C ALA B 254 19.38 26.48 3.86
N MET B 255 19.16 26.62 5.16
CA MET B 255 19.02 27.94 5.79
C MET B 255 20.20 28.88 5.57
N GLN B 256 21.41 28.32 5.58
CA GLN B 256 22.61 29.13 5.41
C GLN B 256 22.64 29.86 4.07
N GLU B 257 21.87 29.39 3.10
CA GLU B 257 21.83 30.03 1.79
C GLU B 257 20.62 30.93 1.57
N ILE B 258 19.53 30.64 2.28
CA ILE B 258 18.29 31.40 2.11
C ILE B 258 18.28 32.77 2.79
N ILE B 259 18.59 33.79 1.99
CA ILE B 259 18.66 35.18 2.42
C ILE B 259 17.29 35.77 2.76
N LEU B 260 16.27 35.42 1.97
CA LEU B 260 14.92 35.91 2.22
C LEU B 260 13.87 34.86 1.90
N PRO B 261 13.31 34.22 2.93
CA PRO B 261 12.30 33.21 2.68
C PRO B 261 10.88 33.75 2.77
N ILE B 262 9.97 33.10 2.06
CA ILE B 262 8.54 33.44 2.14
C ILE B 262 8.01 32.23 2.90
N ARG B 263 7.72 32.42 4.18
CA ARG B 263 7.24 31.33 5.03
C ARG B 263 5.95 30.67 4.54
N GLN B 264 5.91 29.34 4.65
CA GLN B 264 4.76 28.56 4.23
C GLN B 264 4.55 27.39 5.19
N ASP B 265 3.31 27.00 5.38
CA ASP B 265 3.01 25.91 6.30
C ASP B 265 1.75 25.18 5.86
N GLY B 266 1.86 23.87 5.68
CA GLY B 266 0.72 23.08 5.24
C GLY B 266 -0.55 23.28 6.04
N VAL B 267 -0.43 23.48 7.35
CA VAL B 267 -1.61 23.68 8.17
C VAL B 267 -1.86 25.15 8.51
N LYS B 268 -0.80 25.89 8.83
CA LYS B 268 -0.95 27.30 9.21
C LYS B 268 -0.85 28.36 8.12
N THR B 269 -0.04 28.15 7.09
CA THR B 269 0.10 29.15 6.04
C THR B 269 -0.28 28.62 4.67
N ARG B 270 -1.57 28.68 4.34
CA ARG B 270 -2.05 28.20 3.05
C ARG B 270 -2.30 29.33 2.04
N ASN B 271 -1.92 29.05 0.80
CA ASN B 271 -2.07 29.99 -0.31
C ASN B 271 -2.00 29.16 -1.60
N TYR B 272 -3.10 29.11 -2.35
CA TYR B 272 -3.11 28.35 -3.58
C TYR B 272 -2.00 28.82 -4.51
N GLY B 273 -1.54 30.05 -4.28
CA GLY B 273 -0.48 30.60 -5.11
C GLY B 273 0.88 30.66 -4.43
N GLY B 274 1.06 29.90 -3.36
CA GLY B 274 2.34 29.87 -2.67
C GLY B 274 3.09 28.60 -3.04
N SER B 275 3.73 27.96 -2.07
CA SER B 275 4.44 26.71 -2.35
C SER B 275 3.44 25.66 -2.82
N THR B 276 2.18 25.82 -2.43
CA THR B 276 1.11 24.91 -2.85
C THR B 276 1.12 24.89 -4.38
N TYR B 277 1.29 26.07 -4.96
CA TYR B 277 1.33 26.26 -6.41
C TYR B 277 2.50 25.52 -7.07
N LEU B 278 3.69 25.65 -6.47
CA LEU B 278 4.89 25.02 -7.01
C LEU B 278 4.91 23.49 -6.91
N VAL B 279 4.18 22.94 -5.95
CA VAL B 279 4.13 21.48 -5.79
C VAL B 279 2.89 20.87 -6.46
N CYS B 280 1.71 21.28 -6.04
CA CYS B 280 0.49 20.73 -6.62
C CYS B 280 0.39 21.06 -8.11
N GLY B 281 0.84 22.25 -8.49
CA GLY B 281 0.78 22.64 -9.89
C GLY B 281 1.69 21.87 -10.82
N THR B 282 2.72 21.24 -10.27
CA THR B 282 3.66 20.49 -11.09
C THR B 282 3.49 18.98 -11.03
N ARG B 283 2.47 18.50 -10.33
CA ARG B 283 2.27 17.06 -10.23
C ARG B 283 0.92 16.58 -10.76
N VAL B 284 0.85 15.28 -11.04
CA VAL B 284 -0.38 14.65 -11.50
C VAL B 284 -0.43 13.26 -10.87
N ALA B 285 -1.64 12.76 -10.59
CA ALA B 285 -1.79 11.45 -10.00
C ALA B 285 -1.01 10.44 -10.83
N GLY B 286 -0.42 9.45 -10.17
CA GLY B 286 0.36 8.44 -10.88
C GLY B 286 1.86 8.67 -10.76
N MET B 287 2.27 9.92 -10.56
CA MET B 287 3.68 10.23 -10.40
C MET B 287 4.15 9.70 -9.04
N PRO B 288 5.39 9.22 -8.96
CA PRO B 288 5.92 8.68 -7.70
C PRO B 288 6.26 9.79 -6.70
N ARG B 289 6.01 9.54 -5.42
CA ARG B 289 6.30 10.53 -4.37
C ARG B 289 5.80 11.93 -4.75
N MET B 290 4.48 12.07 -4.87
CA MET B 290 3.88 13.36 -5.23
C MET B 290 4.05 14.43 -4.16
N GLY B 291 4.08 14.01 -2.90
CA GLY B 291 4.25 14.95 -1.81
C GLY B 291 2.95 15.67 -1.45
N THR B 292 1.88 15.27 -2.10
CA THR B 292 0.56 15.86 -1.88
C THR B 292 -0.50 14.97 -2.49
N THR B 293 -1.73 15.10 -1.99
CA THR B 293 -2.85 14.32 -2.51
C THR B 293 -3.44 14.96 -3.76
N ASN B 294 -3.20 16.25 -3.94
CA ASN B 294 -3.75 16.97 -5.08
C ASN B 294 -2.74 17.41 -6.14
N GLY B 295 -2.72 16.70 -7.26
CA GLY B 295 -1.84 17.04 -8.35
C GLY B 295 -2.66 17.73 -9.43
N TRP B 296 -2.50 19.05 -9.55
CA TRP B 296 -3.25 19.82 -10.53
C TRP B 296 -2.85 19.62 -11.99
N SER B 297 -1.65 19.09 -12.21
CA SER B 297 -1.14 18.86 -13.56
C SER B 297 -1.26 20.13 -14.42
N CYS B 298 -0.66 21.23 -13.93
CA CYS B 298 -0.73 22.51 -14.62
C CYS B 298 0.57 23.01 -15.24
N ILE B 299 1.66 22.93 -14.48
CA ILE B 299 2.95 23.43 -14.94
C ILE B 299 3.95 22.35 -15.33
N PHE B 300 4.38 22.36 -16.59
CA PHE B 300 5.38 21.41 -17.07
C PHE B 300 6.46 22.15 -17.88
N ALA B 301 7.60 21.49 -18.11
CA ALA B 301 8.73 22.10 -18.81
C ALA B 301 8.63 22.15 -20.33
N ARG B 302 9.15 23.24 -20.91
CA ARG B 302 9.15 23.38 -22.37
C ARG B 302 10.40 22.63 -22.82
N ALA B 303 10.44 22.23 -24.08
CA ALA B 303 11.60 21.51 -24.59
C ALA B 303 12.88 22.33 -24.36
N ALA B 304 12.77 23.65 -24.50
CA ALA B 304 13.91 24.54 -24.31
C ALA B 304 14.51 24.48 -22.90
N MET B 305 13.65 24.23 -21.92
CA MET B 305 14.09 24.14 -20.52
C MET B 305 14.87 22.84 -20.34
N VAL B 306 14.36 21.77 -20.95
CA VAL B 306 15.00 20.48 -20.86
C VAL B 306 16.37 20.54 -21.51
N GLN B 307 16.47 21.34 -22.57
CA GLN B 307 17.72 21.48 -23.31
C GLN B 307 18.81 22.16 -22.50
N LYS B 308 18.40 22.92 -21.48
CA LYS B 308 19.37 23.60 -20.63
C LYS B 308 20.24 22.56 -19.94
N PHE B 309 19.69 21.36 -19.78
CA PHE B 309 20.42 20.26 -19.15
C PHE B 309 20.93 19.25 -20.20
N PHE B 310 20.32 19.25 -21.37
CA PHE B 310 20.74 18.35 -22.45
C PHE B 310 20.85 19.05 -23.79
N SER B 311 22.04 19.54 -24.11
CA SER B 311 22.28 20.23 -25.37
C SER B 311 21.65 19.44 -26.50
N ASN B 312 21.87 18.14 -26.46
CA ASN B 312 21.31 17.25 -27.46
C ASN B 312 20.10 16.60 -26.80
N LEU B 313 18.90 16.94 -27.25
CA LEU B 313 17.71 16.37 -26.65
C LEU B 313 17.59 14.86 -26.80
N GLU B 314 18.38 14.26 -27.69
CA GLU B 314 18.33 12.80 -27.86
C GLU B 314 19.01 12.11 -26.68
N ASP B 315 19.76 12.88 -25.89
CA ASP B 315 20.44 12.30 -24.74
C ASP B 315 19.53 12.25 -23.52
N VAL B 316 18.32 12.76 -23.67
CA VAL B 316 17.35 12.77 -22.57
C VAL B 316 16.73 11.40 -22.33
N PRO B 317 16.90 10.86 -21.11
CA PRO B 317 16.34 9.55 -20.77
C PRO B 317 14.83 9.53 -21.07
N MET B 318 14.42 8.66 -21.99
CA MET B 318 13.01 8.55 -22.37
C MET B 318 12.58 7.11 -22.58
N LEU B 319 11.33 6.81 -22.26
CA LEU B 319 10.79 5.47 -22.45
C LEU B 319 10.67 5.26 -23.96
N PRO B 320 11.16 4.12 -24.48
CA PRO B 320 11.06 3.89 -25.91
C PRO B 320 9.60 3.87 -26.39
N ALA B 321 9.37 4.36 -27.59
CA ALA B 321 8.02 4.37 -28.16
C ALA B 321 7.44 2.96 -28.28
N ASP B 322 8.29 1.99 -28.56
CA ASP B 322 7.82 0.62 -28.72
C ASP B 322 7.71 -0.17 -27.42
N VAL B 323 7.69 0.53 -26.29
CA VAL B 323 7.55 -0.13 -24.98
C VAL B 323 6.24 0.36 -24.36
N GLU B 324 5.24 -0.51 -24.35
CA GLU B 324 3.94 -0.15 -23.81
C GLU B 324 3.95 0.07 -22.30
N ILE B 325 3.17 1.04 -21.86
CA ILE B 325 3.05 1.36 -20.45
C ILE B 325 1.93 0.50 -19.86
N PRO B 326 2.26 -0.33 -18.87
CA PRO B 326 1.28 -1.21 -18.23
C PRO B 326 0.04 -0.44 -17.75
N THR B 327 -1.12 -1.07 -17.88
CA THR B 327 -2.36 -0.45 -17.45
C THR B 327 -2.63 -0.75 -15.98
N LYS B 328 -1.97 -1.79 -15.47
CA LYS B 328 -2.13 -2.17 -14.07
C LYS B 328 -0.77 -2.42 -13.45
N GLY B 329 -0.76 -2.56 -12.12
CA GLY B 329 0.48 -2.83 -11.41
C GLY B 329 1.42 -1.67 -11.15
N LEU B 330 1.04 -0.46 -11.55
CA LEU B 330 1.89 0.69 -11.34
C LEU B 330 1.22 1.67 -10.39
N ASP B 331 0.90 1.21 -9.19
CA ASP B 331 0.23 2.05 -8.20
C ASP B 331 1.17 2.61 -7.14
N THR B 332 1.87 1.74 -6.43
CA THR B 332 2.78 2.20 -5.39
C THR B 332 4.08 2.77 -5.95
N ASP B 333 4.74 3.62 -5.18
CA ASP B 333 5.99 4.20 -5.63
C ASP B 333 7.01 3.10 -5.90
N GLU B 334 6.95 2.03 -5.12
CA GLU B 334 7.86 0.91 -5.30
C GLU B 334 7.66 0.28 -6.68
N GLN B 335 6.39 0.11 -7.08
CA GLN B 335 6.09 -0.47 -8.38
C GLN B 335 6.46 0.47 -9.52
N ILE B 336 6.22 1.76 -9.34
CA ILE B 336 6.53 2.73 -10.37
C ILE B 336 8.05 2.84 -10.56
N ASP B 337 8.78 2.98 -9.44
CA ASP B 337 10.24 3.09 -9.50
C ASP B 337 10.83 1.85 -10.19
N ALA B 338 10.22 0.70 -9.95
CA ALA B 338 10.67 -0.55 -10.53
C ALA B 338 10.66 -0.44 -12.05
N PHE B 339 9.55 0.02 -12.59
CA PHE B 339 9.41 0.18 -14.03
C PHE B 339 10.35 1.25 -14.58
N ASP B 340 10.39 2.41 -13.94
CA ASP B 340 11.25 3.48 -14.41
C ASP B 340 12.72 3.08 -14.39
N ALA B 341 13.14 2.43 -13.30
CA ALA B 341 14.53 1.99 -13.17
C ALA B 341 14.90 1.06 -14.32
N GLU B 342 14.02 0.11 -14.61
CA GLU B 342 14.26 -0.84 -15.67
C GLU B 342 14.54 -0.12 -17.00
N HIS B 343 13.80 0.96 -17.25
CA HIS B 343 13.99 1.71 -18.49
C HIS B 343 14.85 2.96 -18.30
N GLY B 344 15.48 3.07 -17.14
CA GLY B 344 16.36 4.19 -16.86
C GLY B 344 15.70 5.55 -16.91
N ILE B 345 14.49 5.65 -16.39
CA ILE B 345 13.80 6.93 -16.42
C ILE B 345 13.30 7.49 -15.10
N ARG B 346 13.96 7.14 -14.01
CA ARG B 346 13.58 7.67 -12.70
C ARG B 346 14.23 9.05 -12.67
N THR B 347 13.68 9.97 -11.88
CA THR B 347 14.28 11.30 -11.83
C THR B 347 15.78 11.22 -11.53
N GLU B 348 16.18 10.28 -10.68
CA GLU B 348 17.61 10.20 -10.36
C GLU B 348 18.42 9.75 -11.59
N ASP B 349 17.78 9.03 -12.50
CA ASP B 349 18.45 8.60 -13.72
C ASP B 349 18.56 9.82 -14.64
N MET B 350 17.58 10.71 -14.51
CA MET B 350 17.55 11.95 -15.29
C MET B 350 18.74 12.79 -14.87
N ILE B 351 18.97 12.84 -13.55
CA ILE B 351 20.06 13.59 -12.96
C ILE B 351 21.43 13.01 -13.35
N LYS B 352 21.57 11.69 -13.23
CA LYS B 352 22.83 11.04 -13.59
C LYS B 352 23.13 11.31 -15.06
N ALA B 353 22.09 11.22 -15.88
CA ALA B 353 22.25 11.45 -17.31
C ALA B 353 22.68 12.89 -17.60
N ALA B 354 22.10 13.85 -16.88
CA ALA B 354 22.43 15.25 -17.10
C ALA B 354 23.78 15.62 -16.48
N GLY B 355 24.22 14.87 -15.48
CA GLY B 355 25.47 15.18 -14.81
C GLY B 355 25.30 16.53 -14.12
N ASP B 356 24.13 16.73 -13.51
CA ASP B 356 23.81 17.98 -12.82
C ASP B 356 22.68 17.72 -11.81
N ASP B 357 22.95 17.96 -10.53
CA ASP B 357 21.96 17.74 -9.46
C ASP B 357 20.68 18.53 -9.68
N ARG B 358 20.78 19.61 -10.45
CA ARG B 358 19.64 20.48 -10.68
C ARG B 358 18.61 20.01 -11.70
N ALA B 359 18.95 18.96 -12.45
CA ALA B 359 18.04 18.43 -13.46
C ALA B 359 16.92 17.64 -12.79
N LEU B 360 16.15 18.31 -11.95
CA LEU B 360 15.06 17.67 -11.23
C LEU B 360 13.82 17.61 -12.12
N LEU B 361 13.85 16.69 -13.09
CA LEU B 361 12.73 16.50 -14.02
C LEU B 361 12.28 15.04 -13.99
N TYR B 362 11.12 14.76 -14.57
CA TYR B 362 10.62 13.39 -14.59
C TYR B 362 10.00 13.01 -15.93
N SER B 363 10.54 11.94 -16.53
CA SER B 363 10.05 11.44 -17.81
C SER B 363 9.59 9.99 -17.64
N GLY B 364 9.49 9.54 -16.40
CA GLY B 364 9.05 8.18 -16.12
C GLY B 364 7.60 7.98 -16.53
N VAL B 365 7.06 6.80 -16.24
CA VAL B 365 5.68 6.47 -16.63
C VAL B 365 4.58 6.91 -15.68
N GLY B 366 4.94 7.36 -14.48
CA GLY B 366 3.92 7.80 -13.55
C GLY B 366 3.18 9.00 -14.12
N GLY B 367 1.89 8.83 -14.37
CA GLY B 367 1.10 9.92 -14.92
C GLY B 367 0.95 9.88 -16.43
N GLY B 368 1.62 8.93 -17.08
CA GLY B 368 1.50 8.82 -18.54
C GLY B 368 2.79 8.98 -19.33
N ARG B 369 2.73 8.56 -20.60
CA ARG B 369 3.88 8.67 -21.49
C ARG B 369 4.09 10.16 -21.74
N ARG B 370 5.28 10.66 -21.44
CA ARG B 370 5.59 12.07 -21.62
C ARG B 370 6.25 12.37 -22.96
N LYS B 371 6.17 13.63 -23.37
CA LYS B 371 6.82 14.09 -24.59
C LYS B 371 7.83 15.11 -24.08
N ILE B 372 8.82 15.43 -24.89
CA ILE B 372 9.79 16.44 -24.51
C ILE B 372 9.29 17.70 -25.19
N GLN B 373 8.96 17.58 -26.48
CA GLN B 373 8.44 18.70 -27.24
C GLN B 373 7.10 18.28 -27.85
N THR B 374 6.16 19.21 -27.98
CA THR B 374 4.86 18.89 -28.55
C THR B 374 4.52 19.76 -29.75
N ASP B 375 3.83 19.18 -30.72
CA ASP B 375 3.45 19.92 -31.92
C ASP B 375 2.25 20.81 -31.66
N ALA B 376 1.59 20.55 -30.54
CA ALA B 376 0.41 21.31 -30.12
C ALA B 376 0.21 21.14 -28.61
N ILE B 377 0.09 22.26 -27.90
CA ILE B 377 -0.10 22.23 -26.46
C ILE B 377 -1.48 21.64 -26.18
N SER B 378 -1.51 20.39 -25.72
CA SER B 378 -2.78 19.72 -25.45
C SER B 378 -2.96 19.25 -24.02
N GLY B 379 -1.87 19.01 -23.30
CA GLY B 379 -2.00 18.54 -21.94
C GLY B 379 -0.72 18.53 -21.15
N PHE B 380 -0.85 18.24 -19.86
CA PHE B 380 0.26 18.18 -18.93
C PHE B 380 1.39 17.26 -19.38
N THR B 381 1.06 16.12 -19.98
CA THR B 381 2.09 15.19 -20.43
C THR B 381 2.78 15.57 -21.75
N ASP B 382 2.50 16.77 -22.26
CA ASP B 382 3.13 17.22 -23.50
C ASP B 382 4.54 17.73 -23.28
N GLY B 383 5.01 17.63 -22.04
CA GLY B 383 6.35 18.07 -21.68
C GLY B 383 6.76 17.33 -20.42
N LEU B 384 8.06 17.34 -20.10
CA LEU B 384 8.53 16.65 -18.92
C LEU B 384 8.05 17.38 -17.67
N SER B 385 7.84 16.62 -16.60
CA SER B 385 7.39 17.19 -15.34
C SER B 385 8.58 17.77 -14.58
N ILE B 386 8.34 18.84 -13.83
CA ILE B 386 9.36 19.51 -13.03
C ILE B 386 9.13 19.13 -11.57
N VAL B 387 10.07 18.39 -10.98
CA VAL B 387 9.94 17.96 -9.60
C VAL B 387 10.98 18.61 -8.69
N LYS B 388 11.35 19.84 -9.02
CA LYS B 388 12.33 20.60 -8.23
C LYS B 388 11.77 20.94 -6.85
N TRP B 389 10.52 21.37 -6.78
CA TRP B 389 9.91 21.70 -5.50
C TRP B 389 9.33 20.44 -4.90
N GLN B 390 9.58 20.19 -3.61
CA GLN B 390 9.07 18.99 -2.97
C GLN B 390 8.47 19.20 -1.59
N ASN B 391 7.46 18.41 -1.27
CA ASN B 391 6.86 18.49 0.05
C ASN B 391 7.34 17.31 0.89
N TYR B 392 8.66 17.15 0.94
CA TYR B 392 9.31 16.11 1.71
C TYR B 392 10.45 16.77 2.46
N ARG B 393 10.67 16.37 3.71
CA ARG B 393 11.74 16.94 4.51
C ARG B 393 13.03 16.17 4.25
N SER B 394 14.16 16.88 4.29
CA SER B 394 15.45 16.25 4.08
C SER B 394 15.73 15.24 5.20
N ASP B 395 15.17 15.49 6.39
CA ASP B 395 15.38 14.60 7.53
C ASP B 395 14.41 13.42 7.58
N GLY B 396 13.62 13.26 6.53
CA GLY B 396 12.68 12.15 6.47
C GLY B 396 11.52 12.19 7.44
N LYS B 397 11.40 13.28 8.19
CA LYS B 397 10.31 13.39 9.15
C LYS B 397 9.04 13.85 8.44
N PRO B 398 7.88 13.46 8.97
CA PRO B 398 6.60 13.84 8.38
C PRO B 398 6.35 15.35 8.30
N VAL B 399 5.67 15.80 7.25
CA VAL B 399 5.35 17.20 7.10
C VAL B 399 4.00 17.40 7.80
N SER B 400 3.59 18.65 7.99
CA SER B 400 2.35 18.95 8.70
C SER B 400 1.02 18.63 8.02
N HIS B 401 1.00 18.55 6.69
CA HIS B 401 -0.26 18.30 6.00
C HIS B 401 -0.11 17.33 4.82
N ALA B 402 -1.22 16.70 4.45
CA ALA B 402 -1.22 15.75 3.35
C ALA B 402 -1.47 16.37 1.99
N THR B 403 -2.04 17.59 1.98
CA THR B 403 -2.32 18.26 0.72
C THR B 403 -1.47 19.52 0.50
N TYR B 404 -1.42 20.39 1.49
CA TYR B 404 -0.65 21.62 1.38
C TYR B 404 0.77 21.40 1.90
N PRO B 405 1.78 21.94 1.19
CA PRO B 405 3.18 21.79 1.59
C PRO B 405 3.69 22.72 2.68
N ASP B 406 4.76 22.31 3.36
CA ASP B 406 5.37 23.12 4.41
C ASP B 406 6.53 23.88 3.79
N THR B 407 6.89 23.49 2.57
CA THR B 407 8.01 24.10 1.87
C THR B 407 7.93 25.61 1.77
N ASP B 408 8.96 26.29 2.28
CA ASP B 408 9.03 27.75 2.20
C ASP B 408 9.55 28.08 0.80
N ILE B 409 9.35 29.33 0.38
CA ILE B 409 9.84 29.78 -0.93
C ILE B 409 11.11 30.59 -0.70
N PRO B 410 12.27 30.04 -1.07
CA PRO B 410 13.53 30.77 -0.88
C PRO B 410 13.67 31.83 -1.97
N LEU B 411 12.88 32.89 -1.84
CA LEU B 411 12.86 33.99 -2.81
C LEU B 411 14.26 34.54 -3.10
N PHE B 412 15.02 34.79 -2.04
CA PHE B 412 16.39 35.31 -2.16
C PHE B 412 17.38 34.20 -1.75
N ARG B 413 18.28 33.83 -2.66
CA ARG B 413 19.28 32.81 -2.39
C ARG B 413 20.67 33.35 -2.70
N LEU B 414 21.67 32.91 -1.93
CA LEU B 414 23.03 33.35 -2.14
C LEU B 414 23.48 33.11 -3.58
N ALA B 415 23.04 32.01 -4.18
CA ALA B 415 23.43 31.70 -5.55
C ALA B 415 23.22 32.87 -6.49
N GLU B 416 22.26 33.74 -6.19
CA GLU B 416 22.04 34.89 -7.06
C GLU B 416 23.26 35.79 -7.10
N ALA B 417 23.97 35.88 -5.97
CA ALA B 417 25.15 36.72 -5.91
C ALA B 417 26.22 36.19 -6.86
N TYR B 418 26.41 34.88 -6.87
CA TYR B 418 27.41 34.28 -7.74
C TYR B 418 27.13 34.50 -9.22
N LEU B 419 25.88 34.33 -9.63
CA LEU B 419 25.52 34.53 -11.04
C LEU B 419 25.54 36.00 -11.40
N THR B 420 25.13 36.85 -10.46
CA THR B 420 25.12 38.29 -10.70
C THR B 420 26.55 38.80 -10.86
N ARG B 421 27.45 38.36 -10.00
CA ARG B 421 28.84 38.80 -10.09
C ARG B 421 29.48 38.22 -11.33
N ALA B 422 29.22 36.94 -11.57
CA ALA B 422 29.78 36.27 -12.74
C ALA B 422 29.43 37.07 -13.99
N GLU B 423 28.14 37.37 -14.16
CA GLU B 423 27.71 38.15 -15.31
C GLU B 423 28.33 39.55 -15.33
N ALA B 424 28.30 40.22 -14.17
CA ALA B 424 28.86 41.56 -14.07
C ALA B 424 30.33 41.55 -14.51
N ILE B 425 31.10 40.61 -13.99
CA ILE B 425 32.51 40.49 -14.35
C ILE B 425 32.65 40.19 -15.85
N PHE B 426 31.84 39.25 -16.33
CA PHE B 426 31.88 38.87 -17.74
C PHE B 426 31.66 40.08 -18.64
N ARG B 427 30.61 40.83 -18.38
CA ARG B 427 30.30 42.00 -19.19
C ARG B 427 31.34 43.13 -19.08
N GLN B 428 32.24 43.06 -18.11
CA GLN B 428 33.27 44.08 -17.96
C GLN B 428 34.57 43.60 -18.62
N GLY B 429 34.54 42.38 -19.15
CA GLY B 429 35.71 41.83 -19.81
C GLY B 429 36.58 40.96 -18.90
N GLY B 430 36.08 40.65 -17.72
CA GLY B 430 36.84 39.83 -16.80
C GLY B 430 36.58 38.33 -16.94
N ASP B 431 37.28 37.53 -16.14
CA ASP B 431 37.13 36.07 -16.16
C ASP B 431 36.12 35.65 -15.11
N ALA B 432 34.91 35.30 -15.58
CA ALA B 432 33.83 34.92 -14.69
C ALA B 432 33.73 33.41 -14.43
N THR B 433 34.72 32.65 -14.89
CA THR B 433 34.68 31.20 -14.69
C THR B 433 34.62 30.78 -13.22
N GLY B 434 35.36 31.46 -12.37
CA GLY B 434 35.37 31.13 -10.97
C GLY B 434 33.99 31.10 -10.35
N ASP B 435 33.22 32.17 -10.52
CA ASP B 435 31.90 32.23 -9.96
C ASP B 435 30.91 31.23 -10.56
N ILE B 436 30.96 31.04 -11.88
CA ILE B 436 30.07 30.09 -12.52
C ILE B 436 30.37 28.67 -12.01
N ASN B 437 31.66 28.38 -11.84
CA ASN B 437 32.08 27.06 -11.37
C ASN B 437 31.67 26.78 -9.94
N GLU B 438 31.50 27.85 -9.17
CA GLU B 438 31.11 27.70 -7.78
C GLU B 438 29.73 27.05 -7.71
N LEU B 439 28.85 27.45 -8.61
CA LEU B 439 27.50 26.90 -8.65
C LEU B 439 27.52 25.53 -9.30
N ARG B 440 28.25 25.39 -10.39
CA ARG B 440 28.31 24.09 -11.05
C ARG B 440 28.96 23.05 -10.14
N LYS B 441 29.89 23.48 -9.30
CA LYS B 441 30.54 22.56 -8.37
C LYS B 441 29.50 22.10 -7.35
N ARG B 442 28.74 23.05 -6.81
CA ARG B 442 27.72 22.74 -5.81
C ARG B 442 26.69 21.75 -6.34
N ALA B 443 26.41 21.82 -7.64
CA ALA B 443 25.45 20.92 -8.26
C ALA B 443 26.14 19.64 -8.76
N ASN B 444 27.39 19.45 -8.39
CA ASN B 444 28.15 18.26 -8.81
C ASN B 444 28.12 18.03 -10.32
N CYS B 445 28.31 19.10 -11.10
CA CYS B 445 28.29 18.99 -12.56
C CYS B 445 29.52 18.29 -13.08
N THR B 446 29.32 17.39 -14.04
CA THR B 446 30.43 16.67 -14.66
C THR B 446 31.04 17.53 -15.76
N ARG B 447 30.25 18.48 -16.26
CA ARG B 447 30.74 19.37 -17.30
C ARG B 447 31.16 20.69 -16.67
N LYS B 448 32.40 21.10 -16.94
CA LYS B 448 32.90 22.36 -16.40
C LYS B 448 32.89 23.40 -17.51
N VAL B 449 32.57 24.63 -17.15
CA VAL B 449 32.54 25.72 -18.12
C VAL B 449 33.92 26.36 -18.13
N GLN B 450 34.74 25.98 -19.11
CA GLN B 450 36.10 26.51 -19.22
C GLN B 450 36.10 28.00 -19.59
N THR B 451 35.20 28.37 -20.50
CA THR B 451 35.11 29.75 -20.95
C THR B 451 33.67 30.24 -20.88
N VAL B 452 33.47 31.30 -20.11
CA VAL B 452 32.13 31.85 -19.99
C VAL B 452 31.77 32.60 -21.27
N THR B 453 30.51 32.50 -21.66
CA THR B 453 29.99 33.19 -22.85
C THR B 453 28.60 33.70 -22.49
N GLU B 454 28.05 34.55 -23.33
CA GLU B 454 26.72 35.10 -23.07
C GLU B 454 25.67 34.01 -23.02
N GLN B 455 25.70 33.07 -23.97
CA GLN B 455 24.72 31.98 -23.99
C GLN B 455 24.87 31.06 -22.79
N GLU B 456 26.12 30.79 -22.40
CA GLU B 456 26.37 29.92 -21.28
C GLU B 456 25.79 30.56 -20.01
N LEU B 457 25.90 31.88 -19.90
CA LEU B 457 25.37 32.60 -18.73
C LEU B 457 23.85 32.60 -18.61
N ILE B 458 23.14 32.89 -19.70
CA ILE B 458 21.68 32.90 -19.61
C ILE B 458 21.18 31.47 -19.39
N ASP B 459 21.91 30.48 -19.90
CA ASP B 459 21.53 29.09 -19.70
C ASP B 459 21.71 28.72 -18.23
N GLU B 460 22.79 29.22 -17.64
CA GLU B 460 23.10 28.96 -16.23
C GLU B 460 22.02 29.60 -15.35
N TRP B 461 21.60 30.81 -15.69
CA TRP B 461 20.54 31.45 -14.90
C TRP B 461 19.33 30.51 -14.91
N ALA B 462 19.07 29.90 -16.05
CA ALA B 462 17.95 28.98 -16.19
C ALA B 462 18.13 27.76 -15.31
N ARG B 463 19.27 27.09 -15.44
CA ARG B 463 19.54 25.89 -14.66
C ARG B 463 19.50 26.11 -13.15
N GLU B 464 20.01 27.27 -12.71
CA GLU B 464 20.05 27.57 -11.28
C GLU B 464 18.72 28.04 -10.70
N PHE B 465 18.02 28.92 -11.42
CA PHE B 465 16.77 29.47 -10.92
C PHE B 465 15.47 29.15 -11.65
N TYR B 466 15.44 28.11 -12.48
CA TYR B 466 14.19 27.83 -13.19
C TYR B 466 13.06 27.59 -12.19
N LEU B 467 11.87 28.08 -12.55
CA LEU B 467 10.69 27.97 -11.70
C LEU B 467 10.82 28.71 -10.37
N GLU B 468 11.51 29.85 -10.39
CA GLU B 468 11.66 30.66 -9.18
C GLU B 468 11.16 32.10 -9.39
N GLY B 469 10.46 32.31 -10.49
CA GLY B 469 9.87 33.61 -10.78
C GLY B 469 10.70 34.79 -11.27
N ARG B 470 11.83 34.56 -11.91
CA ARG B 470 12.65 35.68 -12.39
C ARG B 470 13.07 35.59 -13.85
N ARG B 471 12.89 34.41 -14.45
CA ARG B 471 13.32 34.15 -15.82
C ARG B 471 13.20 35.28 -16.82
N ARG B 472 11.99 35.83 -16.98
CA ARG B 472 11.76 36.90 -17.93
C ARG B 472 12.73 38.08 -17.77
N SER B 473 12.90 38.54 -16.53
CA SER B 473 13.78 39.66 -16.25
C SER B 473 15.16 39.48 -16.86
N ASP B 474 15.74 38.30 -16.65
CA ASP B 474 17.06 38.03 -17.20
C ASP B 474 17.05 37.98 -18.72
N LEU B 475 16.02 37.35 -19.31
CA LEU B 475 15.94 37.26 -20.76
C LEU B 475 15.88 38.67 -21.35
N VAL B 476 15.15 39.57 -20.70
CA VAL B 476 15.07 40.94 -21.19
C VAL B 476 16.45 41.58 -21.13
N ARG B 477 17.15 41.39 -20.02
CA ARG B 477 18.48 41.98 -19.86
C ARG B 477 19.43 41.48 -20.94
N PHE B 478 19.30 40.21 -21.29
CA PHE B 478 20.14 39.62 -22.33
C PHE B 478 19.60 39.92 -23.72
N GLY B 479 18.55 40.72 -23.79
CA GLY B 479 17.95 41.06 -25.09
C GLY B 479 17.49 39.83 -25.83
N MET B 480 16.92 38.88 -25.10
CA MET B 480 16.43 37.63 -25.66
C MET B 480 14.95 37.34 -25.41
N PHE B 481 14.26 38.23 -24.70
CA PHE B 481 12.86 37.96 -24.41
C PHE B 481 11.89 38.07 -25.59
N THR B 482 12.02 39.13 -26.38
CA THR B 482 11.12 39.34 -27.52
C THR B 482 11.72 39.09 -28.90
N THR B 483 13.04 39.19 -28.97
CA THR B 483 13.78 39.06 -30.24
C THR B 483 14.03 37.66 -30.81
N ASN B 484 14.67 37.64 -31.99
CA ASN B 484 15.03 36.42 -32.68
C ASN B 484 16.35 35.90 -32.16
N LYS B 485 16.97 36.67 -31.27
CA LYS B 485 18.26 36.31 -30.72
C LYS B 485 18.22 34.91 -30.07
N TYR B 486 17.10 34.60 -29.46
CA TYR B 486 16.91 33.32 -28.79
C TYR B 486 15.46 32.88 -28.97
N LEU B 487 15.25 31.78 -29.68
CA LEU B 487 13.90 31.27 -29.88
C LEU B 487 13.75 29.93 -29.16
N TRP B 488 12.60 29.74 -28.51
CA TRP B 488 12.32 28.52 -27.79
C TRP B 488 10.94 28.03 -28.20
N ASP B 489 10.65 26.77 -27.97
CA ASP B 489 9.34 26.24 -28.37
C ASP B 489 8.17 27.01 -27.78
N TRP B 490 7.24 27.36 -28.66
CA TRP B 490 6.02 28.10 -28.35
C TRP B 490 6.17 29.59 -28.05
N LYS B 491 7.35 30.14 -28.35
CA LYS B 491 7.59 31.56 -28.15
C LYS B 491 6.82 32.28 -29.25
N GLY B 492 6.09 33.33 -28.88
CA GLY B 492 5.31 34.08 -29.87
C GLY B 492 4.15 33.27 -30.44
N GLY B 493 3.82 32.17 -29.77
CA GLY B 493 2.73 31.35 -30.23
C GLY B 493 3.09 30.42 -31.37
N ALA B 494 4.36 30.44 -31.78
CA ALA B 494 4.83 29.58 -32.87
C ALA B 494 5.36 28.27 -32.31
N MET B 495 5.03 27.17 -33.00
CA MET B 495 5.47 25.85 -32.59
C MET B 495 6.93 25.81 -32.18
N ASN B 496 7.81 26.23 -33.10
CA ASN B 496 9.24 26.24 -32.82
C ASN B 496 9.73 27.58 -32.32
N GLY B 497 8.80 28.51 -32.12
CA GLY B 497 9.16 29.83 -31.62
C GLY B 497 9.41 30.89 -32.68
N THR B 498 9.14 32.13 -32.30
CA THR B 498 9.35 33.27 -33.17
C THR B 498 9.37 34.55 -32.34
N SER B 499 9.85 35.64 -32.93
CA SER B 499 9.93 36.91 -32.21
C SER B 499 8.60 37.65 -32.19
N VAL B 500 8.50 38.62 -31.29
CA VAL B 500 7.32 39.47 -31.15
C VAL B 500 7.81 40.91 -31.03
N ALA B 501 6.89 41.86 -31.07
CA ALA B 501 7.25 43.28 -30.96
C ALA B 501 8.12 43.56 -29.73
N SER B 502 9.11 44.42 -29.90
CA SER B 502 10.01 44.76 -28.81
C SER B 502 9.34 45.48 -27.64
N TYR B 503 8.18 46.08 -27.86
CA TYR B 503 7.50 46.77 -26.78
C TYR B 503 6.95 45.81 -25.73
N TYR B 504 7.06 44.52 -26.02
CA TYR B 504 6.58 43.48 -25.11
C TYR B 504 7.58 43.19 -24.00
N ASN B 505 8.69 43.92 -24.00
CA ASN B 505 9.70 43.76 -22.95
C ASN B 505 9.18 44.41 -21.68
N LYS B 506 8.04 45.08 -21.83
CA LYS B 506 7.38 45.72 -20.69
C LYS B 506 5.89 45.36 -20.76
N TYR B 507 5.31 45.00 -19.63
CA TYR B 507 3.88 44.70 -19.56
C TYR B 507 3.17 46.05 -19.60
N PRO B 508 1.96 46.11 -20.17
CA PRO B 508 1.28 47.42 -20.21
C PRO B 508 0.63 47.79 -18.88
N ILE B 509 0.43 49.08 -18.68
CA ILE B 509 -0.25 49.55 -17.48
C ILE B 509 -1.69 49.10 -17.71
N PRO B 510 -2.31 48.45 -16.72
CA PRO B 510 -3.69 47.99 -16.87
C PRO B 510 -4.60 49.11 -17.36
N VAL B 511 -5.33 48.85 -18.44
CA VAL B 511 -6.23 49.87 -18.98
C VAL B 511 -7.15 50.42 -17.90
N SER B 512 -7.41 49.62 -16.88
CA SER B 512 -8.28 50.07 -15.79
C SER B 512 -7.63 51.20 -14.99
N ASP B 513 -6.34 51.08 -14.73
CA ASP B 513 -5.65 52.11 -13.96
C ASP B 513 -5.47 53.33 -14.86
N ILE B 514 -5.32 53.08 -16.16
CA ILE B 514 -5.17 54.18 -17.11
C ILE B 514 -6.45 55.01 -17.08
N ASN B 515 -7.60 54.33 -16.98
CA ASN B 515 -8.88 55.01 -16.96
C ASN B 515 -9.21 55.61 -15.60
N ASN B 516 -8.62 55.05 -14.54
CA ASN B 516 -8.87 55.53 -13.19
C ASN B 516 -7.90 56.60 -12.70
N ASN B 517 -6.65 56.54 -13.18
CA ASN B 517 -5.64 57.50 -12.77
C ASN B 517 -5.12 58.27 -13.98
N ARG B 518 -5.50 59.55 -14.11
CA ARG B 518 -5.08 60.37 -15.24
C ARG B 518 -3.57 60.64 -15.19
N ASN B 519 -2.98 60.49 -14.02
CA ASN B 519 -1.56 60.71 -13.83
C ASN B 519 -0.71 59.65 -14.52
N MET B 520 -1.30 58.47 -14.74
CA MET B 520 -0.58 57.38 -15.37
C MET B 520 -0.71 57.42 -16.89
N SER B 521 0.37 57.03 -17.59
CA SER B 521 0.36 56.99 -19.05
C SER B 521 0.76 55.59 -19.49
N GLN B 522 0.14 55.10 -20.56
CA GLN B 522 0.41 53.77 -21.09
C GLN B 522 1.84 53.63 -21.61
N ASN B 523 2.32 52.40 -21.69
CA ASN B 523 3.67 52.15 -22.21
C ASN B 523 3.67 52.16 -23.73
N GLU B 524 4.81 52.55 -24.30
CA GLU B 524 4.96 52.62 -25.75
C GLU B 524 4.66 51.28 -26.42
N GLY B 525 4.06 51.34 -27.60
CA GLY B 525 3.73 50.13 -28.35
C GLY B 525 2.32 49.63 -28.14
N TYR B 526 1.80 49.75 -26.93
CA TYR B 526 0.45 49.27 -26.64
C TYR B 526 -0.65 50.20 -27.14
N LYS B 527 -1.77 49.58 -27.49
CA LYS B 527 -2.95 50.27 -27.99
C LYS B 527 -3.94 50.49 -26.85
N SER C 17 30.28 -42.49 -19.03
CA SER C 17 29.32 -41.60 -18.39
C SER C 17 29.95 -40.33 -17.87
N PHE C 18 31.20 -40.40 -17.43
CA PHE C 18 31.87 -39.21 -16.90
C PHE C 18 31.71 -38.00 -17.83
N ASP C 19 30.99 -37.00 -17.36
CA ASP C 19 30.77 -35.79 -18.13
C ASP C 19 31.63 -34.68 -17.51
N GLN C 20 32.85 -34.53 -18.02
CA GLN C 20 33.80 -33.55 -17.51
C GLN C 20 33.24 -32.16 -17.25
N GLN C 21 32.50 -31.63 -18.21
CA GLN C 21 31.93 -30.30 -18.06
C GLN C 21 30.92 -30.23 -16.91
N GLY C 22 30.01 -31.19 -16.85
CA GLY C 22 29.00 -31.19 -15.79
C GLY C 22 29.60 -31.30 -14.40
N VAL C 23 30.56 -32.20 -14.25
CA VAL C 23 31.23 -32.41 -12.97
C VAL C 23 31.99 -31.14 -12.57
N PHE C 24 32.64 -30.51 -13.55
CA PHE C 24 33.38 -29.30 -13.28
C PHE C 24 32.44 -28.24 -12.73
N VAL C 25 31.30 -28.05 -13.39
CA VAL C 25 30.33 -27.07 -12.96
C VAL C 25 29.77 -27.43 -11.58
N LYS C 26 29.69 -28.72 -11.30
CA LYS C 26 29.18 -29.20 -10.03
C LYS C 26 30.21 -28.89 -8.95
N GLY C 27 31.49 -28.91 -9.32
CA GLY C 27 32.54 -28.63 -8.37
C GLY C 27 32.37 -27.27 -7.70
N TYR C 28 32.05 -26.28 -8.51
CA TYR C 28 31.84 -24.92 -8.04
C TYR C 28 30.49 -24.78 -7.35
N ALA C 29 29.49 -25.47 -7.86
CA ALA C 29 28.15 -25.41 -7.29
C ALA C 29 28.06 -25.84 -5.83
N MET C 30 28.89 -26.80 -5.43
CA MET C 30 28.86 -27.30 -4.06
C MET C 30 29.02 -26.23 -2.98
N LEU C 31 29.53 -25.06 -3.37
CA LEU C 31 29.71 -23.97 -2.42
C LEU C 31 28.40 -23.22 -2.15
N GLY C 32 27.48 -23.24 -3.11
CA GLY C 32 26.23 -22.51 -2.94
C GLY C 32 24.91 -23.26 -2.98
N VAL C 33 24.93 -24.53 -3.37
CA VAL C 33 23.71 -25.32 -3.43
C VAL C 33 23.93 -26.59 -2.61
N THR C 34 22.84 -27.19 -2.14
CA THR C 34 22.93 -28.41 -1.34
C THR C 34 22.42 -29.64 -2.08
N ASP C 49 19.16 -32.79 8.15
CA ASP C 49 18.39 -31.93 7.26
C ASP C 49 19.22 -31.36 6.11
N GLU C 50 18.61 -31.27 4.93
CA GLU C 50 19.27 -30.75 3.74
C GLU C 50 19.59 -29.27 3.93
N GLY C 51 18.58 -28.50 4.32
CA GLY C 51 18.76 -27.07 4.52
C GLY C 51 19.84 -26.64 5.50
N GLU C 52 20.26 -27.55 6.38
CA GLU C 52 21.29 -27.21 7.36
C GLU C 52 22.67 -27.75 7.02
N SER C 53 22.75 -28.71 6.09
CA SER C 53 24.03 -29.32 5.73
C SER C 53 24.82 -28.69 4.58
N GLY C 54 24.44 -27.48 4.19
CA GLY C 54 25.16 -26.83 3.11
C GLY C 54 26.56 -26.41 3.51
N PHE C 55 27.44 -26.30 2.52
CA PHE C 55 28.81 -25.90 2.76
C PHE C 55 28.89 -24.55 3.48
N TYR C 56 28.15 -23.57 2.97
CA TYR C 56 28.19 -22.24 3.54
C TYR C 56 27.56 -22.09 4.93
N ARG C 57 26.37 -22.64 5.10
CA ARG C 57 25.70 -22.54 6.38
C ARG C 57 26.47 -23.20 7.52
N THR C 58 26.97 -24.41 7.30
CA THR C 58 27.72 -25.12 8.33
C THR C 58 28.98 -24.38 8.78
N THR C 59 29.82 -24.00 7.83
CA THR C 59 31.04 -23.28 8.17
C THR C 59 30.71 -21.93 8.78
N PHE C 60 29.70 -21.25 8.23
CA PHE C 60 29.31 -19.94 8.75
C PHE C 60 28.86 -20.03 10.21
N ASN C 61 28.07 -21.03 10.54
CA ASN C 61 27.58 -21.17 11.91
C ASN C 61 28.72 -21.44 12.89
N CYS C 62 29.65 -22.29 12.48
CA CYS C 62 30.79 -22.62 13.34
C CYS C 62 31.70 -21.40 13.56
N ASN C 63 31.77 -20.52 12.55
CA ASN C 63 32.62 -19.34 12.65
C ASN C 63 31.86 -18.09 13.08
N GLU C 64 30.57 -18.22 13.34
CA GLU C 64 29.75 -17.08 13.71
C GLU C 64 28.92 -17.19 14.98
N LEU C 65 28.17 -18.28 15.13
CA LEU C 65 27.30 -18.43 16.29
C LEU C 65 27.94 -18.38 17.67
N PRO C 66 29.22 -18.80 17.80
CA PRO C 66 29.86 -18.77 19.11
C PRO C 66 30.60 -17.46 19.38
N THR C 67 30.66 -16.61 18.36
CA THR C 67 31.40 -15.36 18.47
C THR C 67 30.62 -14.19 19.03
N ASP C 68 31.29 -13.03 19.03
CA ASP C 68 30.74 -11.79 19.53
C ASP C 68 29.87 -11.08 18.49
N GLU C 69 29.80 -11.64 17.29
CA GLU C 69 29.03 -11.00 16.22
C GLU C 69 27.54 -11.19 16.20
N CYS C 70 27.05 -12.35 16.61
CA CYS C 70 25.62 -12.57 16.57
C CYS C 70 25.09 -13.68 17.47
N LEU C 71 23.77 -13.86 17.44
CA LEU C 71 23.08 -14.87 18.22
C LEU C 71 21.97 -15.48 17.39
N TRP C 72 21.68 -16.76 17.63
CA TRP C 72 20.60 -17.44 16.92
C TRP C 72 19.43 -17.36 17.89
N ALA C 73 18.36 -16.68 17.48
CA ALA C 73 17.19 -16.45 18.32
C ALA C 73 16.47 -17.66 18.90
N TRP C 74 16.49 -18.79 18.21
CA TRP C 74 15.78 -19.96 18.68
C TRP C 74 16.68 -20.99 19.36
N GLN C 75 16.96 -20.73 20.62
CA GLN C 75 17.84 -21.58 21.42
C GLN C 75 17.37 -23.03 21.57
N LYS C 76 16.10 -23.31 21.31
CA LYS C 76 15.64 -24.68 21.45
C LYS C 76 16.09 -25.54 20.26
N ASN C 77 16.56 -24.91 19.18
CA ASN C 77 17.05 -25.66 18.03
C ASN C 77 18.21 -26.54 18.52
N GLN C 78 18.30 -27.77 18.03
CA GLN C 78 19.35 -28.66 18.48
C GLN C 78 20.77 -28.14 18.27
N ASP C 79 21.57 -28.22 19.32
CA ASP C 79 22.97 -27.83 19.30
C ASP C 79 23.23 -26.32 19.14
N ILE C 80 22.21 -25.50 19.35
CA ILE C 80 22.36 -24.05 19.25
C ILE C 80 22.91 -23.48 20.56
N PRO C 81 22.42 -23.97 21.70
CA PRO C 81 22.97 -23.44 22.95
C PRO C 81 24.46 -23.75 23.00
N GLN C 82 24.83 -24.97 22.65
CA GLN C 82 26.23 -25.41 22.64
C GLN C 82 27.11 -24.53 21.77
N LEU C 83 26.67 -24.24 20.55
CA LEU C 83 27.47 -23.39 19.66
C LEU C 83 27.44 -21.94 20.11
N THR C 84 26.34 -21.53 20.72
CA THR C 84 26.19 -20.16 21.19
C THR C 84 27.15 -19.78 22.31
N SER C 85 27.38 -20.70 23.25
CA SER C 85 28.26 -20.39 24.35
C SER C 85 29.61 -21.11 24.40
N ILE C 86 29.93 -21.84 23.33
CA ILE C 86 31.18 -22.58 23.24
C ILE C 86 31.22 -23.70 24.28
N SER C 87 30.27 -24.62 24.18
CA SER C 87 30.17 -25.74 25.12
C SER C 87 29.75 -27.04 24.44
N TRP C 88 30.17 -27.21 23.19
CA TRP C 88 29.85 -28.42 22.43
C TRP C 88 30.73 -29.58 22.84
N SER C 89 30.39 -30.76 22.32
CA SER C 89 31.14 -31.99 22.60
C SER C 89 31.23 -32.80 21.30
N PRO C 90 31.96 -33.92 21.31
CA PRO C 90 32.12 -34.77 20.13
C PRO C 90 30.82 -35.25 19.48
N SER C 91 29.71 -35.18 20.20
CA SER C 91 28.45 -35.62 19.64
C SER C 91 27.71 -34.46 18.95
N SER C 92 28.33 -33.28 18.91
CA SER C 92 27.73 -32.11 18.27
C SER C 92 27.25 -32.37 16.85
N GLN C 93 25.95 -32.21 16.63
CA GLN C 93 25.37 -32.43 15.31
C GLN C 93 25.87 -31.39 14.31
N ARG C 94 25.96 -30.13 14.73
CA ARG C 94 26.42 -29.08 13.84
C ARG C 94 27.91 -29.24 13.51
N THR C 95 28.66 -29.88 14.40
CA THR C 95 30.07 -30.10 14.13
C THR C 95 30.16 -31.25 13.12
N GLU C 96 29.29 -32.25 13.29
CA GLU C 96 29.27 -33.38 12.37
C GLU C 96 28.85 -32.91 10.98
N TRP C 97 27.92 -31.96 10.93
CA TRP C 97 27.43 -31.43 9.66
C TRP C 97 28.53 -30.77 8.83
N VAL C 98 29.23 -29.81 9.41
CA VAL C 98 30.29 -29.13 8.66
C VAL C 98 31.39 -30.12 8.31
N TYR C 99 31.67 -31.05 9.21
CA TYR C 99 32.72 -32.06 8.99
C TYR C 99 32.39 -32.96 7.80
N VAL C 100 31.19 -33.53 7.81
CA VAL C 100 30.77 -34.41 6.72
C VAL C 100 30.69 -33.65 5.39
N ARG C 101 30.15 -32.43 5.43
CA ARG C 101 30.03 -31.60 4.23
C ARG C 101 31.39 -31.33 3.60
N LEU C 102 32.34 -30.87 4.40
CA LEU C 102 33.69 -30.58 3.88
C LEU C 102 34.29 -31.82 3.24
N GLY C 103 34.15 -32.96 3.93
CA GLY C 103 34.68 -34.20 3.42
C GLY C 103 34.01 -34.63 2.12
N TYR C 104 32.68 -34.61 2.09
CA TYR C 104 31.99 -35.00 0.88
C TYR C 104 32.44 -34.16 -0.31
N ASP C 105 32.49 -32.84 -0.14
CA ASP C 105 32.92 -31.96 -1.22
C ASP C 105 34.29 -32.37 -1.76
N ILE C 106 35.24 -32.59 -0.86
CA ILE C 106 36.58 -32.98 -1.27
C ILE C 106 36.61 -34.30 -2.05
N THR C 107 35.72 -35.23 -1.71
CA THR C 107 35.71 -36.49 -2.44
C THR C 107 35.27 -36.24 -3.89
N GLN C 108 34.37 -35.28 -4.07
CA GLN C 108 33.88 -34.94 -5.41
C GLN C 108 34.99 -34.33 -6.25
N TYR C 109 35.92 -33.62 -5.61
CA TYR C 109 37.05 -33.02 -6.33
C TYR C 109 38.07 -34.10 -6.69
N ASN C 110 38.30 -35.02 -5.77
CA ASN C 110 39.26 -36.09 -6.01
C ASN C 110 38.79 -36.92 -7.20
N PHE C 111 37.47 -37.05 -7.32
CA PHE C 111 36.89 -37.81 -8.41
C PHE C 111 37.17 -37.11 -9.74
N PHE C 112 36.91 -35.81 -9.80
CA PHE C 112 37.15 -35.06 -11.02
C PHE C 112 38.62 -35.17 -11.39
N LEU C 113 39.49 -34.95 -10.41
CA LEU C 113 40.91 -35.00 -10.67
C LEU C 113 41.34 -36.38 -11.17
N ASP C 114 40.86 -37.44 -10.51
CA ASP C 114 41.21 -38.78 -10.95
C ASP C 114 40.73 -39.03 -12.38
N GLN C 115 39.49 -38.64 -12.68
CA GLN C 115 38.92 -38.84 -14.01
C GLN C 115 39.60 -38.02 -15.11
N THR C 116 40.30 -36.96 -14.74
CA THR C 116 40.97 -36.13 -15.73
C THR C 116 42.47 -36.27 -15.75
N GLU C 117 43.02 -37.05 -14.82
CA GLU C 117 44.46 -37.24 -14.75
C GLU C 117 45.04 -37.74 -16.07
N GLY C 118 46.07 -37.06 -16.56
CA GLY C 118 46.70 -37.44 -17.81
C GLY C 118 46.38 -36.54 -18.99
N MET C 119 45.31 -35.77 -18.88
CA MET C 119 44.89 -34.87 -19.94
C MET C 119 45.74 -33.59 -19.92
N THR C 120 46.24 -33.19 -21.07
CA THR C 120 47.11 -32.01 -21.17
C THR C 120 46.57 -30.84 -21.98
N ASP C 121 45.34 -30.93 -22.43
CA ASP C 121 44.78 -29.82 -23.20
C ASP C 121 44.62 -28.61 -22.28
N ALA C 122 44.75 -27.43 -22.85
CA ALA C 122 44.64 -26.19 -22.09
C ALA C 122 43.44 -26.15 -21.15
N GLU C 123 42.26 -26.41 -21.67
CA GLU C 123 41.04 -26.37 -20.87
C GLU C 123 41.07 -27.25 -19.62
N THR C 124 41.41 -28.53 -19.77
CA THR C 124 41.44 -29.44 -18.63
C THR C 124 42.48 -29.01 -17.59
N LEU C 125 43.59 -28.47 -18.05
CA LEU C 125 44.63 -28.01 -17.14
C LEU C 125 44.09 -26.87 -16.27
N ARG C 126 43.35 -25.96 -16.90
CA ARG C 126 42.75 -24.82 -16.19
C ARG C 126 41.74 -25.33 -15.17
N GLN C 127 40.92 -26.29 -15.58
CA GLN C 127 39.91 -26.87 -14.71
C GLN C 127 40.53 -27.56 -13.50
N ARG C 128 41.44 -28.49 -13.76
CA ARG C 128 42.10 -29.21 -12.67
C ARG C 128 42.71 -28.26 -11.65
N ALA C 129 43.33 -27.18 -12.13
CA ALA C 129 43.94 -26.19 -11.24
C ALA C 129 42.87 -25.56 -10.34
N GLU C 130 41.75 -25.21 -10.94
CA GLU C 130 40.66 -24.60 -10.18
C GLU C 130 40.04 -25.59 -9.21
N ILE C 131 39.89 -26.84 -9.63
CA ILE C 131 39.30 -27.85 -8.76
C ILE C 131 40.22 -28.10 -7.58
N ARG C 132 41.53 -28.04 -7.83
CA ARG C 132 42.50 -28.23 -6.77
C ARG C 132 42.45 -27.01 -5.85
N PHE C 133 42.23 -25.82 -6.42
CA PHE C 133 42.13 -24.62 -5.60
C PHE C 133 40.96 -24.77 -4.63
N LEU C 134 39.82 -25.21 -5.17
CA LEU C 134 38.62 -25.40 -4.35
C LEU C 134 38.84 -26.49 -3.30
N ARG C 135 39.60 -27.51 -3.65
CA ARG C 135 39.89 -28.59 -2.69
C ARG C 135 40.78 -28.05 -1.59
N ALA C 136 41.69 -27.14 -1.97
CA ALA C 136 42.61 -26.55 -1.01
C ALA C 136 41.87 -25.63 -0.05
N LEU C 137 40.83 -24.96 -0.55
CA LEU C 137 40.04 -24.08 0.29
C LEU C 137 39.33 -24.92 1.34
N HIS C 138 38.80 -26.08 0.92
CA HIS C 138 38.11 -26.99 1.85
C HIS C 138 39.05 -27.51 2.92
N TYR C 139 40.27 -27.89 2.54
CA TYR C 139 41.23 -28.38 3.52
C TYR C 139 41.61 -27.24 4.48
N TRP C 140 41.56 -25.98 4.01
CA TRP C 140 41.86 -24.86 4.89
C TRP C 140 40.78 -24.81 5.97
N TYR C 141 39.54 -25.08 5.58
CA TYR C 141 38.45 -25.08 6.55
C TYR C 141 38.69 -26.19 7.56
N PHE C 142 39.06 -27.38 7.09
CA PHE C 142 39.36 -28.48 7.99
C PHE C 142 40.48 -28.08 8.96
N LEU C 143 41.54 -27.48 8.42
CA LEU C 143 42.69 -27.04 9.20
C LEU C 143 42.34 -25.97 10.23
N ASP C 144 41.58 -24.96 9.80
CA ASP C 144 41.19 -23.88 10.68
C ASP C 144 40.15 -24.24 11.75
N LEU C 145 39.26 -25.17 11.42
CA LEU C 145 38.22 -25.57 12.35
C LEU C 145 38.59 -26.76 13.24
N PHE C 146 39.34 -27.70 12.70
CA PHE C 146 39.73 -28.90 13.42
C PHE C 146 41.22 -29.08 13.65
N GLY C 147 42.02 -28.28 12.96
CA GLY C 147 43.46 -28.38 13.12
C GLY C 147 44.03 -29.63 12.46
N LYS C 148 43.17 -30.37 11.75
CA LYS C 148 43.58 -31.59 11.08
C LYS C 148 42.50 -31.95 10.05
N ALA C 149 42.71 -33.01 9.30
CA ALA C 149 41.75 -33.41 8.28
C ALA C 149 41.80 -34.87 7.86
N PRO C 150 40.63 -35.46 7.55
CA PRO C 150 40.57 -36.85 7.11
C PRO C 150 41.07 -36.78 5.67
N PHE C 151 42.37 -37.02 5.49
CA PHE C 151 42.99 -36.90 4.17
C PHE C 151 42.91 -38.04 3.17
N LYS C 152 42.74 -37.65 1.92
CA LYS C 152 42.69 -38.56 0.78
C LYS C 152 43.03 -37.73 -0.46
N GLU C 153 44.01 -38.19 -1.23
CA GLU C 153 44.42 -37.48 -2.43
C GLU C 153 43.55 -37.92 -3.60
N HIS C 154 43.13 -39.19 -3.54
CA HIS C 154 42.32 -39.77 -4.60
C HIS C 154 40.92 -40.16 -4.15
N PHE C 155 40.13 -40.60 -5.13
CA PHE C 155 38.76 -41.04 -4.93
C PHE C 155 38.78 -42.57 -4.85
N SER C 156 38.47 -43.12 -3.69
CA SER C 156 38.45 -44.58 -3.50
C SER C 156 37.48 -44.90 -2.38
N ASN C 157 37.61 -46.09 -1.81
CA ASN C 157 36.76 -46.51 -0.71
C ASN C 157 37.61 -46.76 0.53
N ASP C 158 38.92 -46.59 0.38
CA ASP C 158 39.85 -46.76 1.48
C ASP C 158 39.61 -45.66 2.50
N LEU C 159 39.70 -46.00 3.78
CA LEU C 159 39.49 -45.01 4.83
C LEU C 159 40.54 -43.93 4.73
N PRO C 160 40.14 -42.66 4.91
CA PRO C 160 41.09 -41.56 4.83
C PRO C 160 42.08 -41.68 5.99
N VAL C 161 43.26 -41.07 5.84
CA VAL C 161 44.25 -41.09 6.90
C VAL C 161 44.34 -39.69 7.48
N GLU C 162 44.64 -39.61 8.77
CA GLU C 162 44.74 -38.31 9.42
C GLU C 162 45.99 -37.53 9.05
N LYS C 163 45.80 -36.26 8.66
CA LYS C 163 46.92 -35.39 8.34
C LYS C 163 46.83 -34.24 9.33
N LYS C 164 47.80 -34.17 10.22
CA LYS C 164 47.85 -33.16 11.27
C LYS C 164 48.20 -31.75 10.81
N GLY C 165 47.83 -30.77 11.63
CA GLY C 165 48.08 -29.37 11.34
C GLY C 165 49.30 -29.02 10.52
N THR C 166 50.48 -29.24 11.07
CA THR C 166 51.73 -28.93 10.39
C THR C 166 51.83 -29.49 8.98
N GLU C 167 51.55 -30.78 8.82
CA GLU C 167 51.64 -31.40 7.51
C GLU C 167 50.49 -30.95 6.60
N LEU C 168 49.32 -30.70 7.19
CA LEU C 168 48.17 -30.26 6.41
C LEU C 168 48.45 -28.86 5.85
N TYR C 169 49.02 -28.00 6.70
CA TYR C 169 49.36 -26.65 6.32
C TYR C 169 50.32 -26.62 5.13
N THR C 170 51.35 -27.45 5.19
CA THR C 170 52.34 -27.51 4.12
C THR C 170 51.69 -28.01 2.82
N TYR C 171 50.86 -29.04 2.94
CA TYR C 171 50.17 -29.59 1.78
C TYR C 171 49.30 -28.54 1.07
N ILE C 172 48.53 -27.78 1.85
CA ILE C 172 47.67 -26.76 1.27
C ILE C 172 48.48 -25.69 0.55
N GLN C 173 49.52 -25.19 1.22
CA GLN C 173 50.37 -24.17 0.62
C GLN C 173 51.03 -24.69 -0.65
N ASN C 174 51.47 -25.94 -0.64
CA ASN C 174 52.12 -26.50 -1.82
C ASN C 174 51.14 -26.65 -2.98
N GLU C 175 49.94 -27.13 -2.68
CA GLU C 175 48.92 -27.29 -3.70
C GLU C 175 48.73 -25.95 -4.41
N LEU C 176 48.46 -24.91 -3.63
CA LEU C 176 48.25 -23.57 -4.17
C LEU C 176 49.45 -23.08 -4.98
N ASN C 177 50.64 -23.32 -4.47
CA ASN C 177 51.85 -22.88 -5.16
C ASN C 177 52.06 -23.65 -6.46
N GLU C 178 51.72 -24.93 -6.45
CA GLU C 178 51.90 -25.78 -7.61
C GLU C 178 50.89 -25.56 -8.73
N ILE C 179 49.68 -25.14 -8.38
CA ILE C 179 48.65 -24.92 -9.38
C ILE C 179 48.57 -23.48 -9.88
N GLU C 180 49.22 -22.57 -9.18
CA GLU C 180 49.17 -21.16 -9.55
C GLU C 180 49.35 -20.88 -11.04
N ALA C 181 50.42 -21.42 -11.60
CA ALA C 181 50.74 -21.21 -13.02
C ALA C 181 49.62 -21.50 -14.00
N ASP C 182 48.82 -22.52 -13.74
CA ASP C 182 47.73 -22.89 -14.66
C ASP C 182 46.42 -22.15 -14.48
N MET C 183 46.36 -21.22 -13.53
CA MET C 183 45.14 -20.47 -13.28
C MET C 183 45.07 -19.17 -14.10
N TYR C 184 43.86 -18.71 -14.37
CA TYR C 184 43.65 -17.47 -15.11
C TYR C 184 44.32 -16.33 -14.36
N GLU C 185 44.67 -15.26 -15.08
CA GLU C 185 45.28 -14.09 -14.48
C GLU C 185 44.15 -13.37 -13.74
N PRO C 186 44.50 -12.54 -12.74
CA PRO C 186 43.47 -11.81 -11.98
C PRO C 186 42.41 -11.11 -12.86
N ARG C 187 41.16 -11.47 -12.66
CA ARG C 187 40.02 -10.91 -13.37
C ARG C 187 39.93 -11.24 -14.86
N GLN C 188 40.58 -12.32 -15.28
CA GLN C 188 40.52 -12.71 -16.68
C GLN C 188 39.71 -13.99 -16.88
N ALA C 189 39.20 -14.54 -15.78
CA ALA C 189 38.39 -15.75 -15.85
C ALA C 189 36.92 -15.40 -15.86
N PRO C 190 36.08 -16.33 -16.36
CA PRO C 190 34.64 -16.06 -16.38
C PRO C 190 34.22 -15.77 -14.94
N PHE C 191 33.48 -14.69 -14.71
CA PHE C 191 33.06 -14.35 -13.37
C PHE C 191 32.47 -15.55 -12.65
N GLY C 192 32.95 -15.81 -11.44
CA GLY C 192 32.46 -16.94 -10.69
C GLY C 192 33.53 -17.99 -10.48
N ARG C 193 34.54 -18.00 -11.35
CA ARG C 193 35.63 -18.95 -11.23
C ARG C 193 36.83 -18.33 -10.51
N ALA C 194 37.77 -19.17 -10.09
CA ALA C 194 38.93 -18.70 -9.34
C ALA C 194 40.17 -18.45 -10.16
N ASP C 195 40.77 -17.27 -9.96
CA ASP C 195 41.99 -16.90 -10.66
C ASP C 195 43.17 -16.88 -9.69
N LYS C 196 44.34 -16.47 -10.18
CA LYS C 196 45.54 -16.43 -9.36
C LYS C 196 45.39 -15.57 -8.12
N ALA C 197 44.55 -14.54 -8.19
CA ALA C 197 44.34 -13.66 -7.04
C ALA C 197 43.63 -14.42 -5.92
N ALA C 198 42.72 -15.32 -6.30
CA ALA C 198 42.01 -16.10 -5.29
C ALA C 198 43.05 -16.97 -4.61
N ASN C 199 43.96 -17.49 -5.43
CA ASN C 199 45.03 -18.34 -4.95
C ASN C 199 45.89 -17.58 -3.94
N TRP C 200 46.39 -16.41 -4.35
CA TRP C 200 47.23 -15.59 -3.47
C TRP C 200 46.53 -15.19 -2.18
N LEU C 201 45.23 -14.89 -2.26
CA LEU C 201 44.48 -14.47 -1.08
C LEU C 201 44.37 -15.60 -0.07
N LEU C 202 44.15 -16.82 -0.57
CA LEU C 202 44.05 -17.97 0.33
C LEU C 202 45.40 -18.18 1.01
N ARG C 203 46.48 -18.05 0.26
CA ARG C 203 47.83 -18.22 0.82
C ARG C 203 48.15 -17.16 1.88
N ALA C 204 47.75 -15.92 1.63
CA ALA C 204 47.98 -14.84 2.59
C ALA C 204 47.23 -15.17 3.88
N ARG C 205 45.99 -15.67 3.71
CA ARG C 205 45.17 -16.05 4.85
C ARG C 205 45.91 -17.15 5.61
N LEU C 206 46.38 -18.17 4.90
CA LEU C 206 47.11 -19.26 5.53
C LEU C 206 48.35 -18.76 6.27
N TYR C 207 49.16 -17.95 5.60
CA TYR C 207 50.36 -17.41 6.23
C TYR C 207 50.04 -16.57 7.46
N LEU C 208 48.95 -15.80 7.40
CA LEU C 208 48.55 -14.98 8.54
C LEU C 208 48.29 -15.85 9.76
N ASN C 209 47.68 -17.01 9.53
CA ASN C 209 47.35 -17.94 10.60
C ASN C 209 48.40 -19.05 10.79
N ALA C 210 49.54 -18.91 10.14
CA ALA C 210 50.60 -19.93 10.25
C ALA C 210 50.99 -20.16 11.70
N GLY C 211 50.99 -19.10 12.50
CA GLY C 211 51.34 -19.23 13.89
C GLY C 211 50.37 -20.15 14.62
N VAL C 212 49.09 -20.05 14.27
CA VAL C 212 48.06 -20.88 14.88
C VAL C 212 48.16 -22.33 14.42
N TYR C 213 48.31 -22.53 13.11
CA TYR C 213 48.39 -23.88 12.54
C TYR C 213 49.73 -24.61 12.68
N THR C 214 50.84 -23.88 12.79
CA THR C 214 52.13 -24.55 12.87
C THR C 214 53.02 -24.11 14.04
N GLY C 215 52.58 -23.13 14.80
CA GLY C 215 53.36 -22.65 15.93
C GLY C 215 54.46 -21.69 15.48
N GLN C 216 54.57 -21.51 14.17
CA GLN C 216 55.58 -20.62 13.60
C GLN C 216 54.89 -19.54 12.76
N THR C 217 54.95 -18.29 13.22
CA THR C 217 54.33 -17.21 12.48
C THR C 217 55.12 -16.90 11.21
N ASP C 218 54.41 -16.43 10.18
CA ASP C 218 55.04 -16.11 8.91
C ASP C 218 54.38 -14.86 8.36
N TYR C 219 54.37 -13.81 9.17
CA TYR C 219 53.75 -12.55 8.76
C TYR C 219 54.39 -11.89 7.55
N ALA C 220 55.70 -12.09 7.37
CA ALA C 220 56.37 -11.50 6.21
C ALA C 220 55.74 -12.08 4.94
N LYS C 221 55.51 -13.39 4.93
CA LYS C 221 54.89 -14.03 3.77
C LYS C 221 53.43 -13.61 3.60
N ALA C 222 52.74 -13.36 4.71
CA ALA C 222 51.34 -12.94 4.66
C ALA C 222 51.28 -11.55 4.02
N GLU C 223 52.26 -10.74 4.37
CA GLU C 223 52.38 -9.38 3.86
C GLU C 223 52.63 -9.45 2.36
N GLU C 224 53.55 -10.34 1.96
CA GLU C 224 53.90 -10.53 0.56
C GLU C 224 52.72 -10.91 -0.32
N TYR C 225 52.02 -11.98 0.05
CA TYR C 225 50.88 -12.43 -0.72
C TYR C 225 49.71 -11.47 -0.64
N ALA C 226 49.55 -10.78 0.49
CA ALA C 226 48.48 -9.81 0.60
C ALA C 226 48.80 -8.69 -0.40
N SER C 227 50.07 -8.29 -0.45
CA SER C 227 50.51 -7.27 -1.38
C SER C 227 50.29 -7.71 -2.83
N LYS C 228 50.47 -8.99 -3.11
CA LYS C 228 50.25 -9.48 -4.47
C LYS C 228 48.80 -9.22 -4.86
N VAL C 229 47.88 -9.57 -3.96
CA VAL C 229 46.45 -9.37 -4.21
C VAL C 229 46.13 -7.89 -4.38
N ILE C 230 46.65 -7.07 -3.47
CA ILE C 230 46.43 -5.64 -3.50
C ILE C 230 47.00 -5.01 -4.77
N GLY C 231 48.00 -5.67 -5.34
CA GLY C 231 48.61 -5.17 -6.57
C GLY C 231 47.97 -5.73 -7.83
N SER C 232 46.92 -6.53 -7.67
CA SER C 232 46.24 -7.13 -8.82
C SER C 232 45.24 -6.17 -9.46
N ALA C 233 44.50 -6.68 -10.45
CA ALA C 233 43.50 -5.88 -11.16
C ALA C 233 42.27 -5.56 -10.30
N TYR C 234 42.11 -6.26 -9.19
CA TYR C 234 40.97 -6.03 -8.31
C TYR C 234 41.06 -4.68 -7.59
N LYS C 235 39.91 -4.09 -7.32
CA LYS C 235 39.82 -2.79 -6.66
C LYS C 235 38.68 -2.79 -5.64
N LEU C 236 38.72 -1.86 -4.70
CA LEU C 236 37.70 -1.73 -3.67
C LEU C 236 36.43 -1.09 -4.20
N CYS C 237 35.28 -1.62 -3.79
CA CYS C 237 33.98 -1.08 -4.19
C CYS C 237 33.84 0.26 -3.43
N THR C 238 33.42 1.30 -4.13
CA THR C 238 33.30 2.61 -3.51
C THR C 238 32.06 2.76 -2.62
N ASN C 239 31.17 1.75 -2.64
CA ASN C 239 29.97 1.78 -1.81
C ASN C 239 29.83 0.44 -1.10
N TYR C 240 30.36 0.36 0.11
CA TYR C 240 30.35 -0.86 0.92
C TYR C 240 29.09 -1.72 0.80
N SER C 241 27.92 -1.10 1.00
CA SER C 241 26.66 -1.82 0.94
C SER C 241 26.41 -2.59 -0.36
N GLU C 242 26.86 -2.03 -1.48
CA GLU C 242 26.67 -2.66 -2.78
C GLU C 242 27.31 -4.05 -2.91
N LEU C 243 28.35 -4.31 -2.12
CA LEU C 243 29.01 -5.60 -2.15
C LEU C 243 28.05 -6.71 -1.72
N PHE C 244 27.03 -6.32 -0.96
CA PHE C 244 26.07 -7.31 -0.46
C PHE C 244 24.64 -7.11 -0.97
N MET C 245 24.51 -6.56 -2.18
CA MET C 245 23.19 -6.36 -2.78
C MET C 245 22.89 -7.33 -3.92
N ALA C 246 21.62 -7.42 -4.29
CA ALA C 246 21.12 -8.31 -5.32
C ALA C 246 21.81 -8.29 -6.69
N ASP C 247 22.41 -7.17 -7.05
CA ASP C 247 23.08 -7.07 -8.34
C ASP C 247 24.60 -7.10 -8.20
N ASN C 248 25.11 -7.77 -7.17
CA ASN C 248 26.55 -7.85 -6.99
C ASN C 248 27.22 -8.79 -8.00
N ASP C 249 26.44 -9.29 -8.96
CA ASP C 249 27.02 -10.16 -9.98
C ASP C 249 27.03 -9.44 -11.33
N GLU C 250 26.54 -8.19 -11.33
CA GLU C 250 26.47 -7.38 -12.54
C GLU C 250 26.95 -5.96 -12.31
N ASN C 251 26.93 -5.51 -11.06
CA ASN C 251 27.39 -4.16 -10.69
C ASN C 251 28.91 -4.14 -10.60
N GLU C 252 29.55 -3.58 -11.63
CA GLU C 252 31.01 -3.50 -11.71
C GLU C 252 31.69 -2.96 -10.46
N ASN C 253 31.08 -1.94 -9.86
CA ASN C 253 31.62 -1.33 -8.65
C ASN C 253 31.88 -2.40 -7.59
N ALA C 254 31.01 -3.41 -7.54
CA ALA C 254 31.14 -4.48 -6.57
C ALA C 254 31.99 -5.65 -7.10
N MET C 255 31.67 -6.09 -8.32
CA MET C 255 32.40 -7.19 -8.97
C MET C 255 33.91 -6.98 -8.96
N GLN C 256 34.32 -5.72 -9.04
CA GLN C 256 35.74 -5.40 -9.07
C GLN C 256 36.45 -5.75 -7.76
N GLU C 257 35.68 -5.99 -6.71
CA GLU C 257 36.27 -6.32 -5.42
C GLU C 257 36.06 -7.80 -5.05
N ILE C 258 35.08 -8.43 -5.69
CA ILE C 258 34.76 -9.82 -5.40
C ILE C 258 35.65 -10.85 -6.08
N ILE C 259 36.72 -11.23 -5.39
CA ILE C 259 37.69 -12.18 -5.89
C ILE C 259 37.12 -13.59 -6.09
N LEU C 260 36.12 -13.94 -5.28
CA LEU C 260 35.48 -15.25 -5.41
C LEU C 260 34.05 -15.22 -4.89
N PRO C 261 33.07 -15.17 -5.80
CA PRO C 261 31.67 -15.15 -5.36
C PRO C 261 31.06 -16.54 -5.37
N ILE C 262 30.01 -16.72 -4.57
CA ILE C 262 29.27 -17.98 -4.54
C ILE C 262 27.96 -17.54 -5.20
N ARG C 263 27.73 -18.01 -6.42
CA ARG C 263 26.53 -17.63 -7.16
C ARG C 263 25.23 -18.04 -6.52
N GLN C 264 24.30 -17.10 -6.46
CA GLN C 264 22.97 -17.32 -5.90
C GLN C 264 21.99 -16.66 -6.87
N ASP C 265 20.79 -17.20 -6.95
CA ASP C 265 19.77 -16.69 -7.85
C ASP C 265 18.39 -16.99 -7.26
N GLY C 266 17.58 -15.95 -7.13
CA GLY C 266 16.24 -16.11 -6.57
C GLY C 266 15.40 -17.21 -7.20
N VAL C 267 15.53 -17.41 -8.49
CA VAL C 267 14.75 -18.45 -9.15
C VAL C 267 15.56 -19.71 -9.48
N LYS C 268 16.77 -19.52 -10.00
CA LYS C 268 17.61 -20.65 -10.39
C LYS C 268 18.45 -21.30 -9.28
N THR C 269 19.20 -20.49 -8.54
CA THR C 269 20.06 -21.03 -7.50
C THR C 269 19.62 -20.70 -6.07
N ARG C 270 18.79 -21.59 -5.51
CA ARG C 270 18.28 -21.42 -4.16
C ARG C 270 19.01 -22.31 -3.16
N ASN C 271 18.99 -21.91 -1.89
CA ASN C 271 19.63 -22.65 -0.82
C ASN C 271 19.21 -22.02 0.52
N TYR C 272 18.53 -22.79 1.36
CA TYR C 272 18.11 -22.28 2.66
C TYR C 272 19.34 -21.87 3.46
N GLY C 273 20.52 -22.25 2.96
CA GLY C 273 21.75 -21.92 3.66
C GLY C 273 22.66 -20.94 2.94
N GLY C 274 22.19 -20.36 1.83
CA GLY C 274 23.00 -19.39 1.11
C GLY C 274 22.60 -17.97 1.46
N SER C 275 22.49 -17.11 0.45
CA SER C 275 22.09 -15.73 0.71
C SER C 275 20.68 -15.70 1.32
N THR C 276 19.91 -16.76 1.09
CA THR C 276 18.56 -16.86 1.64
C THR C 276 18.70 -16.85 3.16
N TYR C 277 19.72 -17.55 3.63
CA TYR C 277 20.03 -17.63 5.05
C TYR C 277 20.38 -16.25 5.57
N LEU C 278 21.24 -15.55 4.84
CA LEU C 278 21.69 -14.22 5.25
C LEU C 278 20.61 -13.13 5.20
N VAL C 279 19.70 -13.21 4.23
CA VAL C 279 18.65 -12.20 4.12
C VAL C 279 17.38 -12.56 4.92
N CYS C 280 16.82 -13.74 4.67
CA CYS C 280 15.62 -14.19 5.36
C CYS C 280 15.85 -14.38 6.86
N GLY C 281 16.99 -14.95 7.22
CA GLY C 281 17.28 -15.18 8.63
C GLY C 281 17.51 -13.93 9.49
N THR C 282 17.85 -12.81 8.86
CA THR C 282 18.09 -11.59 9.62
C THR C 282 16.91 -10.62 9.66
N ARG C 283 15.80 -10.99 9.04
CA ARG C 283 14.62 -10.11 9.01
C ARG C 283 13.41 -10.73 9.71
N VAL C 284 12.46 -9.88 10.07
CA VAL C 284 11.20 -10.27 10.71
C VAL C 284 10.12 -9.37 10.12
N ALA C 285 8.90 -9.87 9.99
CA ALA C 285 7.82 -9.05 9.45
C ALA C 285 7.75 -7.75 10.25
N GLY C 286 7.45 -6.65 9.58
CA GLY C 286 7.36 -5.37 10.26
C GLY C 286 8.53 -4.47 9.91
N MET C 287 9.70 -5.07 9.69
CA MET C 287 10.90 -4.33 9.33
C MET C 287 10.72 -3.69 7.96
N PRO C 288 11.23 -2.46 7.79
CA PRO C 288 11.09 -1.82 6.48
C PRO C 288 12.03 -2.40 5.45
N ARG C 289 11.54 -2.57 4.22
CA ARG C 289 12.33 -3.10 3.13
C ARG C 289 13.00 -4.43 3.46
N MET C 290 12.19 -5.43 3.74
CA MET C 290 12.72 -6.76 4.07
C MET C 290 13.43 -7.37 2.86
N GLY C 291 12.93 -7.07 1.68
CA GLY C 291 13.53 -7.60 0.46
C GLY C 291 13.17 -9.07 0.27
N THR C 292 12.15 -9.51 0.99
CA THR C 292 11.68 -10.89 0.94
C THR C 292 10.33 -10.97 1.66
N THR C 293 9.56 -12.01 1.36
CA THR C 293 8.26 -12.22 2.01
C THR C 293 8.43 -13.03 3.31
N ASN C 294 9.57 -13.70 3.43
CA ASN C 294 9.85 -14.54 4.60
C ASN C 294 10.89 -14.03 5.59
N GLY C 295 10.42 -13.52 6.73
CA GLY C 295 11.34 -13.07 7.75
C GLY C 295 11.42 -14.14 8.82
N TRP C 296 12.53 -14.86 8.87
CA TRP C 296 12.70 -15.94 9.85
C TRP C 296 12.97 -15.48 11.28
N SER C 297 13.45 -14.25 11.42
CA SER C 297 13.78 -13.69 12.73
C SER C 297 14.68 -14.65 13.52
N CYS C 298 15.80 -15.01 12.91
CA CYS C 298 16.77 -15.93 13.50
C CYS C 298 18.10 -15.33 13.96
N ILE C 299 18.73 -14.53 13.10
CA ILE C 299 20.03 -13.97 13.44
C ILE C 299 20.02 -12.48 13.77
N PHE C 300 20.53 -12.15 14.95
CA PHE C 300 20.62 -10.76 15.38
C PHE C 300 21.96 -10.47 16.05
N ALA C 301 22.31 -9.20 16.12
CA ALA C 301 23.59 -8.78 16.68
C ALA C 301 23.67 -8.79 18.20
N ARG C 302 24.82 -9.23 18.73
CA ARG C 302 25.03 -9.22 20.17
C ARG C 302 25.45 -7.79 20.50
N ALA C 303 25.32 -7.40 21.78
CA ALA C 303 25.69 -6.05 22.17
C ALA C 303 27.14 -5.73 21.78
N ALA C 304 28.03 -6.70 21.94
CA ALA C 304 29.45 -6.51 21.61
C ALA C 304 29.67 -6.17 20.14
N MET C 305 28.79 -6.65 19.27
CA MET C 305 28.91 -6.38 17.84
C MET C 305 28.55 -4.92 17.58
N VAL C 306 27.51 -4.44 18.25
CA VAL C 306 27.06 -3.06 18.11
C VAL C 306 28.13 -2.11 18.67
N GLN C 307 28.81 -2.56 19.72
CA GLN C 307 29.84 -1.74 20.34
C GLN C 307 31.02 -1.48 19.41
N LYS C 308 31.22 -2.35 18.42
CA LYS C 308 32.31 -2.18 17.47
C LYS C 308 32.12 -0.88 16.68
N PHE C 309 30.88 -0.40 16.60
CA PHE C 309 30.61 0.84 15.89
C PHE C 309 30.35 1.96 16.89
N PHE C 310 29.97 1.58 18.11
CA PHE C 310 29.71 2.56 19.18
C PHE C 310 30.41 2.13 20.47
N SER C 311 31.64 2.60 20.69
CA SER C 311 32.38 2.23 21.91
C SER C 311 31.51 2.45 23.12
N ASN C 312 30.75 3.55 23.15
CA ASN C 312 29.83 3.82 24.25
C ASN C 312 28.42 3.58 23.72
N LEU C 313 27.84 2.45 24.12
CA LEU C 313 26.50 2.06 23.68
C LEU C 313 25.43 3.12 23.93
N GLU C 314 25.76 4.11 24.75
CA GLU C 314 24.82 5.20 25.03
C GLU C 314 24.59 6.03 23.76
N ASP C 315 25.58 6.02 22.86
CA ASP C 315 25.48 6.79 21.62
C ASP C 315 24.66 6.08 20.55
N VAL C 316 24.23 4.85 20.82
CA VAL C 316 23.45 4.10 19.84
C VAL C 316 22.04 4.68 19.71
N PRO C 317 21.65 5.10 18.49
CA PRO C 317 20.30 5.66 18.32
C PRO C 317 19.27 4.64 18.78
N MET C 318 18.46 5.02 19.78
CA MET C 318 17.44 4.12 20.31
C MET C 318 16.11 4.82 20.58
N LEU C 319 15.03 4.04 20.54
CA LEU C 319 13.71 4.59 20.82
C LEU C 319 13.62 4.75 22.33
N PRO C 320 13.20 5.94 22.80
CA PRO C 320 13.08 6.15 24.25
C PRO C 320 12.10 5.16 24.87
N ALA C 321 12.44 4.66 26.06
CA ALA C 321 11.59 3.71 26.76
C ALA C 321 10.20 4.30 26.99
N ASP C 322 10.15 5.58 27.34
CA ASP C 322 8.89 6.26 27.61
C ASP C 322 8.07 6.59 26.36
N VAL C 323 8.57 6.22 25.20
CA VAL C 323 7.84 6.48 23.96
C VAL C 323 7.11 5.21 23.53
N GLU C 324 5.79 5.31 23.44
CA GLU C 324 4.97 4.17 23.05
C GLU C 324 5.00 3.90 21.56
N ILE C 325 4.95 2.63 21.21
CA ILE C 325 4.96 2.22 19.82
C ILE C 325 3.51 1.95 19.40
N PRO C 326 3.00 2.73 18.43
CA PRO C 326 1.63 2.58 17.93
C PRO C 326 1.32 1.14 17.55
N THR C 327 0.19 0.63 18.01
CA THR C 327 -0.21 -0.74 17.69
C THR C 327 -0.75 -0.78 16.25
N LYS C 328 -1.10 0.38 15.72
CA LYS C 328 -1.60 0.47 14.35
C LYS C 328 -0.97 1.63 13.60
N GLY C 329 -1.18 1.66 12.29
CA GLY C 329 -0.66 2.74 11.47
C GLY C 329 0.80 2.65 11.06
N LEU C 330 1.37 1.44 11.14
CA LEU C 330 2.75 1.26 10.74
C LEU C 330 2.90 0.05 9.83
N ASP C 331 2.18 0.06 8.72
CA ASP C 331 2.22 -1.05 7.79
C ASP C 331 3.15 -0.83 6.59
N THR C 332 3.05 0.33 5.96
CA THR C 332 3.89 0.63 4.79
C THR C 332 5.30 1.05 5.21
N ASP C 333 6.26 0.89 4.30
CA ASP C 333 7.63 1.28 4.61
C ASP C 333 7.66 2.78 4.90
N GLU C 334 6.84 3.54 4.17
CA GLU C 334 6.80 4.98 4.37
C GLU C 334 6.36 5.30 5.79
N GLN C 335 5.33 4.61 6.26
CA GLN C 335 4.84 4.82 7.60
C GLN C 335 5.91 4.43 8.63
N ILE C 336 6.60 3.33 8.37
CA ILE C 336 7.66 2.87 9.27
C ILE C 336 8.81 3.89 9.30
N ASP C 337 9.28 4.27 8.11
CA ASP C 337 10.36 5.24 8.01
C ASP C 337 9.97 6.57 8.67
N ALA C 338 8.72 6.99 8.47
CA ALA C 338 8.24 8.23 9.05
C ALA C 338 8.44 8.25 10.56
N PHE C 339 7.97 7.20 11.22
CA PHE C 339 8.09 7.09 12.67
C PHE C 339 9.55 6.96 13.11
N ASP C 340 10.33 6.15 12.40
CA ASP C 340 11.74 5.99 12.75
C ASP C 340 12.47 7.32 12.55
N ALA C 341 12.13 8.03 11.48
CA ALA C 341 12.76 9.32 11.19
C ALA C 341 12.52 10.29 12.35
N GLU C 342 11.31 10.29 12.86
CA GLU C 342 10.96 11.16 13.97
C GLU C 342 11.83 10.88 15.20
N HIS C 343 12.23 9.63 15.38
CA HIS C 343 13.03 9.27 16.54
C HIS C 343 14.50 8.98 16.24
N GLY C 344 14.92 9.34 15.03
CA GLY C 344 16.29 9.16 14.60
C GLY C 344 16.81 7.73 14.65
N ILE C 345 15.94 6.77 14.36
CA ILE C 345 16.36 5.38 14.42
C ILE C 345 16.24 4.58 13.13
N ARG C 346 16.36 5.27 12.00
CA ARG C 346 16.33 4.57 10.71
C ARG C 346 17.75 4.04 10.57
N THR C 347 17.94 2.99 9.78
CA THR C 347 19.28 2.45 9.58
C THR C 347 20.21 3.57 9.11
N GLU C 348 19.72 4.45 8.24
CA GLU C 348 20.56 5.54 7.75
C GLU C 348 20.96 6.50 8.88
N ASP C 349 20.16 6.56 9.93
CA ASP C 349 20.49 7.41 11.08
C ASP C 349 21.54 6.68 11.90
N MET C 350 21.44 5.37 11.92
CA MET C 350 22.37 4.51 12.64
C MET C 350 23.74 4.75 12.03
N ILE C 351 23.77 4.77 10.70
CA ILE C 351 25.01 4.98 9.96
C ILE C 351 25.59 6.36 10.21
N LYS C 352 24.73 7.36 10.38
CA LYS C 352 25.20 8.71 10.62
C LYS C 352 25.78 8.84 12.02
N ALA C 353 25.12 8.23 13.00
CA ALA C 353 25.59 8.28 14.38
C ALA C 353 26.94 7.57 14.51
N ALA C 354 27.10 6.49 13.77
CA ALA C 354 28.34 5.73 13.82
C ALA C 354 29.45 6.36 13.00
N GLY C 355 29.10 7.14 11.98
CA GLY C 355 30.12 7.74 11.14
C GLY C 355 30.89 6.61 10.48
N ASP C 356 30.16 5.62 9.97
CA ASP C 356 30.76 4.46 9.32
C ASP C 356 29.69 3.83 8.44
N ASP C 357 29.96 3.73 7.14
CA ASP C 357 28.98 3.15 6.20
C ASP C 357 28.66 1.70 6.51
N ARG C 358 29.56 1.02 7.23
CA ARG C 358 29.37 -0.39 7.54
C ARG C 358 28.43 -0.68 8.71
N ALA C 359 27.98 0.36 9.40
CA ALA C 359 27.08 0.18 10.54
C ALA C 359 25.66 -0.11 10.06
N LEU C 360 25.52 -1.17 9.26
CA LEU C 360 24.23 -1.55 8.71
C LEU C 360 23.37 -2.30 9.74
N LEU C 361 22.90 -1.56 10.74
CA LEU C 361 22.07 -2.13 11.79
C LEU C 361 20.72 -1.45 11.82
N TYR C 362 19.77 -2.07 12.52
CA TYR C 362 18.43 -1.50 12.63
C TYR C 362 17.88 -1.57 14.05
N SER C 363 17.56 -0.40 14.60
CA SER C 363 17.01 -0.28 15.93
C SER C 363 15.64 0.39 15.87
N GLY C 364 15.09 0.50 14.65
CA GLY C 364 13.79 1.12 14.46
C GLY C 364 12.62 0.28 14.97
N VAL C 365 11.40 0.80 14.85
CA VAL C 365 10.22 0.10 15.36
C VAL C 365 9.71 -1.09 14.52
N GLY C 366 10.14 -1.18 13.27
CA GLY C 366 9.72 -2.28 12.44
C GLY C 366 10.06 -3.63 13.04
N GLY C 367 9.04 -4.36 13.50
CA GLY C 367 9.27 -5.65 14.11
C GLY C 367 9.18 -5.62 15.63
N GLY C 368 9.00 -4.43 16.20
CA GLY C 368 8.88 -4.30 17.64
C GLY C 368 10.05 -3.62 18.34
N ARG C 369 9.87 -3.34 19.63
CA ARG C 369 10.89 -2.67 20.43
C ARG C 369 12.11 -3.57 20.59
N ARG C 370 13.26 -3.03 20.22
CA ARG C 370 14.51 -3.76 20.29
C ARG C 370 15.32 -3.45 21.55
N LYS C 371 16.26 -4.33 21.83
CA LYS C 371 17.19 -4.18 22.95
C LYS C 371 18.58 -4.29 22.34
N ILE C 372 19.56 -3.67 22.98
CA ILE C 372 20.93 -3.76 22.48
C ILE C 372 21.59 -4.96 23.15
N GLN C 373 21.30 -5.11 24.45
CA GLN C 373 21.81 -6.18 25.26
C GLN C 373 20.65 -6.77 26.06
N THR C 374 20.69 -8.08 26.28
CA THR C 374 19.63 -8.74 27.03
C THR C 374 20.22 -9.59 28.16
N ASP C 375 19.48 -9.76 29.24
CA ASP C 375 19.95 -10.58 30.34
C ASP C 375 19.38 -12.00 30.26
N ALA C 376 18.87 -12.34 29.09
CA ALA C 376 18.32 -13.67 28.83
C ALA C 376 17.92 -13.72 27.35
N ILE C 377 18.54 -14.64 26.61
CA ILE C 377 18.25 -14.81 25.19
C ILE C 377 16.83 -15.37 25.06
N SER C 378 15.86 -14.48 24.92
CA SER C 378 14.47 -14.92 24.80
C SER C 378 13.91 -14.84 23.39
N GLY C 379 14.46 -13.94 22.57
CA GLY C 379 13.94 -13.83 21.22
C GLY C 379 14.69 -12.89 20.30
N PHE C 380 14.25 -12.88 19.05
CA PHE C 380 14.85 -12.06 18.00
C PHE C 380 15.07 -10.58 18.33
N THR C 381 14.11 -9.95 19.00
CA THR C 381 14.26 -8.53 19.31
C THR C 381 15.13 -8.22 20.52
N ASP C 382 15.85 -9.20 21.03
CA ASP C 382 16.72 -8.96 22.19
C ASP C 382 18.06 -8.35 21.79
N GLY C 383 18.18 -8.03 20.51
CA GLY C 383 19.38 -7.43 19.98
C GLY C 383 19.00 -6.65 18.73
N LEU C 384 19.91 -5.85 18.21
CA LEU C 384 19.60 -5.08 17.01
C LEU C 384 19.66 -5.98 15.78
N SER C 385 18.85 -5.65 14.77
CA SER C 385 18.84 -6.43 13.55
C SER C 385 20.02 -6.03 12.67
N ILE C 386 20.48 -6.97 11.87
CA ILE C 386 21.60 -6.74 10.97
C ILE C 386 21.05 -6.73 9.54
N VAL C 387 21.15 -5.58 8.89
CA VAL C 387 20.64 -5.43 7.52
C VAL C 387 21.73 -5.26 6.48
N LYS C 388 22.91 -5.81 6.76
CA LYS C 388 24.05 -5.73 5.84
C LYS C 388 23.74 -6.43 4.52
N TRP C 389 23.14 -7.62 4.59
CA TRP C 389 22.79 -8.35 3.38
C TRP C 389 21.41 -7.90 2.93
N GLN C 390 21.28 -7.55 1.65
CA GLN C 390 19.99 -7.11 1.13
C GLN C 390 19.64 -7.75 -0.20
N ASN C 391 18.33 -7.98 -0.40
CA ASN C 391 17.89 -8.53 -1.67
C ASN C 391 17.31 -7.38 -2.47
N TYR C 392 18.15 -6.37 -2.70
CA TYR C 392 17.77 -5.19 -3.47
C TYR C 392 18.94 -4.87 -4.39
N ARG C 393 18.64 -4.52 -5.64
CA ARG C 393 19.68 -4.18 -6.61
C ARG C 393 20.12 -2.71 -6.47
N SER C 394 21.42 -2.47 -6.60
CA SER C 394 21.95 -1.13 -6.49
C SER C 394 21.40 -0.21 -7.59
N ASP C 395 20.98 -0.80 -8.71
CA ASP C 395 20.46 -0.02 -9.82
C ASP C 395 18.94 0.18 -9.75
N GLY C 396 18.33 -0.31 -8.68
CA GLY C 396 16.89 -0.15 -8.51
C GLY C 396 16.00 -0.99 -9.40
N LYS C 397 16.57 -1.95 -10.12
CA LYS C 397 15.76 -2.80 -10.97
C LYS C 397 15.22 -3.94 -10.13
N PRO C 398 14.17 -4.62 -10.61
CA PRO C 398 13.55 -5.73 -9.89
C PRO C 398 14.42 -6.98 -9.76
N VAL C 399 14.33 -7.63 -8.60
CA VAL C 399 15.05 -8.87 -8.35
C VAL C 399 14.20 -9.96 -9.00
N SER C 400 14.76 -11.16 -9.19
CA SER C 400 14.02 -12.24 -9.85
C SER C 400 12.95 -12.96 -9.04
N HIS C 401 13.01 -12.89 -7.72
CA HIS C 401 12.03 -13.58 -6.90
C HIS C 401 11.60 -12.77 -5.68
N ALA C 402 10.36 -12.97 -5.25
CA ALA C 402 9.83 -12.23 -4.10
C ALA C 402 10.27 -12.78 -2.76
N THR C 403 10.75 -14.02 -2.74
CA THR C 403 11.18 -14.59 -1.47
C THR C 403 12.67 -14.93 -1.41
N TYR C 404 13.19 -15.60 -2.45
CA TYR C 404 14.60 -15.96 -2.47
C TYR C 404 15.45 -14.86 -3.11
N PRO C 405 16.53 -14.44 -2.43
CA PRO C 405 17.40 -13.39 -2.96
C PRO C 405 18.29 -13.77 -4.15
N ASP C 406 18.72 -12.76 -4.89
CA ASP C 406 19.60 -12.96 -6.03
C ASP C 406 21.03 -12.71 -5.56
N THR C 407 21.13 -12.00 -4.45
CA THR C 407 22.43 -11.64 -3.88
C THR C 407 23.40 -12.79 -3.77
N ASP C 408 24.57 -12.62 -4.40
CA ASP C 408 25.62 -13.63 -4.34
C ASP C 408 26.36 -13.41 -3.04
N ILE C 409 27.05 -14.44 -2.56
CA ILE C 409 27.86 -14.32 -1.36
C ILE C 409 29.29 -14.08 -1.84
N PRO C 410 29.85 -12.90 -1.53
CA PRO C 410 31.21 -12.57 -1.95
C PRO C 410 32.19 -13.17 -0.94
N LEU C 411 32.37 -14.49 -1.03
CA LEU C 411 33.26 -15.23 -0.13
C LEU C 411 34.64 -14.58 0.00
N PHE C 412 35.26 -14.28 -1.14
CA PHE C 412 36.58 -13.63 -1.18
C PHE C 412 36.46 -12.18 -1.67
N ARG C 413 36.88 -11.24 -0.84
CA ARG C 413 36.85 -9.82 -1.20
C ARG C 413 38.24 -9.23 -1.07
N LEU C 414 38.56 -8.24 -1.90
CA LEU C 414 39.85 -7.58 -1.85
C LEU C 414 40.14 -7.01 -0.45
N ALA C 415 39.11 -6.53 0.24
CA ALA C 415 39.28 -5.95 1.58
C ALA C 415 40.10 -6.83 2.52
N GLU C 416 39.99 -8.15 2.37
CA GLU C 416 40.72 -9.09 3.21
C GLU C 416 42.22 -8.88 3.14
N ALA C 417 42.75 -8.65 1.94
CA ALA C 417 44.19 -8.42 1.77
C ALA C 417 44.64 -7.20 2.55
N TYR C 418 43.86 -6.11 2.49
CA TYR C 418 44.20 -4.90 3.21
C TYR C 418 44.28 -5.15 4.71
N LEU C 419 43.26 -5.80 5.27
CA LEU C 419 43.26 -6.08 6.70
C LEU C 419 44.36 -7.08 7.02
N THR C 420 44.59 -8.04 6.13
CA THR C 420 45.62 -9.05 6.33
C THR C 420 46.99 -8.41 6.37
N ARG C 421 47.30 -7.58 5.37
CA ARG C 421 48.59 -6.91 5.33
C ARG C 421 48.76 -5.94 6.50
N ALA C 422 47.67 -5.28 6.88
CA ALA C 422 47.70 -4.34 7.99
C ALA C 422 48.17 -5.08 9.23
N GLU C 423 47.52 -6.20 9.54
CA GLU C 423 47.87 -7.01 10.71
C GLU C 423 49.29 -7.55 10.58
N ALA C 424 49.66 -7.99 9.37
CA ALA C 424 50.99 -8.54 9.12
C ALA C 424 52.03 -7.48 9.47
N ILE C 425 51.80 -6.25 9.00
CA ILE C 425 52.70 -5.15 9.28
C ILE C 425 52.74 -4.81 10.77
N PHE C 426 51.55 -4.67 11.37
CA PHE C 426 51.50 -4.36 12.79
C PHE C 426 52.30 -5.38 13.60
N ARG C 427 52.09 -6.67 13.30
CA ARG C 427 52.77 -7.77 13.99
C ARG C 427 54.29 -7.73 13.85
N GLN C 428 54.78 -7.29 12.70
CA GLN C 428 56.21 -7.24 12.46
C GLN C 428 56.85 -5.97 13.04
N GLY C 429 56.02 -5.06 13.55
CA GLY C 429 56.56 -3.84 14.13
C GLY C 429 56.44 -2.61 13.24
N GLY C 430 55.84 -2.77 12.06
CA GLY C 430 55.70 -1.64 11.15
C GLY C 430 54.48 -0.80 11.42
N ASP C 431 54.23 0.18 10.54
CA ASP C 431 53.08 1.09 10.66
C ASP C 431 51.93 0.61 9.79
N ALA C 432 50.83 0.22 10.43
CA ALA C 432 49.67 -0.30 9.72
C ALA C 432 48.52 0.69 9.55
N THR C 433 48.73 1.95 9.93
CA THR C 433 47.68 2.95 9.82
C THR C 433 47.16 3.14 8.39
N GLY C 434 48.04 2.98 7.41
CA GLY C 434 47.66 3.17 6.03
C GLY C 434 46.64 2.19 5.47
N ASP C 435 46.86 0.90 5.69
CA ASP C 435 45.95 -0.12 5.19
C ASP C 435 44.61 -0.14 5.93
N ILE C 436 44.63 0.27 7.20
CA ILE C 436 43.39 0.30 7.97
C ILE C 436 42.52 1.44 7.48
N ASN C 437 43.12 2.62 7.39
CA ASN C 437 42.39 3.79 6.95
C ASN C 437 41.98 3.68 5.48
N GLU C 438 42.61 2.75 4.77
CA GLU C 438 42.26 2.55 3.38
C GLU C 438 40.82 2.05 3.39
N LEU C 439 40.54 1.14 4.33
CA LEU C 439 39.20 0.58 4.46
C LEU C 439 38.25 1.55 5.16
N ARG C 440 38.74 2.24 6.19
CA ARG C 440 37.89 3.19 6.88
C ARG C 440 37.49 4.31 5.92
N LYS C 441 38.40 4.68 5.02
CA LYS C 441 38.10 5.72 4.04
C LYS C 441 36.99 5.22 3.10
N ARG C 442 37.11 4.00 2.62
CA ARG C 442 36.11 3.44 1.73
C ARG C 442 34.74 3.46 2.40
N ALA C 443 34.72 3.28 3.71
CA ALA C 443 33.48 3.28 4.48
C ALA C 443 33.13 4.68 4.96
N ASN C 444 33.81 5.67 4.38
CA ASN C 444 33.60 7.07 4.73
C ASN C 444 33.51 7.26 6.23
N CYS C 445 34.48 6.73 6.97
CA CYS C 445 34.48 6.88 8.41
C CYS C 445 34.86 8.31 8.80
N THR C 446 34.26 8.81 9.86
CA THR C 446 34.57 10.14 10.32
C THR C 446 35.79 10.04 11.23
N ARG C 447 36.01 8.85 11.79
CA ARG C 447 37.17 8.62 12.66
C ARG C 447 38.25 7.82 11.92
N LYS C 448 39.46 8.38 11.87
CA LYS C 448 40.58 7.70 11.23
C LYS C 448 41.52 7.19 12.32
N VAL C 449 42.10 6.01 12.10
CA VAL C 449 43.00 5.45 13.10
C VAL C 449 44.34 6.19 13.06
N GLN C 450 44.75 6.69 14.22
CA GLN C 450 46.01 7.41 14.34
C GLN C 450 47.09 6.42 14.74
N THR C 451 46.73 5.51 15.64
CA THR C 451 47.64 4.49 16.12
C THR C 451 46.97 3.13 16.05
N VAL C 452 47.57 2.20 15.31
CA VAL C 452 47.00 0.87 15.18
C VAL C 452 47.38 0.03 16.40
N THR C 453 46.40 -0.64 16.98
CA THR C 453 46.65 -1.50 18.14
C THR C 453 45.99 -2.84 17.87
N GLU C 454 46.27 -3.82 18.71
CA GLU C 454 45.69 -5.13 18.54
C GLU C 454 44.16 -5.03 18.62
N GLN C 455 43.68 -4.30 19.63
CA GLN C 455 42.25 -4.11 19.84
C GLN C 455 41.62 -3.46 18.61
N GLU C 456 42.29 -2.44 18.09
CA GLU C 456 41.78 -1.74 16.92
C GLU C 456 41.68 -2.72 15.75
N LEU C 457 42.72 -3.54 15.57
CA LEU C 457 42.76 -4.52 14.49
C LEU C 457 41.61 -5.50 14.51
N ILE C 458 41.46 -6.20 15.62
CA ILE C 458 40.39 -7.19 15.75
C ILE C 458 39.02 -6.52 15.63
N ASP C 459 38.92 -5.26 16.09
CA ASP C 459 37.67 -4.54 15.98
C ASP C 459 37.36 -4.20 14.52
N GLU C 460 38.40 -3.88 13.77
CA GLU C 460 38.24 -3.54 12.36
C GLU C 460 37.86 -4.80 11.58
N TRP C 461 38.42 -5.94 12.00
CA TRP C 461 38.10 -7.21 11.36
C TRP C 461 36.60 -7.48 11.48
N ALA C 462 36.04 -7.08 12.63
CA ALA C 462 34.61 -7.24 12.87
C ALA C 462 33.80 -6.25 12.03
N ARG C 463 34.16 -4.97 12.12
CA ARG C 463 33.46 -3.94 11.36
C ARG C 463 33.46 -4.22 9.86
N GLU C 464 34.56 -4.75 9.35
CA GLU C 464 34.67 -5.02 7.93
C GLU C 464 34.02 -6.31 7.46
N PHE C 465 34.22 -7.40 8.21
CA PHE C 465 33.68 -8.70 7.81
C PHE C 465 32.59 -9.38 8.63
N TYR C 466 31.96 -8.68 9.55
CA TYR C 466 30.93 -9.30 10.37
C TYR C 466 29.83 -9.96 9.52
N LEU C 467 29.36 -11.12 10.00
CA LEU C 467 28.34 -11.91 9.32
C LEU C 467 28.78 -12.38 7.95
N GLU C 468 30.07 -12.72 7.81
CA GLU C 468 30.59 -13.22 6.55
C GLU C 468 31.28 -14.57 6.74
N GLY C 469 31.07 -15.14 7.93
CA GLY C 469 31.60 -16.46 8.25
C GLY C 469 33.07 -16.69 8.58
N ARG C 470 33.78 -15.69 9.07
CA ARG C 470 35.20 -15.87 9.39
C ARG C 470 35.60 -15.42 10.80
N ARG C 471 34.71 -14.69 11.46
CA ARG C 471 34.98 -14.16 12.80
C ARG C 471 35.76 -15.04 13.78
N ARG C 472 35.27 -16.26 14.00
CA ARG C 472 35.92 -17.17 14.94
C ARG C 472 37.41 -17.34 14.65
N SER C 473 37.74 -17.60 13.39
CA SER C 473 39.13 -17.80 12.99
C SER C 473 40.01 -16.64 13.43
N ASP C 474 39.53 -15.42 13.26
CA ASP C 474 40.30 -14.25 13.66
C ASP C 474 40.41 -14.11 15.17
N LEU C 475 39.36 -14.49 15.91
CA LEU C 475 39.40 -14.38 17.37
C LEU C 475 40.44 -15.36 17.91
N VAL C 476 40.54 -16.53 17.28
CA VAL C 476 41.50 -17.54 17.70
C VAL C 476 42.92 -17.02 17.50
N ARG C 477 43.20 -16.49 16.31
CA ARG C 477 44.53 -15.96 16.00
C ARG C 477 44.93 -14.88 17.00
N PHE C 478 43.97 -14.07 17.43
CA PHE C 478 44.22 -13.00 18.40
C PHE C 478 44.18 -13.50 19.84
N GLY C 479 43.97 -14.82 20.01
CA GLY C 479 43.90 -15.40 21.33
C GLY C 479 42.77 -14.82 22.17
N MET C 480 41.61 -14.61 21.54
CA MET C 480 40.47 -14.05 22.25
C MET C 480 39.20 -14.87 22.11
N PHE C 481 39.27 -16.00 21.41
CA PHE C 481 38.06 -16.80 21.26
C PHE C 481 37.61 -17.49 22.54
N THR C 482 38.55 -18.12 23.25
CA THR C 482 38.20 -18.84 24.48
C THR C 482 38.67 -18.18 25.79
N THR C 483 39.68 -17.33 25.69
CA THR C 483 40.28 -16.67 26.85
C THR C 483 39.55 -15.48 27.47
N ASN C 484 40.15 -14.96 28.54
CA ASN C 484 39.64 -13.81 29.27
C ASN C 484 40.18 -12.54 28.66
N LYS C 485 40.93 -12.68 27.59
CA LYS C 485 41.51 -11.51 26.93
C LYS C 485 40.40 -10.64 26.36
N TYR C 486 39.24 -11.25 26.11
CA TYR C 486 38.09 -10.57 25.53
C TYR C 486 36.80 -11.29 25.91
N LEU C 487 35.93 -10.61 26.64
CA LEU C 487 34.65 -11.19 27.03
C LEU C 487 33.54 -10.38 26.39
N TRP C 488 32.59 -11.08 25.78
CA TRP C 488 31.45 -10.41 25.13
C TRP C 488 30.17 -11.00 25.72
N ASP C 489 29.05 -10.32 25.52
CA ASP C 489 27.80 -10.83 26.06
C ASP C 489 27.45 -12.22 25.56
N TRP C 490 27.16 -13.10 26.52
CA TRP C 490 26.79 -14.49 26.29
C TRP C 490 27.94 -15.44 26.00
N LYS C 491 29.17 -14.93 25.97
CA LYS C 491 30.31 -15.80 25.74
C LYS C 491 30.37 -16.78 26.91
N GLY C 492 30.51 -18.07 26.61
CA GLY C 492 30.58 -19.07 27.65
C GLY C 492 29.29 -19.29 28.40
N GLY C 493 28.20 -18.72 27.89
CA GLY C 493 26.90 -18.88 28.53
C GLY C 493 26.59 -17.84 29.60
N ALA C 494 27.51 -16.91 29.82
CA ALA C 494 27.29 -15.87 30.83
C ALA C 494 26.76 -14.60 30.18
N MET C 495 25.78 -13.94 30.81
CA MET C 495 25.21 -12.73 30.24
C MET C 495 26.28 -11.70 29.88
N ASN C 496 27.31 -11.58 30.71
CA ASN C 496 28.38 -10.64 30.43
C ASN C 496 29.65 -11.35 29.94
N GLY C 497 29.52 -12.65 29.72
CA GLY C 497 30.64 -13.44 29.24
C GLY C 497 31.63 -13.92 30.28
N THR C 498 32.20 -15.09 30.01
CA THR C 498 33.20 -15.72 30.86
C THR C 498 34.05 -16.57 29.93
N SER C 499 35.26 -16.93 30.35
CA SER C 499 36.14 -17.72 29.51
C SER C 499 35.81 -19.21 29.55
N VAL C 500 36.35 -19.95 28.59
CA VAL C 500 36.13 -21.39 28.52
C VAL C 500 37.46 -22.12 28.27
N ALA C 501 37.44 -23.44 28.39
CA ALA C 501 38.64 -24.24 28.19
C ALA C 501 39.32 -23.87 26.89
N SER C 502 40.65 -23.90 26.89
CA SER C 502 41.41 -23.54 25.70
C SER C 502 41.28 -24.54 24.56
N TYR C 503 40.92 -25.78 24.86
CA TYR C 503 40.80 -26.79 23.81
C TYR C 503 39.61 -26.52 22.90
N TYR C 504 38.84 -25.48 23.22
CA TYR C 504 37.68 -25.12 22.43
C TYR C 504 38.06 -24.26 21.24
N ASN C 505 39.35 -24.02 21.06
CA ASN C 505 39.82 -23.22 19.93
C ASN C 505 39.82 -24.09 18.68
N LYS C 506 39.57 -25.37 18.89
CA LYS C 506 39.46 -26.34 17.79
C LYS C 506 38.18 -27.12 18.05
N TYR C 507 37.44 -27.39 16.99
CA TYR C 507 36.23 -28.18 17.11
C TYR C 507 36.66 -29.62 17.23
N PRO C 508 35.85 -30.46 17.89
CA PRO C 508 36.25 -31.86 18.01
C PRO C 508 35.93 -32.64 16.75
N ILE C 509 36.61 -33.76 16.56
CA ILE C 509 36.35 -34.64 15.43
C ILE C 509 35.03 -35.32 15.80
N PRO C 510 34.04 -35.31 14.90
CA PRO C 510 32.74 -35.93 15.18
C PRO C 510 32.92 -37.36 15.65
N VAL C 511 32.34 -37.68 16.80
CA VAL C 511 32.44 -39.02 17.35
C VAL C 511 31.99 -40.06 16.32
N SER C 512 31.11 -39.65 15.42
CA SER C 512 30.62 -40.54 14.39
C SER C 512 31.77 -40.97 13.48
N ASP C 513 32.67 -40.05 13.20
CA ASP C 513 33.80 -40.36 12.34
C ASP C 513 34.88 -41.08 13.13
N ILE C 514 34.91 -40.84 14.43
CA ILE C 514 35.89 -41.50 15.29
C ILE C 514 35.60 -42.99 15.28
N ASN C 515 34.32 -43.34 15.39
CA ASN C 515 33.91 -44.74 15.41
C ASN C 515 33.96 -45.40 14.04
N ASN C 516 33.96 -44.62 12.97
CA ASN C 516 34.00 -45.17 11.62
C ASN C 516 35.40 -45.28 11.03
N ASN C 517 36.27 -44.36 11.42
CA ASN C 517 37.64 -44.37 10.89
C ASN C 517 38.67 -44.47 12.00
N ARG C 518 39.24 -45.65 12.17
CA ARG C 518 40.25 -45.88 13.20
C ARG C 518 41.54 -45.11 12.97
N ASN C 519 41.63 -44.43 11.82
CA ASN C 519 42.82 -43.66 11.50
C ASN C 519 42.75 -42.26 12.09
N MET C 520 41.56 -41.86 12.52
CA MET C 520 41.37 -40.54 13.10
C MET C 520 41.48 -40.56 14.63
N SER C 521 42.03 -39.48 15.18
CA SER C 521 42.18 -39.34 16.62
C SER C 521 41.50 -38.06 17.09
N GLN C 522 40.91 -38.11 18.27
CA GLN C 522 40.22 -36.96 18.83
C GLN C 522 41.15 -35.82 19.18
N ASN C 523 40.66 -34.60 19.06
CA ASN C 523 41.45 -33.43 19.41
C ASN C 523 41.58 -33.35 20.93
N GLU C 524 42.72 -32.85 21.38
CA GLU C 524 43.00 -32.72 22.81
C GLU C 524 41.90 -31.99 23.59
N GLY C 525 41.73 -32.38 24.84
CA GLY C 525 40.73 -31.75 25.68
C GLY C 525 39.38 -32.45 25.71
N TYR C 526 38.90 -32.87 24.54
CA TYR C 526 37.61 -33.53 24.42
C TYR C 526 37.58 -34.94 24.99
N LYS C 527 36.38 -35.40 25.34
CA LYS C 527 36.21 -36.74 25.91
C LYS C 527 35.72 -37.73 24.84
N GLY D 16 -0.78 -27.48 51.54
CA GLY D 16 -1.36 -26.14 51.80
C GLY D 16 -0.99 -25.12 50.73
N SER D 17 -1.01 -25.54 49.47
CA SER D 17 -0.69 -24.64 48.37
C SER D 17 -1.58 -24.90 47.17
N PHE D 18 -2.37 -25.98 47.23
CA PHE D 18 -3.29 -26.31 46.14
C PHE D 18 -4.19 -25.09 45.91
N ASP D 19 -4.10 -24.51 44.73
CA ASP D 19 -4.90 -23.34 44.38
C ASP D 19 -6.06 -23.78 43.48
N GLN D 20 -7.15 -24.21 44.12
CA GLN D 20 -8.32 -24.69 43.39
C GLN D 20 -8.68 -23.85 42.17
N GLN D 21 -8.73 -22.53 42.35
CA GLN D 21 -9.08 -21.64 41.25
C GLN D 21 -8.08 -21.68 40.11
N GLY D 22 -6.79 -21.71 40.44
CA GLY D 22 -5.78 -21.74 39.41
C GLY D 22 -5.79 -23.04 38.63
N VAL D 23 -5.97 -24.15 39.33
CA VAL D 23 -5.99 -25.47 38.69
C VAL D 23 -7.23 -25.60 37.79
N PHE D 24 -8.35 -25.05 38.26
CA PHE D 24 -9.58 -25.12 37.48
C PHE D 24 -9.39 -24.41 36.12
N VAL D 25 -8.85 -23.20 36.17
CA VAL D 25 -8.60 -22.43 34.95
C VAL D 25 -7.62 -23.20 34.06
N LYS D 26 -6.63 -23.83 34.68
CA LYS D 26 -5.64 -24.61 33.95
C LYS D 26 -6.28 -25.80 33.26
N GLY D 27 -7.25 -26.42 33.93
CA GLY D 27 -7.92 -27.57 33.35
C GLY D 27 -8.48 -27.27 31.96
N TYR D 28 -9.10 -26.11 31.82
CA TYR D 28 -9.66 -25.69 30.55
C TYR D 28 -8.56 -25.20 29.62
N ALA D 29 -7.55 -24.55 30.19
CA ALA D 29 -6.45 -24.03 29.40
C ALA D 29 -5.71 -25.10 28.60
N MET D 30 -5.60 -26.31 29.15
CA MET D 30 -4.88 -27.38 28.47
C MET D 30 -5.42 -27.71 27.08
N LEU D 31 -6.63 -27.25 26.77
CA LEU D 31 -7.20 -27.52 25.46
C LEU D 31 -6.60 -26.58 24.41
N GLY D 32 -6.18 -25.39 24.83
CA GLY D 32 -5.64 -24.43 23.88
C GLY D 32 -4.20 -23.95 23.96
N VAL D 33 -3.51 -24.22 25.06
CA VAL D 33 -2.12 -23.81 25.21
C VAL D 33 -1.24 -25.00 25.53
N THR D 34 0.05 -24.86 25.26
CA THR D 34 1.01 -25.94 25.50
C THR D 34 1.91 -25.63 26.70
N ASP D 49 8.92 -31.50 20.06
CA ASP D 49 8.83 -30.04 20.09
C ASP D 49 7.55 -29.62 20.81
N GLU D 50 7.63 -28.56 21.61
CA GLU D 50 6.48 -28.07 22.36
C GLU D 50 5.31 -27.70 21.46
N GLY D 51 5.61 -27.01 20.36
CA GLY D 51 4.56 -26.61 19.44
C GLY D 51 3.89 -27.75 18.69
N GLU D 52 4.46 -28.94 18.79
CA GLU D 52 3.93 -30.11 18.10
C GLU D 52 3.12 -31.00 19.03
N SER D 53 3.30 -30.83 20.34
CA SER D 53 2.64 -31.67 21.33
C SER D 53 1.35 -31.15 21.98
N GLY D 54 0.79 -30.06 21.46
CA GLY D 54 -0.43 -29.52 22.03
C GLY D 54 -1.64 -30.43 21.84
N PHE D 55 -2.63 -30.30 22.71
CA PHE D 55 -3.84 -31.11 22.64
C PHE D 55 -4.55 -31.07 21.29
N TYR D 56 -4.83 -29.87 20.83
CA TYR D 56 -5.55 -29.71 19.57
C TYR D 56 -4.77 -30.14 18.33
N ARG D 57 -3.49 -29.80 18.28
CA ARG D 57 -2.70 -30.16 17.10
C ARG D 57 -2.49 -31.66 16.94
N THR D 58 -2.23 -32.37 18.03
CA THR D 58 -1.99 -33.80 17.94
C THR D 58 -3.22 -34.63 17.57
N THR D 59 -4.37 -34.24 18.13
CA THR D 59 -5.61 -34.96 17.83
C THR D 59 -6.04 -34.58 16.42
N PHE D 60 -5.90 -33.30 16.10
CA PHE D 60 -6.27 -32.79 14.77
C PHE D 60 -5.50 -33.55 13.69
N ASN D 61 -4.18 -33.62 13.85
CA ASN D 61 -3.36 -34.31 12.86
C ASN D 61 -3.76 -35.77 12.66
N CYS D 62 -4.04 -36.48 13.75
CA CYS D 62 -4.43 -37.87 13.65
C CYS D 62 -5.77 -38.06 12.94
N ASN D 63 -6.63 -37.06 13.05
CA ASN D 63 -7.95 -37.15 12.42
C ASN D 63 -8.07 -36.39 11.09
N GLU D 64 -6.97 -35.81 10.63
CA GLU D 64 -6.97 -35.04 9.39
C GLU D 64 -5.92 -35.44 8.35
N LEU D 65 -4.65 -35.42 8.74
CA LEU D 65 -3.56 -35.74 7.83
C LEU D 65 -3.63 -37.05 7.04
N PRO D 66 -4.31 -38.07 7.57
CA PRO D 66 -4.40 -39.34 6.84
C PRO D 66 -5.67 -39.44 5.98
N THR D 67 -6.55 -38.45 6.14
CA THR D 67 -7.83 -38.46 5.43
C THR D 67 -7.87 -37.85 4.04
N ASP D 68 -9.08 -37.72 3.53
CA ASP D 68 -9.34 -37.16 2.21
C ASP D 68 -9.48 -35.64 2.24
N GLU D 69 -9.42 -35.03 3.42
CA GLU D 69 -9.58 -33.59 3.51
C GLU D 69 -8.35 -32.74 3.23
N CYS D 70 -7.18 -33.16 3.70
CA CYS D 70 -6.00 -32.34 3.47
C CYS D 70 -4.68 -33.09 3.39
N LEU D 71 -3.62 -32.32 3.17
CA LEU D 71 -2.27 -32.85 3.08
C LEU D 71 -1.31 -31.85 3.72
N TRP D 72 -0.23 -32.36 4.30
CA TRP D 72 0.79 -31.52 4.89
C TRP D 72 1.83 -31.41 3.77
N ALA D 73 2.17 -30.19 3.37
CA ALA D 73 3.10 -29.99 2.25
C ALA D 73 4.57 -30.34 2.49
N TRP D 74 4.98 -30.50 3.74
CA TRP D 74 6.37 -30.81 4.01
C TRP D 74 6.57 -32.25 4.45
N GLN D 75 6.51 -33.15 3.47
CA GLN D 75 6.65 -34.57 3.70
C GLN D 75 7.98 -34.97 4.31
N LYS D 76 8.94 -34.04 4.33
CA LYS D 76 10.22 -34.37 4.94
C LYS D 76 10.12 -34.28 6.46
N ASN D 77 9.06 -33.68 6.97
CA ASN D 77 8.89 -33.60 8.43
C ASN D 77 8.74 -35.03 8.95
N GLN D 78 9.33 -35.32 10.11
CA GLN D 78 9.29 -36.66 10.67
C GLN D 78 7.87 -37.20 10.87
N ASP D 79 7.67 -38.43 10.41
CA ASP D 79 6.40 -39.14 10.53
C ASP D 79 5.23 -38.59 9.72
N ILE D 80 5.49 -37.61 8.86
CA ILE D 80 4.44 -37.04 8.03
C ILE D 80 4.00 -38.03 6.93
N PRO D 81 4.96 -38.73 6.32
CA PRO D 81 4.58 -39.70 5.27
C PRO D 81 3.70 -40.80 5.87
N GLN D 82 4.11 -41.30 7.03
CA GLN D 82 3.37 -42.36 7.70
C GLN D 82 1.92 -41.97 7.94
N LEU D 83 1.70 -40.74 8.43
CA LEU D 83 0.35 -40.27 8.71
C LEU D 83 -0.39 -39.89 7.44
N THR D 84 0.34 -39.50 6.41
CA THR D 84 -0.27 -39.11 5.15
C THR D 84 -0.87 -40.31 4.42
N SER D 85 -0.11 -41.39 4.35
CA SER D 85 -0.56 -42.58 3.64
C SER D 85 -1.10 -43.73 4.50
N ILE D 86 -1.38 -43.45 5.77
CA ILE D 86 -1.89 -44.48 6.68
C ILE D 86 -0.92 -45.67 6.64
N SER D 87 0.30 -45.44 7.12
CA SER D 87 1.32 -46.49 7.11
C SER D 87 2.24 -46.36 8.32
N TRP D 88 1.73 -45.78 9.39
CA TRP D 88 2.50 -45.61 10.61
C TRP D 88 2.76 -46.95 11.31
N SER D 89 3.66 -46.93 12.29
CA SER D 89 4.01 -48.12 13.05
C SER D 89 3.96 -47.78 14.55
N PRO D 90 4.22 -48.79 15.40
CA PRO D 90 4.18 -48.52 16.84
C PRO D 90 5.22 -47.49 17.31
N SER D 91 6.18 -47.18 16.45
CA SER D 91 7.21 -46.20 16.81
C SER D 91 6.84 -44.77 16.42
N SER D 92 5.68 -44.60 15.80
CA SER D 92 5.20 -43.29 15.35
C SER D 92 5.34 -42.20 16.41
N GLN D 93 6.06 -41.13 16.05
CA GLN D 93 6.28 -40.02 16.97
C GLN D 93 4.99 -39.22 17.18
N ARG D 94 4.23 -39.06 16.11
CA ARG D 94 2.98 -38.32 16.20
C ARG D 94 1.93 -39.13 16.96
N THR D 95 2.03 -40.45 16.89
CA THR D 95 1.08 -41.27 17.61
C THR D 95 1.43 -41.15 19.09
N GLU D 96 2.72 -41.13 19.40
CA GLU D 96 3.16 -41.01 20.78
C GLU D 96 2.76 -39.67 21.39
N TRP D 97 2.91 -38.59 20.60
CA TRP D 97 2.55 -37.24 21.06
C TRP D 97 1.10 -37.12 21.49
N VAL D 98 0.18 -37.54 20.63
CA VAL D 98 -1.23 -37.43 20.97
C VAL D 98 -1.55 -38.33 22.16
N TYR D 99 -0.95 -39.51 22.19
CA TYR D 99 -1.17 -40.47 23.28
C TYR D 99 -0.70 -39.85 24.61
N VAL D 100 0.56 -39.45 24.65
CA VAL D 100 1.14 -38.84 25.85
C VAL D 100 0.38 -37.58 26.27
N ARG D 101 0.01 -36.75 25.29
CA ARG D 101 -0.71 -35.51 25.58
C ARG D 101 -2.07 -35.80 26.24
N LEU D 102 -2.80 -36.76 25.69
CA LEU D 102 -4.10 -37.12 26.24
C LEU D 102 -4.01 -37.64 27.66
N GLY D 103 -2.97 -38.42 27.93
CA GLY D 103 -2.78 -38.98 29.26
C GLY D 103 -2.40 -37.91 30.26
N TYR D 104 -1.43 -37.08 29.89
CA TYR D 104 -1.01 -36.02 30.79
C TYR D 104 -2.19 -35.16 31.22
N ASP D 105 -2.99 -34.73 30.25
CA ASP D 105 -4.14 -33.89 30.56
C ASP D 105 -5.06 -34.54 31.57
N ILE D 106 -5.32 -35.82 31.41
CA ILE D 106 -6.20 -36.54 32.33
C ILE D 106 -5.62 -36.63 33.75
N THR D 107 -4.31 -36.75 33.88
CA THR D 107 -3.71 -36.82 35.21
C THR D 107 -3.97 -35.51 35.94
N GLN D 108 -3.91 -34.41 35.21
CA GLN D 108 -4.18 -33.09 35.79
C GLN D 108 -5.62 -33.00 36.30
N TYR D 109 -6.56 -33.54 35.54
CA TYR D 109 -7.96 -33.51 35.97
C TYR D 109 -8.12 -34.39 37.20
N ASN D 110 -7.44 -35.53 37.20
CA ASN D 110 -7.49 -36.46 38.33
C ASN D 110 -6.96 -35.75 39.57
N PHE D 111 -5.93 -34.92 39.37
CA PHE D 111 -5.35 -34.18 40.48
C PHE D 111 -6.34 -33.22 41.08
N PHE D 112 -7.01 -32.44 40.24
CA PHE D 112 -8.00 -31.48 40.71
C PHE D 112 -9.16 -32.18 41.43
N LEU D 113 -9.58 -33.32 40.88
CA LEU D 113 -10.69 -34.07 41.46
C LEU D 113 -10.33 -34.64 42.83
N ASP D 114 -9.13 -35.22 42.94
CA ASP D 114 -8.71 -35.77 44.22
C ASP D 114 -8.62 -34.63 45.23
N GLN D 115 -7.95 -33.55 44.86
CA GLN D 115 -7.78 -32.40 45.74
C GLN D 115 -9.09 -31.77 46.22
N THR D 116 -10.17 -31.96 45.47
CA THR D 116 -11.46 -31.38 45.84
C THR D 116 -12.45 -32.40 46.37
N GLU D 117 -12.05 -33.66 46.41
CA GLU D 117 -12.92 -34.73 46.88
C GLU D 117 -13.51 -34.41 48.24
N GLY D 118 -14.83 -34.52 48.36
CA GLY D 118 -15.48 -34.25 49.63
C GLY D 118 -16.19 -32.91 49.72
N MET D 119 -15.67 -31.90 49.05
CA MET D 119 -16.28 -30.58 49.09
C MET D 119 -17.69 -30.61 48.50
N THR D 120 -18.61 -29.89 49.13
CA THR D 120 -20.00 -29.89 48.68
C THR D 120 -20.59 -28.52 48.35
N ASP D 121 -19.76 -27.48 48.34
CA ASP D 121 -20.29 -26.15 48.03
C ASP D 121 -20.65 -26.07 46.54
N ALA D 122 -21.62 -25.22 46.23
CA ALA D 122 -22.09 -25.03 44.87
C ALA D 122 -20.97 -24.90 43.84
N GLU D 123 -20.17 -23.85 43.97
CA GLU D 123 -19.09 -23.59 43.03
C GLU D 123 -18.17 -24.78 42.76
N THR D 124 -17.84 -25.54 43.81
CA THR D 124 -16.97 -26.69 43.65
C THR D 124 -17.65 -27.86 42.94
N LEU D 125 -18.92 -28.12 43.26
CA LEU D 125 -19.63 -29.21 42.62
C LEU D 125 -19.74 -28.89 41.13
N ARG D 126 -19.87 -27.61 40.80
CA ARG D 126 -19.98 -27.17 39.41
C ARG D 126 -18.63 -27.41 38.71
N GLN D 127 -17.54 -27.10 39.43
CA GLN D 127 -16.21 -27.28 38.88
C GLN D 127 -15.87 -28.75 38.67
N ARG D 128 -16.12 -29.57 39.68
CA ARG D 128 -15.83 -30.99 39.59
C ARG D 128 -16.56 -31.64 38.42
N ALA D 129 -17.77 -31.15 38.12
CA ALA D 129 -18.55 -31.70 37.02
C ALA D 129 -17.92 -31.36 35.68
N GLU D 130 -17.52 -30.10 35.52
CA GLU D 130 -16.91 -29.65 34.28
C GLU D 130 -15.56 -30.33 34.04
N ILE D 131 -14.81 -30.58 35.12
CA ILE D 131 -13.50 -31.23 35.01
C ILE D 131 -13.66 -32.69 34.58
N ARG D 132 -14.68 -33.34 35.12
CA ARG D 132 -14.95 -34.73 34.76
C ARG D 132 -15.43 -34.72 33.31
N PHE D 133 -16.15 -33.67 32.93
CA PHE D 133 -16.61 -33.58 31.54
C PHE D 133 -15.38 -33.54 30.65
N LEU D 134 -14.43 -32.67 30.99
CA LEU D 134 -13.22 -32.53 30.22
C LEU D 134 -12.41 -33.83 30.22
N ARG D 135 -12.48 -34.58 31.32
CA ARG D 135 -11.77 -35.85 31.40
C ARG D 135 -12.46 -36.89 30.53
N ALA D 136 -13.78 -36.81 30.45
CA ALA D 136 -14.57 -37.73 29.64
C ALA D 136 -14.26 -37.45 28.17
N LEU D 137 -14.17 -36.18 27.82
CA LEU D 137 -13.86 -35.78 26.45
C LEU D 137 -12.53 -36.40 26.02
N HIS D 138 -11.53 -36.31 26.90
CA HIS D 138 -10.23 -36.87 26.60
C HIS D 138 -10.31 -38.40 26.41
N TYR D 139 -11.03 -39.08 27.30
CA TYR D 139 -11.18 -40.52 27.18
C TYR D 139 -11.85 -40.88 25.86
N TRP D 140 -12.73 -40.02 25.37
CA TRP D 140 -13.36 -40.32 24.10
C TRP D 140 -12.27 -40.38 23.02
N TYR D 141 -11.34 -39.42 23.06
CA TYR D 141 -10.26 -39.39 22.10
C TYR D 141 -9.46 -40.67 22.18
N PHE D 142 -9.18 -41.13 23.40
CA PHE D 142 -8.44 -42.37 23.59
C PHE D 142 -9.22 -43.50 22.95
N LEU D 143 -10.51 -43.55 23.25
CA LEU D 143 -11.38 -44.60 22.72
C LEU D 143 -11.47 -44.56 21.19
N ASP D 144 -11.74 -43.38 20.66
CA ASP D 144 -11.89 -43.23 19.21
C ASP D 144 -10.60 -43.46 18.42
N LEU D 145 -9.47 -43.04 18.97
CA LEU D 145 -8.17 -43.19 18.32
C LEU D 145 -7.47 -44.52 18.55
N PHE D 146 -7.50 -45.00 19.80
CA PHE D 146 -6.81 -46.24 20.16
C PHE D 146 -7.69 -47.44 20.46
N GLY D 147 -8.97 -47.20 20.70
CA GLY D 147 -9.87 -48.29 21.01
C GLY D 147 -9.77 -48.71 22.47
N LYS D 148 -8.83 -48.08 23.19
CA LYS D 148 -8.60 -48.36 24.60
C LYS D 148 -7.87 -47.18 25.23
N ALA D 149 -7.54 -47.29 26.51
CA ALA D 149 -6.85 -46.20 27.19
C ALA D 149 -6.09 -46.60 28.46
N PRO D 150 -4.97 -45.92 28.75
CA PRO D 150 -4.22 -46.24 29.96
C PRO D 150 -5.08 -45.56 31.02
N PHE D 151 -6.00 -46.31 31.62
CA PHE D 151 -6.94 -45.78 32.59
C PHE D 151 -6.48 -45.64 34.03
N LYS D 152 -6.90 -44.53 34.62
CA LYS D 152 -6.59 -44.22 36.01
C LYS D 152 -7.64 -43.19 36.48
N GLU D 153 -8.27 -43.47 37.60
CA GLU D 153 -9.30 -42.59 38.15
C GLU D 153 -8.70 -41.53 39.07
N HIS D 154 -7.58 -41.87 39.70
CA HIS D 154 -6.93 -40.96 40.63
C HIS D 154 -5.52 -40.55 40.24
N PHE D 155 -5.00 -39.56 40.96
CA PHE D 155 -3.67 -39.03 40.75
C PHE D 155 -2.66 -39.69 41.68
N SER D 156 -2.19 -40.88 41.33
CA SER D 156 -1.21 -41.58 42.15
C SER D 156 0.07 -41.83 41.35
N ASN D 157 0.99 -42.60 41.91
CA ASN D 157 2.24 -42.90 41.22
C ASN D 157 2.28 -44.31 40.68
N ASP D 158 1.13 -44.99 40.72
CA ASP D 158 1.02 -46.34 40.22
C ASP D 158 0.88 -46.32 38.71
N LEU D 159 0.93 -47.49 38.08
CA LEU D 159 0.80 -47.55 36.64
C LEU D 159 -0.67 -47.68 36.27
N PRO D 160 -1.09 -46.98 35.21
CA PRO D 160 -2.49 -47.03 34.78
C PRO D 160 -2.82 -48.44 34.30
N VAL D 161 -4.08 -48.84 34.41
CA VAL D 161 -4.48 -50.15 33.93
C VAL D 161 -5.19 -49.93 32.61
N GLU D 162 -5.16 -50.93 31.74
CA GLU D 162 -5.81 -50.81 30.44
C GLU D 162 -7.32 -51.02 30.52
N LYS D 163 -8.08 -50.03 30.06
CA LYS D 163 -9.53 -50.14 30.03
C LYS D 163 -9.86 -50.05 28.54
N LYS D 164 -10.35 -51.13 27.96
CA LYS D 164 -10.64 -51.13 26.53
C LYS D 164 -12.10 -51.14 26.10
N GLY D 165 -12.27 -50.99 24.78
CA GLY D 165 -13.58 -51.00 24.16
C GLY D 165 -14.81 -50.71 25.00
N THR D 166 -15.75 -51.65 24.98
CA THR D 166 -17.01 -51.51 25.70
C THR D 166 -16.87 -51.06 27.15
N GLU D 167 -15.77 -51.44 27.78
CA GLU D 167 -15.53 -51.05 29.17
C GLU D 167 -15.33 -49.55 29.22
N LEU D 168 -14.41 -49.06 28.38
CA LEU D 168 -14.09 -47.64 28.31
C LEU D 168 -15.31 -46.86 27.86
N TYR D 169 -16.02 -47.39 26.88
CA TYR D 169 -17.23 -46.74 26.36
C TYR D 169 -18.23 -46.48 27.47
N THR D 170 -18.56 -47.53 28.21
CA THR D 170 -19.54 -47.43 29.29
C THR D 170 -19.13 -46.42 30.35
N TYR D 171 -17.86 -46.42 30.71
CA TYR D 171 -17.35 -45.49 31.71
C TYR D 171 -17.59 -44.05 31.29
N ILE D 172 -17.35 -43.75 30.01
CA ILE D 172 -17.54 -42.39 29.52
C ILE D 172 -19.02 -41.99 29.56
N GLN D 173 -19.90 -42.90 29.16
CA GLN D 173 -21.32 -42.61 29.19
C GLN D 173 -21.74 -42.43 30.65
N ASN D 174 -21.23 -43.30 31.52
CA ASN D 174 -21.56 -43.22 32.96
C ASN D 174 -21.12 -41.90 33.55
N GLU D 175 -19.89 -41.50 33.23
CA GLU D 175 -19.35 -40.24 33.71
C GLU D 175 -20.27 -39.09 33.33
N LEU D 176 -20.57 -39.00 32.04
CA LEU D 176 -21.43 -37.93 31.55
C LEU D 176 -22.80 -37.95 32.18
N ASN D 177 -23.37 -39.14 32.33
CA ASN D 177 -24.69 -39.26 32.92
C ASN D 177 -24.71 -38.83 34.38
N GLU D 178 -23.59 -39.02 35.09
CA GLU D 178 -23.50 -38.65 36.50
C GLU D 178 -23.33 -37.16 36.77
N ILE D 179 -22.47 -36.51 36.00
CA ILE D 179 -22.20 -35.09 36.19
C ILE D 179 -23.24 -34.14 35.60
N GLU D 180 -24.08 -34.62 34.71
CA GLU D 180 -25.08 -33.76 34.08
C GLU D 180 -25.78 -32.80 35.01
N ALA D 181 -26.41 -33.33 36.05
CA ALA D 181 -27.16 -32.51 37.01
C ALA D 181 -26.38 -31.34 37.62
N ASP D 182 -25.06 -31.49 37.78
CA ASP D 182 -24.28 -30.42 38.38
C ASP D 182 -23.75 -29.36 37.41
N MET D 183 -24.01 -29.55 36.11
CA MET D 183 -23.54 -28.58 35.12
C MET D 183 -24.55 -27.48 34.85
N TYR D 184 -24.07 -26.33 34.40
CA TYR D 184 -24.93 -25.20 34.08
C TYR D 184 -25.94 -25.61 33.01
N GLU D 185 -27.06 -24.91 32.95
CA GLU D 185 -28.07 -25.17 31.93
C GLU D 185 -27.43 -24.71 30.62
N PRO D 186 -27.97 -25.15 29.48
CA PRO D 186 -27.39 -24.72 28.19
C PRO D 186 -27.36 -23.20 28.04
N ARG D 187 -26.18 -22.67 27.76
CA ARG D 187 -25.95 -21.24 27.57
C ARG D 187 -26.09 -20.38 28.83
N GLN D 188 -26.03 -20.98 30.01
CA GLN D 188 -26.12 -20.21 31.24
C GLN D 188 -24.78 -20.07 31.95
N ALA D 189 -23.77 -20.79 31.46
CA ALA D 189 -22.44 -20.75 32.07
C ALA D 189 -21.61 -19.62 31.45
N PRO D 190 -20.52 -19.24 32.12
CA PRO D 190 -19.70 -18.17 31.53
C PRO D 190 -19.13 -18.76 30.22
N PHE D 191 -19.09 -17.95 29.17
CA PHE D 191 -18.60 -18.43 27.88
C PHE D 191 -17.25 -19.11 28.04
N GLY D 192 -17.08 -20.26 27.40
CA GLY D 192 -15.83 -20.98 27.50
C GLY D 192 -15.95 -22.22 28.37
N ARG D 193 -16.97 -22.28 29.22
CA ARG D 193 -17.17 -23.43 30.09
C ARG D 193 -18.26 -24.34 29.54
N ALA D 194 -18.18 -25.62 29.86
CA ALA D 194 -19.15 -26.60 29.37
C ALA D 194 -20.44 -26.65 30.16
N ASP D 195 -21.56 -26.65 29.45
CA ASP D 195 -22.86 -26.75 30.08
C ASP D 195 -23.47 -28.10 29.72
N LYS D 196 -24.72 -28.34 30.12
CA LYS D 196 -25.38 -29.62 29.83
C LYS D 196 -25.44 -29.96 28.35
N ALA D 197 -25.50 -28.93 27.50
CA ALA D 197 -25.58 -29.17 26.07
C ALA D 197 -24.30 -29.82 25.58
N ALA D 198 -23.16 -29.40 26.13
CA ALA D 198 -21.87 -29.96 25.75
C ALA D 198 -21.87 -31.43 26.16
N ASN D 199 -22.45 -31.69 27.32
CA ASN D 199 -22.56 -33.03 27.86
C ASN D 199 -23.36 -33.91 26.90
N TRP D 200 -24.60 -33.51 26.60
CA TRP D 200 -25.45 -34.28 25.69
C TRP D 200 -24.81 -34.52 24.32
N LEU D 201 -24.18 -33.50 23.76
CA LEU D 201 -23.56 -33.62 22.44
C LEU D 201 -22.49 -34.69 22.39
N LEU D 202 -21.64 -34.75 23.41
CA LEU D 202 -20.59 -35.75 23.46
C LEU D 202 -21.19 -37.13 23.57
N ARG D 203 -22.28 -37.25 24.33
CA ARG D 203 -22.95 -38.54 24.49
C ARG D 203 -23.53 -38.98 23.14
N ALA D 204 -24.17 -38.04 22.44
CA ALA D 204 -24.75 -38.34 21.14
C ALA D 204 -23.64 -38.84 20.22
N ARG D 205 -22.47 -38.20 20.32
CA ARG D 205 -21.32 -38.57 19.49
C ARG D 205 -20.90 -39.99 19.85
N LEU D 206 -20.92 -40.31 21.13
CA LEU D 206 -20.54 -41.65 21.58
C LEU D 206 -21.55 -42.70 21.13
N TYR D 207 -22.83 -42.38 21.24
CA TYR D 207 -23.87 -43.32 20.81
C TYR D 207 -23.76 -43.55 19.31
N LEU D 208 -23.56 -42.47 18.56
CA LEU D 208 -23.46 -42.59 17.11
C LEU D 208 -22.36 -43.57 16.74
N ASN D 209 -21.28 -43.58 17.51
CA ASN D 209 -20.14 -44.45 17.27
C ASN D 209 -20.18 -45.74 18.09
N ALA D 210 -21.23 -45.92 18.88
CA ALA D 210 -21.38 -47.10 19.72
C ALA D 210 -21.07 -48.39 18.96
N GLY D 211 -21.48 -48.44 17.70
CA GLY D 211 -21.24 -49.62 16.88
C GLY D 211 -19.77 -49.90 16.69
N VAL D 212 -19.00 -48.84 16.45
CA VAL D 212 -17.57 -48.96 16.25
C VAL D 212 -16.87 -49.33 17.56
N TYR D 213 -17.25 -48.65 18.64
CA TYR D 213 -16.63 -48.88 19.94
C TYR D 213 -17.07 -50.12 20.70
N THR D 214 -18.29 -50.59 20.48
CA THR D 214 -18.76 -51.76 21.21
C THR D 214 -19.25 -52.93 20.37
N GLY D 215 -19.46 -52.70 19.08
CA GLY D 215 -19.94 -53.76 18.21
C GLY D 215 -21.47 -53.77 18.15
N GLN D 216 -22.08 -52.99 19.02
CA GLN D 216 -23.54 -52.90 19.09
C GLN D 216 -23.93 -51.45 18.84
N THR D 217 -24.64 -51.22 17.73
CA THR D 217 -25.08 -49.86 17.42
C THR D 217 -26.14 -49.43 18.42
N ASP D 218 -26.30 -48.13 18.58
CA ASP D 218 -27.30 -47.59 19.50
C ASP D 218 -27.74 -46.25 18.91
N TYR D 219 -28.17 -46.30 17.65
CA TYR D 219 -28.61 -45.11 16.94
C TYR D 219 -29.82 -44.41 17.51
N ALA D 220 -30.69 -45.16 18.19
CA ALA D 220 -31.87 -44.54 18.78
C ALA D 220 -31.40 -43.57 19.87
N LYS D 221 -30.35 -43.96 20.59
CA LYS D 221 -29.82 -43.11 21.65
C LYS D 221 -29.09 -41.89 21.08
N ALA D 222 -28.45 -42.07 19.92
CA ALA D 222 -27.74 -40.98 19.27
C ALA D 222 -28.78 -39.94 18.87
N GLU D 223 -29.88 -40.44 18.29
CA GLU D 223 -30.97 -39.58 17.85
C GLU D 223 -31.50 -38.79 19.04
N GLU D 224 -31.82 -39.49 20.12
CA GLU D 224 -32.34 -38.87 21.33
C GLU D 224 -31.48 -37.73 21.86
N TYR D 225 -30.23 -38.02 22.19
CA TYR D 225 -29.35 -36.98 22.70
C TYR D 225 -29.06 -35.89 21.68
N ALA D 226 -29.03 -36.25 20.41
CA ALA D 226 -28.80 -35.25 19.37
C ALA D 226 -30.02 -34.32 19.43
N SER D 227 -31.19 -34.91 19.66
CA SER D 227 -32.44 -34.14 19.75
C SER D 227 -32.46 -33.21 20.97
N LYS D 228 -31.84 -33.64 22.07
CA LYS D 228 -31.80 -32.81 23.27
C LYS D 228 -30.96 -31.55 23.03
N VAL D 229 -29.90 -31.69 22.23
CA VAL D 229 -29.03 -30.56 21.93
C VAL D 229 -29.75 -29.65 20.96
N ILE D 230 -30.37 -30.24 19.95
CA ILE D 230 -31.10 -29.47 18.97
C ILE D 230 -32.26 -28.76 19.65
N GLY D 231 -32.67 -29.28 20.81
CA GLY D 231 -33.76 -28.67 21.55
C GLY D 231 -33.32 -27.73 22.64
N SER D 232 -32.02 -27.45 22.70
CA SER D 232 -31.48 -26.55 23.73
C SER D 232 -31.60 -25.10 23.29
N ALA D 233 -31.05 -24.20 24.11
CA ALA D 233 -31.08 -22.78 23.81
C ALA D 233 -30.12 -22.42 22.67
N TYR D 234 -29.29 -23.37 22.27
CA TYR D 234 -28.34 -23.14 21.19
C TYR D 234 -29.03 -23.04 19.84
N LYS D 235 -28.46 -22.23 18.94
CA LYS D 235 -29.01 -22.01 17.60
C LYS D 235 -27.91 -21.96 16.55
N LEU D 236 -28.29 -22.13 15.28
CA LEU D 236 -27.31 -22.09 14.19
C LEU D 236 -26.90 -20.69 13.78
N CYS D 237 -25.61 -20.52 13.52
CA CYS D 237 -25.09 -19.23 13.08
C CYS D 237 -25.64 -19.00 11.66
N THR D 238 -26.23 -17.84 11.43
CA THR D 238 -26.80 -17.54 10.12
C THR D 238 -25.77 -17.34 9.01
N ASN D 239 -24.50 -17.13 9.39
CA ASN D 239 -23.43 -16.93 8.42
C ASN D 239 -22.28 -17.87 8.77
N TYR D 240 -22.24 -19.00 8.06
CA TYR D 240 -21.24 -20.04 8.29
C TYR D 240 -19.81 -19.58 8.54
N SER D 241 -19.28 -18.71 7.68
CA SER D 241 -17.92 -18.22 7.82
C SER D 241 -17.64 -17.54 9.16
N GLU D 242 -18.64 -16.87 9.72
CA GLU D 242 -18.47 -16.16 10.99
C GLU D 242 -18.07 -17.06 12.18
N LEU D 243 -18.36 -18.36 12.07
CA LEU D 243 -18.02 -19.31 13.13
C LEU D 243 -16.52 -19.46 13.27
N PHE D 244 -15.81 -19.15 12.19
CA PHE D 244 -14.37 -19.30 12.16
C PHE D 244 -13.60 -17.99 12.01
N MET D 245 -14.19 -16.90 12.47
CA MET D 245 -13.56 -15.58 12.39
C MET D 245 -13.03 -15.11 13.75
N ALA D 246 -12.19 -14.08 13.70
CA ALA D 246 -11.53 -13.53 14.89
C ALA D 246 -12.42 -13.09 16.05
N ASP D 247 -13.64 -12.66 15.75
CA ASP D 247 -14.55 -12.19 16.79
C ASP D 247 -15.63 -13.22 17.14
N ASN D 248 -15.35 -14.50 16.93
CA ASN D 248 -16.33 -15.53 17.23
C ASN D 248 -16.58 -15.73 18.73
N ASP D 249 -15.97 -14.90 19.57
CA ASP D 249 -16.19 -15.00 21.00
C ASP D 249 -16.94 -13.77 21.50
N GLU D 250 -17.35 -12.92 20.57
CA GLU D 250 -18.09 -11.71 20.92
C GLU D 250 -19.26 -11.52 19.98
N ASN D 251 -19.20 -12.18 18.82
CA ASN D 251 -20.27 -12.10 17.83
C ASN D 251 -21.37 -13.11 18.15
N GLU D 252 -22.42 -12.62 18.79
CA GLU D 252 -23.56 -13.42 19.20
C GLU D 252 -24.05 -14.40 18.14
N ASN D 253 -24.09 -13.96 16.89
CA ASN D 253 -24.53 -14.81 15.80
C ASN D 253 -23.72 -16.11 15.74
N ALA D 254 -22.47 -16.04 16.17
CA ALA D 254 -21.59 -17.21 16.16
C ALA D 254 -21.61 -17.93 17.51
N MET D 255 -21.53 -17.16 18.59
CA MET D 255 -21.54 -17.71 19.94
C MET D 255 -22.75 -18.60 20.22
N GLN D 256 -23.88 -18.26 19.61
CA GLN D 256 -25.13 -19.01 19.82
C GLN D 256 -25.07 -20.46 19.35
N GLU D 257 -24.08 -20.78 18.50
CA GLU D 257 -23.91 -22.13 17.98
C GLU D 257 -22.73 -22.83 18.62
N ILE D 258 -21.83 -22.05 19.19
CA ILE D 258 -20.62 -22.59 19.79
C ILE D 258 -20.80 -23.12 21.21
N ILE D 259 -21.03 -24.43 21.29
CA ILE D 259 -21.28 -25.15 22.53
C ILE D 259 -20.03 -25.27 23.40
N LEU D 260 -18.86 -25.42 22.78
CA LEU D 260 -17.62 -25.52 23.53
C LEU D 260 -16.47 -24.86 22.77
N PRO D 261 -16.08 -23.65 23.19
CA PRO D 261 -14.99 -22.99 22.49
C PRO D 261 -13.64 -23.16 23.18
N ILE D 262 -12.57 -23.27 22.40
CA ILE D 262 -11.23 -23.34 22.95
C ILE D 262 -10.78 -21.89 22.75
N ARG D 263 -10.67 -21.14 23.82
CA ARG D 263 -10.29 -19.73 23.72
C ARG D 263 -8.86 -19.50 23.20
N GLN D 264 -8.74 -18.52 22.32
CA GLN D 264 -7.45 -18.14 21.75
C GLN D 264 -7.41 -16.61 21.74
N ASP D 265 -6.21 -16.05 21.79
CA ASP D 265 -6.05 -14.59 21.77
C ASP D 265 -4.69 -14.23 21.14
N GLY D 266 -4.73 -13.36 20.15
CA GLY D 266 -3.52 -12.95 19.46
C GLY D 266 -2.37 -12.49 20.34
N VAL D 267 -2.66 -11.76 21.40
CA VAL D 267 -1.60 -11.28 22.27
C VAL D 267 -1.39 -12.12 23.53
N LYS D 268 -2.46 -12.72 24.03
CA LYS D 268 -2.37 -13.50 25.27
C LYS D 268 -2.24 -15.01 25.09
N THR D 269 -3.30 -15.62 24.58
CA THR D 269 -3.36 -17.07 24.39
C THR D 269 -2.88 -17.55 23.02
N ARG D 270 -1.56 -17.68 22.88
CA ARG D 270 -0.93 -18.11 21.64
C ARG D 270 -0.55 -19.60 21.73
N ASN D 271 -0.51 -20.26 20.58
CA ASN D 271 -0.17 -21.68 20.49
C ASN D 271 0.05 -22.02 19.02
N TYR D 272 1.26 -22.48 18.70
CA TYR D 272 1.59 -22.84 17.32
C TYR D 272 0.68 -23.95 16.85
N GLY D 273 0.00 -24.59 17.79
CA GLY D 273 -0.91 -25.67 17.45
C GLY D 273 -2.37 -25.31 17.65
N GLY D 274 -2.65 -24.03 17.88
CA GLY D 274 -4.02 -23.59 18.08
C GLY D 274 -4.59 -22.99 16.80
N SER D 275 -5.31 -21.87 16.93
CA SER D 275 -5.88 -21.24 15.75
C SER D 275 -4.74 -20.71 14.87
N THR D 276 -3.55 -20.56 15.47
CA THR D 276 -2.37 -20.10 14.72
C THR D 276 -2.09 -21.19 13.68
N TYR D 277 -2.20 -22.44 14.12
CA TYR D 277 -1.99 -23.59 13.26
C TYR D 277 -2.95 -23.58 12.08
N LEU D 278 -4.22 -23.30 12.35
CA LEU D 278 -5.26 -23.26 11.32
C LEU D 278 -5.18 -22.08 10.34
N VAL D 279 -4.70 -20.94 10.82
CA VAL D 279 -4.60 -19.76 9.98
C VAL D 279 -3.26 -19.65 9.25
N CYS D 280 -2.18 -19.51 10.02
CA CYS D 280 -0.84 -19.41 9.43
C CYS D 280 -0.52 -20.67 8.64
N GLY D 281 -0.95 -21.81 9.17
CA GLY D 281 -0.68 -23.08 8.51
C GLY D 281 -1.36 -23.31 7.18
N THR D 282 -2.37 -22.51 6.85
CA THR D 282 -3.08 -22.68 5.58
C THR D 282 -2.86 -21.54 4.60
N ARG D 283 -1.98 -20.62 4.95
CA ARG D 283 -1.70 -19.47 4.08
C ARG D 283 -0.25 -19.43 3.61
N VAL D 284 0.00 -18.68 2.54
CA VAL D 284 1.32 -18.50 1.98
C VAL D 284 1.40 -17.07 1.49
N ALA D 285 2.58 -16.46 1.59
CA ALA D 285 2.75 -15.08 1.14
C ALA D 285 2.17 -14.94 -0.28
N GLY D 286 1.51 -13.82 -0.54
CA GLY D 286 0.93 -13.59 -1.86
C GLY D 286 -0.57 -13.79 -1.90
N MET D 287 -1.10 -14.53 -0.94
CA MET D 287 -2.53 -14.76 -0.88
C MET D 287 -3.19 -13.48 -0.39
N PRO D 288 -4.40 -13.18 -0.89
CA PRO D 288 -5.11 -11.96 -0.47
C PRO D 288 -5.68 -12.11 0.94
N ARG D 289 -5.59 -11.05 1.73
CA ARG D 289 -6.10 -11.06 3.09
C ARG D 289 -5.66 -12.31 3.86
N MET D 290 -4.37 -12.40 4.14
CA MET D 290 -3.84 -13.54 4.89
C MET D 290 -4.31 -13.54 6.33
N GLY D 291 -4.51 -12.35 6.89
CA GLY D 291 -4.95 -12.24 8.27
C GLY D 291 -3.80 -12.44 9.24
N THR D 292 -2.60 -12.57 8.69
CA THR D 292 -1.41 -12.77 9.50
C THR D 292 -0.18 -12.39 8.68
N THR D 293 0.95 -12.18 9.35
CA THR D 293 2.19 -11.84 8.66
C THR D 293 3.01 -13.10 8.37
N ASN D 294 2.52 -14.25 8.82
CA ASN D 294 3.28 -15.48 8.62
C ASN D 294 2.49 -16.66 8.08
N GLY D 295 2.66 -16.94 6.80
CA GLY D 295 1.99 -18.06 6.19
C GLY D 295 3.00 -19.19 6.11
N TRP D 296 2.70 -20.33 6.73
CA TRP D 296 3.61 -21.46 6.74
C TRP D 296 3.51 -22.32 5.49
N SER D 297 2.45 -22.12 4.71
CA SER D 297 2.22 -22.92 3.51
C SER D 297 2.42 -24.41 3.81
N CYS D 298 1.64 -24.91 4.77
CA CYS D 298 1.71 -26.30 5.19
C CYS D 298 0.49 -27.14 4.85
N ILE D 299 -0.69 -26.63 5.16
CA ILE D 299 -1.92 -27.37 4.93
C ILE D 299 -2.74 -26.91 3.75
N PHE D 300 -3.06 -27.85 2.86
CA PHE D 300 -3.89 -27.59 1.70
C PHE D 300 -4.84 -28.76 1.43
N ALA D 301 -5.85 -28.51 0.60
CA ALA D 301 -6.86 -29.53 0.30
C ALA D 301 -6.48 -30.56 -0.74
N ARG D 302 -6.92 -31.81 -0.52
CA ARG D 302 -6.67 -32.87 -1.50
C ARG D 302 -7.76 -32.69 -2.54
N ALA D 303 -7.58 -33.28 -3.71
CA ALA D 303 -8.58 -33.15 -4.77
C ALA D 303 -9.92 -33.67 -4.28
N ALA D 304 -9.89 -34.75 -3.50
CA ALA D 304 -11.11 -35.33 -2.98
C ALA D 304 -11.91 -34.34 -2.14
N MET D 305 -11.21 -33.52 -1.35
CA MET D 305 -11.87 -32.53 -0.52
C MET D 305 -12.62 -31.55 -1.43
N VAL D 306 -11.95 -31.11 -2.49
CA VAL D 306 -12.54 -30.18 -3.43
C VAL D 306 -13.76 -30.80 -4.10
N GLN D 307 -13.69 -32.10 -4.38
CA GLN D 307 -14.80 -32.76 -5.03
C GLN D 307 -16.08 -32.74 -4.20
N LYS D 308 -15.94 -32.54 -2.88
CA LYS D 308 -17.09 -32.48 -2.00
C LYS D 308 -17.98 -31.30 -2.38
N PHE D 309 -17.41 -30.30 -3.04
CA PHE D 309 -18.18 -29.15 -3.46
C PHE D 309 -18.40 -29.17 -4.96
N PHE D 310 -17.61 -29.96 -5.68
CA PHE D 310 -17.73 -30.07 -7.13
C PHE D 310 -17.58 -31.53 -7.53
N SER D 311 -18.71 -32.24 -7.70
CA SER D 311 -18.66 -33.65 -8.09
C SER D 311 -17.83 -33.79 -9.35
N ASN D 312 -17.95 -32.81 -10.25
CA ASN D 312 -17.17 -32.80 -11.48
C ASN D 312 -16.09 -31.73 -11.25
N LEU D 313 -14.86 -32.15 -11.04
CA LEU D 313 -13.76 -31.23 -10.78
C LEU D 313 -13.55 -30.22 -11.90
N GLU D 314 -14.09 -30.52 -13.09
CA GLU D 314 -13.97 -29.61 -14.22
C GLU D 314 -14.75 -28.33 -13.96
N ASP D 315 -15.65 -28.38 -12.98
CA ASP D 315 -16.47 -27.22 -12.65
C ASP D 315 -15.80 -26.28 -11.68
N VAL D 316 -14.65 -26.68 -11.16
CA VAL D 316 -13.92 -25.84 -10.20
C VAL D 316 -13.31 -24.63 -10.89
N PRO D 317 -13.60 -23.43 -10.39
CA PRO D 317 -13.04 -22.22 -11.01
C PRO D 317 -11.50 -22.30 -10.96
N MET D 318 -10.87 -22.31 -12.13
CA MET D 318 -9.42 -22.41 -12.22
C MET D 318 -8.86 -21.45 -13.26
N LEU D 319 -7.64 -20.97 -13.03
CA LEU D 319 -6.99 -20.07 -13.98
C LEU D 319 -6.62 -20.90 -15.20
N PRO D 320 -6.96 -20.41 -16.40
CA PRO D 320 -6.60 -21.19 -17.60
C PRO D 320 -5.09 -21.40 -17.68
N ALA D 321 -4.70 -22.58 -18.14
CA ALA D 321 -3.28 -22.92 -18.27
C ALA D 321 -2.54 -21.97 -19.21
N ASP D 322 -3.20 -21.58 -20.29
CA ASP D 322 -2.61 -20.69 -21.28
C ASP D 322 -2.60 -19.24 -20.84
N VAL D 323 -3.03 -18.98 -19.61
CA VAL D 323 -3.03 -17.62 -19.09
C VAL D 323 -1.81 -17.46 -18.18
N GLU D 324 -0.98 -16.47 -18.48
CA GLU D 324 0.23 -16.17 -17.72
C GLU D 324 -0.06 -15.42 -16.44
N ILE D 325 0.69 -15.74 -15.39
CA ILE D 325 0.53 -15.05 -14.12
C ILE D 325 1.62 -13.98 -14.02
N PRO D 326 1.22 -12.71 -14.01
CA PRO D 326 2.14 -11.57 -13.92
C PRO D 326 3.18 -11.75 -12.82
N THR D 327 4.42 -11.35 -13.12
CA THR D 327 5.51 -11.43 -12.16
C THR D 327 5.58 -10.14 -11.35
N LYS D 328 4.84 -9.12 -11.80
CA LYS D 328 4.81 -7.84 -11.11
C LYS D 328 3.39 -7.27 -11.08
N GLY D 329 3.14 -6.36 -10.16
CA GLY D 329 1.83 -5.72 -10.08
C GLY D 329 0.75 -6.47 -9.35
N LEU D 330 1.11 -7.44 -8.51
CA LEU D 330 0.12 -8.19 -7.77
C LEU D 330 0.52 -8.20 -6.29
N ASP D 331 0.76 -7.01 -5.75
CA ASP D 331 1.15 -6.88 -4.36
C ASP D 331 -0.02 -6.60 -3.42
N THR D 332 -0.82 -5.59 -3.73
CA THR D 332 -1.96 -5.25 -2.89
C THR D 332 -3.14 -6.21 -3.04
N ASP D 333 -3.98 -6.31 -2.01
CA ASP D 333 -5.13 -7.19 -2.10
C ASP D 333 -6.01 -6.71 -3.24
N GLU D 334 -6.04 -5.40 -3.44
CA GLU D 334 -6.84 -4.80 -4.50
C GLU D 334 -6.33 -5.30 -5.85
N GLN D 335 -5.01 -5.34 -6.01
CA GLN D 335 -4.42 -5.81 -7.25
C GLN D 335 -4.65 -7.32 -7.42
N ILE D 336 -4.53 -8.07 -6.33
CA ILE D 336 -4.75 -9.51 -6.39
C ILE D 336 -6.20 -9.81 -6.75
N ASP D 337 -7.12 -9.16 -6.04
CA ASP D 337 -8.55 -9.38 -6.29
C ASP D 337 -8.92 -9.01 -7.72
N ALA D 338 -8.29 -7.95 -8.24
CA ALA D 338 -8.56 -7.50 -9.60
C ALA D 338 -8.31 -8.63 -10.58
N PHE D 339 -7.10 -9.19 -10.55
CA PHE D 339 -6.73 -10.28 -11.44
C PHE D 339 -7.64 -11.48 -11.25
N ASP D 340 -7.84 -11.88 -9.99
CA ASP D 340 -8.70 -13.02 -9.67
C ASP D 340 -10.12 -12.85 -10.19
N ALA D 341 -10.69 -11.66 -10.01
CA ALA D 341 -12.04 -11.38 -10.47
C ALA D 341 -12.13 -11.49 -11.99
N GLU D 342 -11.10 -11.01 -12.66
CA GLU D 342 -11.07 -11.06 -14.11
C GLU D 342 -11.19 -12.49 -14.61
N HIS D 343 -10.56 -13.42 -13.89
CA HIS D 343 -10.59 -14.82 -14.27
C HIS D 343 -11.58 -15.66 -13.46
N GLY D 344 -12.38 -14.97 -12.66
CA GLY D 344 -13.40 -15.65 -11.86
C GLY D 344 -12.88 -16.67 -10.87
N ILE D 345 -11.78 -16.36 -10.21
CA ILE D 345 -11.20 -17.28 -9.24
C ILE D 345 -10.97 -16.72 -7.84
N ARG D 346 -11.81 -15.77 -7.42
CA ARG D 346 -11.72 -15.23 -6.07
C ARG D 346 -12.45 -16.27 -5.22
N THR D 347 -12.23 -16.29 -3.92
CA THR D 347 -12.92 -17.28 -3.09
C THR D 347 -14.43 -17.13 -3.22
N GLU D 348 -14.91 -15.90 -3.24
CA GLU D 348 -16.35 -15.68 -3.37
C GLU D 348 -16.86 -16.23 -4.70
N ASP D 349 -15.98 -16.29 -5.70
CA ASP D 349 -16.37 -16.85 -6.99
C ASP D 349 -16.42 -18.37 -6.81
N MET D 350 -15.50 -18.88 -6.00
CA MET D 350 -15.43 -20.31 -5.70
C MET D 350 -16.71 -20.72 -4.99
N ILE D 351 -17.15 -19.87 -4.07
CA ILE D 351 -18.36 -20.11 -3.29
C ILE D 351 -19.60 -20.05 -4.19
N LYS D 352 -19.55 -19.16 -5.18
CA LYS D 352 -20.65 -19.01 -6.11
C LYS D 352 -20.77 -20.23 -7.01
N ALA D 353 -19.64 -20.68 -7.54
CA ALA D 353 -19.62 -21.85 -8.42
C ALA D 353 -20.14 -23.10 -7.70
N ALA D 354 -19.76 -23.25 -6.44
CA ALA D 354 -20.17 -24.40 -5.67
C ALA D 354 -21.60 -24.32 -5.18
N GLY D 355 -22.13 -23.10 -5.06
CA GLY D 355 -23.48 -22.92 -4.57
C GLY D 355 -23.55 -23.41 -3.12
N ASP D 356 -22.52 -23.09 -2.36
CA ASP D 356 -22.41 -23.50 -0.96
C ASP D 356 -21.49 -22.50 -0.26
N ASP D 357 -21.98 -21.84 0.79
CA ASP D 357 -21.19 -20.86 1.52
C ASP D 357 -19.96 -21.49 2.16
N ARG D 358 -19.99 -22.81 2.33
CA ARG D 358 -18.90 -23.54 2.98
C ARG D 358 -17.71 -23.80 2.08
N ALA D 359 -17.86 -23.53 0.78
CA ALA D 359 -16.80 -23.75 -0.19
C ALA D 359 -15.65 -22.75 -0.02
N LEU D 360 -15.20 -22.56 1.22
CA LEU D 360 -14.13 -21.61 1.50
C LEU D 360 -12.75 -22.08 1.01
N LEU D 361 -12.58 -22.13 -0.30
CA LEU D 361 -11.33 -22.55 -0.93
C LEU D 361 -10.76 -21.41 -1.76
N TYR D 362 -9.48 -21.51 -2.11
CA TYR D 362 -8.84 -20.49 -2.92
C TYR D 362 -8.01 -21.11 -4.05
N SER D 363 -8.35 -20.74 -5.28
CA SER D 363 -7.63 -21.23 -6.45
C SER D 363 -7.00 -20.06 -7.22
N GLY D 364 -7.14 -18.86 -6.66
CA GLY D 364 -6.58 -17.67 -7.28
C GLY D 364 -5.07 -17.67 -7.46
N VAL D 365 -4.54 -16.57 -8.02
CA VAL D 365 -3.10 -16.45 -8.29
C VAL D 365 -2.23 -16.07 -7.10
N GLY D 366 -2.86 -15.56 -6.04
CA GLY D 366 -2.11 -15.17 -4.85
C GLY D 366 -1.35 -16.36 -4.29
N GLY D 367 -0.03 -16.31 -4.39
CA GLY D 367 0.79 -17.40 -3.89
C GLY D 367 1.24 -18.31 -5.03
N GLY D 368 0.76 -18.04 -6.25
CA GLY D 368 1.16 -18.84 -7.40
C GLY D 368 0.10 -19.75 -8.00
N ARG D 369 0.40 -20.32 -9.15
CA ARG D 369 -0.53 -21.21 -9.85
C ARG D 369 -0.75 -22.48 -9.04
N ARG D 370 -2.02 -22.78 -8.78
CA ARG D 370 -2.39 -23.97 -8.02
C ARG D 370 -2.89 -25.08 -8.94
N LYS D 371 -2.89 -26.29 -8.40
CA LYS D 371 -3.40 -27.47 -9.12
C LYS D 371 -4.48 -27.99 -8.19
N ILE D 372 -5.37 -28.84 -8.71
CA ILE D 372 -6.43 -29.40 -7.88
C ILE D 372 -5.94 -30.77 -7.39
N GLN D 373 -5.29 -31.50 -8.29
CA GLN D 373 -4.75 -32.80 -7.97
C GLN D 373 -3.32 -32.88 -8.48
N THR D 374 -2.44 -33.55 -7.74
CA THR D 374 -1.06 -33.69 -8.15
C THR D 374 -0.67 -35.16 -8.23
N ASP D 375 0.31 -35.46 -9.08
CA ASP D 375 0.77 -36.85 -9.21
C ASP D 375 2.03 -37.06 -8.37
N ALA D 376 2.34 -36.08 -7.54
CA ALA D 376 3.49 -36.14 -6.65
C ALA D 376 3.40 -34.98 -5.66
N ILE D 377 3.34 -35.32 -4.37
CA ILE D 377 3.26 -34.32 -3.33
C ILE D 377 4.58 -33.58 -3.23
N SER D 378 4.68 -32.44 -3.93
CA SER D 378 5.91 -31.67 -3.93
C SER D 378 5.85 -30.37 -3.13
N GLY D 379 4.70 -29.71 -3.10
CA GLY D 379 4.59 -28.46 -2.37
C GLY D 379 3.19 -27.98 -2.10
N PHE D 380 3.10 -26.89 -1.34
CA PHE D 380 1.84 -26.26 -0.95
C PHE D 380 0.86 -25.96 -2.09
N THR D 381 1.37 -25.56 -3.25
CA THR D 381 0.51 -25.21 -4.37
C THR D 381 -0.02 -26.41 -5.18
N ASP D 382 0.27 -27.63 -4.72
CA ASP D 382 -0.22 -28.83 -5.43
C ASP D 382 -1.69 -29.11 -5.18
N GLY D 383 -2.31 -28.24 -4.38
CA GLY D 383 -3.72 -28.38 -4.06
C GLY D 383 -4.27 -26.99 -3.80
N LEU D 384 -5.59 -26.86 -3.78
CA LEU D 384 -6.22 -25.59 -3.51
C LEU D 384 -6.01 -25.22 -2.05
N SER D 385 -5.97 -23.93 -1.76
CA SER D 385 -5.78 -23.45 -0.40
C SER D 385 -7.11 -23.45 0.33
N ILE D 386 -7.07 -23.67 1.64
CA ILE D 386 -8.28 -23.66 2.44
C ILE D 386 -8.28 -22.39 3.29
N VAL D 387 -9.27 -21.53 3.07
CA VAL D 387 -9.35 -20.28 3.82
C VAL D 387 -10.54 -20.25 4.77
N LYS D 388 -10.95 -21.42 5.24
CA LYS D 388 -12.07 -21.52 6.18
C LYS D 388 -11.79 -20.72 7.45
N TRP D 389 -10.61 -20.87 8.01
CA TRP D 389 -10.26 -20.15 9.23
C TRP D 389 -9.70 -18.79 8.86
N GLN D 390 -10.12 -17.75 9.58
CA GLN D 390 -9.62 -16.41 9.28
C GLN D 390 -9.33 -15.59 10.53
N ASN D 391 -8.39 -14.67 10.41
CA ASN D 391 -8.06 -13.78 11.51
C ASN D 391 -8.59 -12.39 11.17
N TYR D 392 -9.90 -12.33 10.94
CA TYR D 392 -10.59 -11.08 10.62
C TYR D 392 -11.89 -11.12 11.40
N ARG D 393 -12.30 -9.96 11.93
CA ARG D 393 -13.55 -9.87 12.69
C ARG D 393 -14.73 -9.67 11.74
N SER D 394 -15.87 -10.26 12.10
CA SER D 394 -17.06 -10.11 11.28
C SER D 394 -17.58 -8.68 11.35
N ASP D 395 -17.22 -7.95 12.40
CA ASP D 395 -17.67 -6.56 12.54
C ASP D 395 -16.68 -5.56 11.96
N GLY D 396 -15.59 -6.07 11.38
CA GLY D 396 -14.61 -5.19 10.79
C GLY D 396 -13.64 -4.47 11.72
N LYS D 397 -13.75 -4.70 13.03
CA LYS D 397 -12.83 -4.03 13.95
C LYS D 397 -11.48 -4.76 13.93
N PRO D 398 -10.41 -4.08 14.36
CA PRO D 398 -9.05 -4.64 14.39
C PRO D 398 -8.87 -5.85 15.32
N VAL D 399 -8.00 -6.78 14.92
CA VAL D 399 -7.68 -7.95 15.75
C VAL D 399 -6.51 -7.53 16.64
N SER D 400 -6.31 -8.22 17.75
CA SER D 400 -5.25 -7.85 18.69
C SER D 400 -3.79 -8.02 18.27
N HIS D 401 -3.52 -8.84 17.24
CA HIS D 401 -2.13 -9.04 16.84
C HIS D 401 -1.97 -9.20 15.34
N ALA D 402 -0.82 -8.83 14.82
CA ALA D 402 -0.58 -8.92 13.38
C ALA D 402 -0.16 -10.31 12.92
N THR D 403 0.20 -11.18 13.86
CA THR D 403 0.65 -12.52 13.49
C THR D 403 -0.19 -13.64 14.07
N TYR D 404 -0.44 -13.57 15.37
CA TYR D 404 -1.22 -14.60 16.04
C TYR D 404 -2.70 -14.24 15.98
N PRO D 405 -3.55 -15.20 15.57
CA PRO D 405 -4.99 -14.97 15.47
C PRO D 405 -5.77 -14.88 16.78
N ASP D 406 -6.92 -14.23 16.73
CA ASP D 406 -7.80 -14.09 17.90
C ASP D 406 -8.85 -15.19 17.87
N THR D 407 -9.12 -15.69 16.67
CA THR D 407 -10.11 -16.73 16.42
C THR D 407 -10.08 -17.90 17.39
N ASP D 408 -11.19 -18.14 18.08
CA ASP D 408 -11.27 -19.28 18.98
C ASP D 408 -11.60 -20.48 18.10
N ILE D 409 -11.32 -21.67 18.61
CA ILE D 409 -11.62 -22.91 17.89
C ILE D 409 -12.95 -23.43 18.47
N PRO D 410 -14.03 -23.41 17.67
CA PRO D 410 -15.34 -23.90 18.12
C PRO D 410 -15.36 -25.42 18.06
N LEU D 411 -14.71 -26.05 19.02
CA LEU D 411 -14.60 -27.51 19.08
C LEU D 411 -15.95 -28.20 19.00
N PHE D 412 -16.94 -27.67 19.71
CA PHE D 412 -18.30 -28.22 19.73
C PHE D 412 -19.27 -27.23 19.10
N ARG D 413 -19.92 -27.62 18.01
CA ARG D 413 -20.87 -26.75 17.34
C ARG D 413 -22.22 -27.44 17.26
N LEU D 414 -23.28 -26.65 17.33
CA LEU D 414 -24.62 -27.20 17.23
C LEU D 414 -24.82 -28.04 15.98
N ALA D 415 -24.06 -27.74 14.93
CA ALA D 415 -24.20 -28.48 13.67
C ALA D 415 -23.95 -29.98 13.79
N GLU D 416 -23.09 -30.37 14.72
CA GLU D 416 -22.80 -31.79 14.91
C GLU D 416 -24.08 -32.54 15.26
N ALA D 417 -24.94 -31.87 16.03
CA ALA D 417 -26.21 -32.45 16.45
C ALA D 417 -27.09 -32.81 15.25
N TYR D 418 -27.20 -31.88 14.30
CA TYR D 418 -28.02 -32.11 13.11
C TYR D 418 -27.51 -33.25 12.24
N LEU D 419 -26.19 -33.29 12.01
CA LEU D 419 -25.61 -34.35 11.19
C LEU D 419 -25.68 -35.69 11.93
N THR D 420 -25.54 -35.64 13.25
CA THR D 420 -25.62 -36.84 14.06
C THR D 420 -27.03 -37.40 14.02
N ARG D 421 -28.03 -36.52 14.20
CA ARG D 421 -29.40 -36.99 14.17
C ARG D 421 -29.78 -37.46 12.77
N ALA D 422 -29.28 -36.77 11.76
CA ALA D 422 -29.58 -37.14 10.38
C ALA D 422 -29.08 -38.56 10.09
N GLU D 423 -27.82 -38.81 10.42
CA GLU D 423 -27.24 -40.13 10.21
C GLU D 423 -27.95 -41.20 11.05
N ALA D 424 -28.28 -40.85 12.29
CA ALA D 424 -28.97 -41.79 13.18
C ALA D 424 -30.32 -42.16 12.57
N ILE D 425 -31.07 -41.15 12.15
CA ILE D 425 -32.36 -41.37 11.52
C ILE D 425 -32.19 -42.24 10.27
N PHE D 426 -31.20 -41.90 9.46
CA PHE D 426 -30.93 -42.65 8.24
C PHE D 426 -30.57 -44.10 8.52
N ARG D 427 -29.73 -44.31 9.51
CA ARG D 427 -29.28 -45.65 9.87
C ARG D 427 -30.45 -46.50 10.36
N GLN D 428 -31.47 -45.84 10.90
CA GLN D 428 -32.64 -46.56 11.41
C GLN D 428 -33.73 -46.73 10.37
N GLY D 429 -33.47 -46.25 9.16
CA GLY D 429 -34.45 -46.38 8.08
C GLY D 429 -35.46 -45.25 7.98
N GLY D 430 -35.20 -44.15 8.66
CA GLY D 430 -36.11 -43.02 8.60
C GLY D 430 -35.73 -42.06 7.48
N ASP D 431 -36.36 -40.88 7.48
CA ASP D 431 -36.09 -39.84 6.47
C ASP D 431 -35.25 -38.74 7.10
N ALA D 432 -33.99 -38.68 6.71
CA ALA D 432 -33.08 -37.69 7.27
C ALA D 432 -32.90 -36.45 6.40
N THR D 433 -33.71 -36.32 5.35
CA THR D 433 -33.61 -35.18 4.45
C THR D 433 -33.79 -33.85 5.18
N GLY D 434 -34.61 -33.87 6.22
CA GLY D 434 -34.86 -32.65 6.98
C GLY D 434 -33.66 -32.07 7.70
N ASP D 435 -32.97 -32.92 8.47
CA ASP D 435 -31.80 -32.47 9.22
C ASP D 435 -30.62 -32.08 8.33
N ILE D 436 -30.45 -32.80 7.23
CA ILE D 436 -29.36 -32.52 6.31
C ILE D 436 -29.61 -31.15 5.67
N ASN D 437 -30.79 -30.99 5.09
CA ASN D 437 -31.13 -29.73 4.44
C ASN D 437 -31.13 -28.54 5.39
N GLU D 438 -31.21 -28.82 6.68
CA GLU D 438 -31.17 -27.74 7.67
C GLU D 438 -29.80 -27.09 7.55
N LEU D 439 -28.77 -27.91 7.45
CA LEU D 439 -27.41 -27.42 7.34
C LEU D 439 -27.15 -26.81 5.96
N ARG D 440 -27.78 -27.37 4.93
CA ARG D 440 -27.59 -26.85 3.59
C ARG D 440 -28.33 -25.53 3.39
N LYS D 441 -29.40 -25.31 4.15
CA LYS D 441 -30.13 -24.05 4.04
C LYS D 441 -29.31 -22.97 4.75
N ARG D 442 -28.70 -23.33 5.88
CA ARG D 442 -27.89 -22.37 6.62
C ARG D 442 -26.74 -21.89 5.75
N ALA D 443 -26.23 -22.79 4.92
CA ALA D 443 -25.11 -22.49 4.02
C ALA D 443 -25.58 -21.91 2.68
N ASN D 444 -26.89 -21.69 2.57
CA ASN D 444 -27.47 -21.13 1.35
C ASN D 444 -27.14 -21.96 0.12
N CYS D 445 -27.29 -23.28 0.23
CA CYS D 445 -27.00 -24.17 -0.89
C CYS D 445 -28.06 -24.09 -1.96
N THR D 446 -27.61 -24.07 -3.21
CA THR D 446 -28.52 -24.02 -4.33
C THR D 446 -29.07 -25.43 -4.57
N ARG D 447 -28.35 -26.43 -4.05
CA ARG D 447 -28.78 -27.81 -4.19
C ARG D 447 -29.25 -28.40 -2.87
N LYS D 448 -30.49 -28.83 -2.83
CA LYS D 448 -31.03 -29.45 -1.64
C LYS D 448 -31.08 -30.97 -1.85
N VAL D 449 -30.97 -31.73 -0.77
CA VAL D 449 -30.99 -33.18 -0.85
C VAL D 449 -32.40 -33.74 -0.90
N GLN D 450 -32.68 -34.56 -1.91
CA GLN D 450 -34.00 -35.15 -2.08
C GLN D 450 -33.98 -36.55 -1.45
N THR D 451 -32.87 -37.25 -1.67
CA THR D 451 -32.67 -38.59 -1.14
C THR D 451 -31.38 -38.65 -0.34
N VAL D 452 -31.50 -39.03 0.92
CA VAL D 452 -30.32 -39.13 1.78
C VAL D 452 -29.76 -40.52 1.60
N THR D 453 -28.48 -40.60 1.28
CA THR D 453 -27.82 -41.90 1.11
C THR D 453 -26.57 -41.87 1.95
N GLU D 454 -25.89 -43.02 2.03
CA GLU D 454 -24.68 -43.11 2.82
C GLU D 454 -23.62 -42.14 2.30
N GLN D 455 -23.39 -42.17 1.00
CA GLN D 455 -22.39 -41.31 0.39
C GLN D 455 -22.66 -39.84 0.62
N GLU D 456 -23.94 -39.44 0.51
CA GLU D 456 -24.30 -38.05 0.72
C GLU D 456 -24.00 -37.66 2.16
N LEU D 457 -24.26 -38.59 3.09
CA LEU D 457 -24.02 -38.33 4.50
C LEU D 457 -22.55 -38.10 4.82
N ILE D 458 -21.67 -38.97 4.33
CA ILE D 458 -20.26 -38.79 4.62
C ILE D 458 -19.68 -37.56 3.90
N ASP D 459 -20.30 -37.19 2.79
CA ASP D 459 -19.86 -36.02 2.04
C ASP D 459 -20.30 -34.76 2.78
N GLU D 460 -21.44 -34.84 3.45
CA GLU D 460 -21.97 -33.71 4.20
C GLU D 460 -21.11 -33.48 5.44
N TRP D 461 -20.63 -34.56 6.05
CA TRP D 461 -19.77 -34.46 7.23
C TRP D 461 -18.51 -33.69 6.84
N ALA D 462 -18.04 -33.92 5.63
CA ALA D 462 -16.86 -33.26 5.10
C ALA D 462 -17.16 -31.79 4.87
N ARG D 463 -18.19 -31.51 4.07
CA ARG D 463 -18.55 -30.14 3.76
C ARG D 463 -18.76 -29.27 5.00
N GLU D 464 -19.44 -29.81 6.00
CA GLU D 464 -19.72 -29.05 7.22
C GLU D 464 -18.55 -28.91 8.17
N PHE D 465 -17.86 -30.03 8.44
CA PHE D 465 -16.75 -30.03 9.40
C PHE D 465 -15.31 -30.17 8.89
N TYR D 466 -15.07 -30.07 7.59
CA TYR D 466 -13.69 -30.24 7.11
C TYR D 466 -12.72 -29.31 7.82
N LEU D 467 -11.54 -29.85 8.14
CA LEU D 467 -10.50 -29.12 8.81
C LEU D 467 -10.92 -28.71 10.23
N GLU D 468 -11.61 -29.61 10.92
CA GLU D 468 -12.03 -29.34 12.30
C GLU D 468 -11.61 -30.45 13.26
N GLY D 469 -10.79 -31.38 12.76
CA GLY D 469 -10.26 -32.45 13.58
C GLY D 469 -11.05 -33.71 13.88
N ARG D 470 -12.07 -34.01 13.07
CA ARG D 470 -12.87 -35.20 13.32
C ARG D 470 -13.01 -36.15 12.12
N ARG D 471 -12.58 -35.71 10.94
CA ARG D 471 -12.73 -36.51 9.72
C ARG D 471 -12.49 -38.01 9.82
N ARG D 472 -11.31 -38.41 10.29
CA ARG D 472 -10.98 -39.82 10.41
C ARG D 472 -12.05 -40.64 11.13
N SER D 473 -12.51 -40.15 12.26
CA SER D 473 -13.51 -40.84 13.06
C SER D 473 -14.76 -41.18 12.24
N ASP D 474 -15.25 -40.20 11.48
CA ASP D 474 -16.43 -40.41 10.66
C ASP D 474 -16.16 -41.41 9.52
N LEU D 475 -14.94 -41.40 8.96
CA LEU D 475 -14.61 -42.31 7.88
C LEU D 475 -14.58 -43.75 8.41
N VAL D 476 -14.06 -43.91 9.62
CA VAL D 476 -13.99 -45.23 10.24
C VAL D 476 -15.42 -45.78 10.43
N ARG D 477 -16.28 -44.97 11.04
CA ARG D 477 -17.66 -45.37 11.29
C ARG D 477 -18.36 -45.81 10.00
N PHE D 478 -18.14 -45.08 8.92
CA PHE D 478 -18.73 -45.41 7.63
C PHE D 478 -17.93 -46.53 6.94
N GLY D 479 -16.96 -47.10 7.64
CA GLY D 479 -16.15 -48.18 7.08
C GLY D 479 -15.42 -47.79 5.81
N MET D 480 -15.00 -46.53 5.72
CA MET D 480 -14.29 -46.05 4.55
C MET D 480 -12.88 -45.53 4.81
N PHE D 481 -12.41 -45.62 6.05
CA PHE D 481 -11.07 -45.12 6.34
C PHE D 481 -9.93 -45.90 5.72
N THR D 482 -9.95 -47.23 5.84
CA THR D 482 -8.88 -48.07 5.29
C THR D 482 -9.29 -48.93 4.09
N THR D 483 -10.59 -49.22 3.99
CA THR D 483 -11.10 -50.07 2.92
C THR D 483 -11.02 -49.49 1.52
N ASN D 484 -11.43 -50.29 0.54
CA ASN D 484 -11.43 -49.86 -0.84
C ASN D 484 -12.84 -49.38 -1.16
N LYS D 485 -13.64 -49.23 -0.12
CA LYS D 485 -15.01 -48.77 -0.27
C LYS D 485 -15.01 -47.30 -0.70
N TYR D 486 -13.90 -46.63 -0.44
CA TYR D 486 -13.74 -45.20 -0.76
C TYR D 486 -12.25 -44.89 -0.89
N LEU D 487 -11.81 -44.58 -2.11
CA LEU D 487 -10.41 -44.27 -2.35
C LEU D 487 -10.26 -42.82 -2.77
N TRP D 488 -9.38 -42.11 -2.06
CA TRP D 488 -9.13 -40.70 -2.35
C TRP D 488 -7.67 -40.51 -2.73
N ASP D 489 -7.36 -39.39 -3.37
CA ASP D 489 -5.99 -39.13 -3.79
C ASP D 489 -4.99 -39.22 -2.65
N TRP D 490 -3.94 -39.99 -2.89
CA TRP D 490 -2.86 -40.22 -1.93
C TRP D 490 -3.20 -41.10 -0.74
N LYS D 491 -4.36 -41.74 -0.78
CA LYS D 491 -4.74 -42.65 0.30
C LYS D 491 -3.87 -43.90 0.17
N GLY D 492 -3.26 -44.33 1.26
CA GLY D 492 -2.42 -45.51 1.20
C GLY D 492 -1.13 -45.27 0.45
N GLY D 493 -0.88 -44.02 0.07
CA GLY D 493 0.33 -43.70 -0.65
C GLY D 493 0.20 -43.74 -2.16
N ALA D 494 -0.92 -44.25 -2.67
CA ALA D 494 -1.12 -44.31 -4.12
C ALA D 494 -1.71 -43.00 -4.61
N MET D 495 -1.17 -42.45 -5.69
CA MET D 495 -1.65 -41.19 -6.21
C MET D 495 -3.16 -41.13 -6.36
N ASN D 496 -3.77 -42.22 -6.83
CA ASN D 496 -5.22 -42.24 -7.00
C ASN D 496 -5.90 -43.00 -5.87
N GLY D 497 -5.13 -43.33 -4.84
CA GLY D 497 -5.68 -44.03 -3.70
C GLY D 497 -5.67 -45.54 -3.80
N THR D 498 -5.50 -46.17 -2.65
CA THR D 498 -5.49 -47.62 -2.55
C THR D 498 -5.84 -47.97 -1.11
N SER D 499 -6.19 -49.21 -0.85
CA SER D 499 -6.56 -49.63 0.50
C SER D 499 -5.36 -50.06 1.33
N VAL D 500 -5.54 -50.07 2.65
CA VAL D 500 -4.51 -50.50 3.57
C VAL D 500 -5.16 -51.49 4.51
N ALA D 501 -4.36 -52.15 5.36
CA ALA D 501 -4.89 -53.14 6.30
C ALA D 501 -5.98 -52.56 7.19
N SER D 502 -6.92 -53.43 7.57
CA SER D 502 -8.02 -53.01 8.42
C SER D 502 -7.59 -52.66 9.85
N TYR D 503 -6.44 -53.19 10.30
CA TYR D 503 -5.99 -52.89 11.65
C TYR D 503 -5.60 -51.42 11.82
N TYR D 504 -5.54 -50.70 10.70
CA TYR D 504 -5.20 -49.29 10.73
C TYR D 504 -6.35 -48.39 11.17
N ASN D 505 -7.51 -49.00 11.43
CA ASN D 505 -8.67 -48.25 11.89
C ASN D 505 -8.46 -47.78 13.32
N LYS D 506 -7.35 -48.21 13.90
CA LYS D 506 -6.95 -47.82 15.25
C LYS D 506 -5.46 -47.54 15.22
N TYR D 507 -5.02 -46.51 15.94
CA TYR D 507 -3.60 -46.19 16.00
C TYR D 507 -2.95 -47.17 16.94
N PRO D 508 -1.64 -47.40 16.80
CA PRO D 508 -1.00 -48.35 17.71
C PRO D 508 -0.74 -47.72 19.08
N ILE D 509 -0.54 -48.56 20.09
CA ILE D 509 -0.20 -48.06 21.41
C ILE D 509 1.27 -47.73 21.24
N PRO D 510 1.71 -46.53 21.65
CA PRO D 510 3.12 -46.19 21.49
C PRO D 510 4.01 -47.30 22.07
N VAL D 511 4.97 -47.75 21.29
CA VAL D 511 5.89 -48.80 21.74
C VAL D 511 6.54 -48.39 23.05
N SER D 512 6.68 -47.08 23.24
CA SER D 512 7.28 -46.54 24.45
C SER D 512 6.42 -46.84 25.68
N ASP D 513 5.10 -46.85 25.50
CA ASP D 513 4.22 -47.13 26.62
C ASP D 513 4.10 -48.64 26.77
N ILE D 514 4.16 -49.36 25.66
CA ILE D 514 4.11 -50.82 25.68
C ILE D 514 5.29 -51.31 26.49
N ASN D 515 6.41 -50.61 26.37
CA ASN D 515 7.62 -50.96 27.07
C ASN D 515 7.66 -50.46 28.51
N ASN D 516 6.90 -49.40 28.79
CA ASN D 516 6.87 -48.84 30.13
C ASN D 516 5.78 -49.47 30.99
N ASN D 517 4.54 -49.44 30.53
CA ASN D 517 3.41 -50.01 31.28
C ASN D 517 3.06 -51.42 30.82
N ARG D 518 3.44 -52.41 31.61
CA ARG D 518 3.17 -53.82 31.30
C ARG D 518 1.69 -54.16 31.29
N ASN D 519 0.83 -53.24 31.72
CA ASN D 519 -0.61 -53.49 31.75
C ASN D 519 -1.22 -53.15 30.39
N MET D 520 -0.44 -52.45 29.56
CA MET D 520 -0.91 -52.07 28.24
C MET D 520 -0.53 -53.09 27.18
N SER D 521 -1.49 -53.47 26.34
CA SER D 521 -1.23 -54.43 25.26
C SER D 521 -1.46 -53.77 23.91
N GLN D 522 -0.60 -54.09 22.95
CA GLN D 522 -0.69 -53.52 21.62
C GLN D 522 -2.01 -53.90 20.95
N ASN D 523 -2.47 -53.05 20.03
CA ASN D 523 -3.70 -53.35 19.31
C ASN D 523 -3.45 -54.39 18.23
N GLU D 524 -4.50 -55.05 17.79
CA GLU D 524 -4.39 -56.09 16.77
C GLU D 524 -3.83 -55.56 15.46
N GLY D 525 -3.04 -56.41 14.79
CA GLY D 525 -2.45 -56.04 13.51
C GLY D 525 -1.01 -55.57 13.59
N TYR D 526 -0.74 -54.61 14.45
CA TYR D 526 0.61 -54.09 14.60
C TYR D 526 1.53 -55.14 15.19
N LYS D 527 2.81 -55.07 14.82
CA LYS D 527 3.79 -56.03 15.30
C LYS D 527 4.71 -55.45 16.36
C1 GLC E . -9.28 21.64 -15.45
C2 GLC E . -10.35 22.06 -16.45
C3 GLC E . -11.71 22.05 -15.76
C4 GLC E . -12.03 20.72 -15.01
C5 GLC E . -10.79 20.09 -14.26
C6 GLC E . -10.92 18.59 -13.96
O2 GLC E . -10.04 23.39 -16.89
O3 GLC E . -12.70 22.32 -16.74
O4 GLC E . -13.01 21.16 -14.05
O5 GLC E . -9.56 20.29 -15.02
O6 GLC E . -9.77 18.16 -13.27
C1 GLC E . -13.81 20.16 -13.40
C2 GLC E . -15.16 20.79 -13.01
C3 GLC E . -14.95 21.92 -11.97
C4 GLC E . -14.15 21.40 -10.73
C5 GLC E . -12.87 20.67 -11.20
C6 GLC E . -12.11 19.99 -10.08
O2 GLC E . -15.80 21.29 -14.18
O3 GLC E . -16.23 22.38 -11.53
O4 GLC E . -13.86 22.52 -9.91
O5 GLC E . -13.16 19.68 -12.20
O6 GLC E . -10.75 19.97 -10.43
C1 GLC E . -14.55 22.58 -8.67
C2 GLC E . -14.88 24.02 -8.23
C3 GLC E . -13.60 24.79 -7.93
C4 GLC E . -12.84 24.08 -6.80
C5 GLC E . -12.55 22.58 -7.11
C6 GLC E . -12.03 21.83 -5.87
O2 GLC E . -15.63 24.65 -9.27
O3 GLC E . -13.91 26.14 -7.53
O4 GLC E . -11.56 24.73 -6.65
O5 GLC E . -13.76 21.93 -7.62
O6 GLC E . -11.78 20.49 -6.21
C1 GLC E . -11.19 25.14 -5.29
C2 GLC E . -10.92 26.65 -5.34
C3 GLC E . -9.87 26.88 -6.43
C4 GLC E . -8.59 26.13 -6.06
C5 GLC E . -8.94 24.59 -5.91
C6 GLC E . -7.71 23.78 -5.43
O2 GLC E . -12.12 27.33 -5.70
O3 GLC E . -9.55 28.28 -6.52
O4 GLC E . -7.70 26.43 -7.18
O5 GLC E . -9.95 24.44 -4.89
O6 GLC E . -8.03 22.40 -5.31
C1 GLC E . -6.35 26.00 -7.29
C2 GLC E . -5.67 26.87 -8.34
C3 GLC E . -6.27 26.64 -9.75
C4 GLC E . -6.23 25.14 -10.14
C5 GLC E . -6.84 24.27 -9.02
C6 GLC E . -6.63 22.77 -9.25
O2 GLC E . -5.80 28.23 -7.94
O3 GLC E . -5.50 27.40 -10.67
O4 GLC E . -6.95 24.87 -11.36
O5 GLC E . -6.27 24.60 -7.71
O6 GLC E . -7.24 22.05 -8.19
C1 GLC E . -6.08 24.54 -12.44
C2 GLC E . -6.49 25.20 -13.79
C3 GLC E . -7.77 24.56 -14.40
C4 GLC E . -7.96 23.05 -14.03
C5 GLC E . -7.27 22.52 -12.74
C6 GLC E . -7.21 20.98 -12.66
O2 GLC E . -6.69 26.59 -13.62
O3 GLC E . -7.74 24.70 -15.82
O4 GLC E . -9.24 22.50 -14.29
O5 GLC E . -5.94 23.12 -12.67
O6 GLC E . -6.04 20.50 -13.27
C1 GLC F . 10.32 -25.58 5.48
C2 GLC F . 11.53 -26.49 5.27
C3 GLC F . 12.77 -25.90 5.97
C4 GLC F . 13.02 -24.38 5.69
C5 GLC F . 11.67 -23.54 5.60
C6 GLC F . 11.80 -22.19 4.89
O2 GLC F . 11.21 -27.77 5.81
O3 GLC F . 13.91 -26.66 5.59
O4 GLC F . 13.78 -23.98 6.85
O5 GLC F . 10.63 -24.30 4.93
O6 GLC F . 10.55 -21.54 4.91
C1 GLC F . 14.52 -22.74 6.79
C2 GLC F . 15.72 -22.81 7.75
C3 GLC F . 15.23 -22.94 9.21
C4 GLC F . 14.25 -21.78 9.58
C5 GLC F . 13.13 -21.67 8.51
C6 GLC F . 12.26 -20.42 8.69
O2 GLC F . 16.54 -23.92 7.41
O3 GLC F . 16.36 -22.89 10.08
O4 GLC F . 13.70 -22.04 10.87
O5 GLC F . 13.68 -21.63 7.16
O6 GLC F . 10.97 -20.71 8.22
C1 GLC F . 14.13 -21.14 11.88
C2 GLC F . 14.35 -21.78 13.26
C3 GLC F . 13.03 -22.25 13.87
C4 GLC F . 12.05 -21.07 13.97
C5 GLC F . 11.87 -20.29 12.65
C6 GLC F . 11.15 -18.94 12.88
O2 GLC F . 15.26 -22.88 13.09
O3 GLC F . 13.25 -22.77 15.18
O4 GLC F . 10.76 -21.61 14.28
O5 GLC F . 13.16 -20.05 12.00
O6 GLC F . 11.00 -18.28 11.66
C1 GLC F . 10.12 -21.04 15.46
C2 GLC F . 9.77 -22.22 16.39
C3 GLC F . 8.91 -23.21 15.59
C4 GLC F . 7.63 -22.51 15.13
C5 GLC F . 8.05 -21.25 14.27
C6 GLC F . 6.84 -20.39 13.85
O2 GLC F . 10.98 -22.85 16.80
O3 GLC F . 8.57 -24.33 16.40
O4 GLC F . 6.90 -23.55 14.40
O5 GLC F . 8.89 -20.36 15.05
O6 GLC F . 7.29 -19.30 13.07
C1 GLC F . 5.65 -23.37 13.72
C2 GLC F . 5.07 -24.77 13.37
C3 GLC F . 5.97 -25.51 12.33
C4 GLC F . 6.15 -24.65 11.06
C5 GLC F . 6.65 -23.22 11.44
C6 GLC F . 6.69 -22.25 10.26
O2 GLC F . 4.96 -25.51 14.59
O3 GLC F . 5.33 -26.75 11.99
O4 GLC F . 7.09 -25.25 10.14
O5 GLC F . 5.82 -22.63 12.47
O6 GLC F . 7.15 -20.98 10.70
C1 GLC F . 6.44 -25.84 9.01
C2 GLC F . 7.03 -27.19 8.59
C3 GLC F . 8.42 -27.06 7.95
C4 GLC F . 8.65 -25.72 7.18
C5 GLC F . 7.79 -24.50 7.61
C6 GLC F . 7.82 -23.31 6.64
O2 GLC F . 7.12 -28.07 9.70
O3 GLC F . 8.64 -28.15 7.05
O4 GLC F . 10.00 -25.42 6.89
O5 GLC F . 6.41 -24.98 7.83
O6 GLC F . 6.82 -23.42 5.66
CA CA G . -20.32 2.60 -19.17
CA CA H . 7.65 26.08 6.23
CA CA I . 23.09 -13.64 -8.20
CA CA J . -10.62 -15.19 20.81
#